data_1X2I
# 
_entry.id   1X2I 
# 
_audit_conform.dict_name       mmcif_pdbx.dic 
_audit_conform.dict_version    5.388 
_audit_conform.dict_location   http://mmcif.pdb.org/dictionaries/ascii/mmcif_pdbx.dic 
# 
loop_
_database_2.database_id 
_database_2.database_code 
_database_2.pdbx_database_accession 
_database_2.pdbx_DOI 
PDB   1X2I         pdb_00001x2i 10.2210/pdb1x2i/pdb 
RCSB  RCSB024296   ?            ?                   
WWPDB D_1000024296 ?            ?                   
# 
loop_
_pdbx_audit_revision_history.ordinal 
_pdbx_audit_revision_history.data_content_type 
_pdbx_audit_revision_history.major_revision 
_pdbx_audit_revision_history.minor_revision 
_pdbx_audit_revision_history.revision_date 
1 'Structure model' 1 0 2005-09-13 
2 'Structure model' 1 1 2008-04-30 
3 'Structure model' 1 2 2011-07-13 
4 'Structure model' 1 3 2024-03-13 
# 
_pdbx_audit_revision_details.ordinal             1 
_pdbx_audit_revision_details.revision_ordinal    1 
_pdbx_audit_revision_details.data_content_type   'Structure model' 
_pdbx_audit_revision_details.provider            repository 
_pdbx_audit_revision_details.type                'Initial release' 
_pdbx_audit_revision_details.description         ? 
_pdbx_audit_revision_details.details             ? 
# 
loop_
_pdbx_audit_revision_group.ordinal 
_pdbx_audit_revision_group.revision_ordinal 
_pdbx_audit_revision_group.data_content_type 
_pdbx_audit_revision_group.group 
1 2 'Structure model' 'Version format compliance' 
2 3 'Structure model' 'Version format compliance' 
3 4 'Structure model' 'Data collection'           
4 4 'Structure model' 'Database references'       
# 
loop_
_pdbx_audit_revision_category.ordinal 
_pdbx_audit_revision_category.revision_ordinal 
_pdbx_audit_revision_category.data_content_type 
_pdbx_audit_revision_category.category 
1 4 'Structure model' chem_comp_atom     
2 4 'Structure model' chem_comp_bond     
3 4 'Structure model' database_2         
4 4 'Structure model' struct_ref_seq_dif 
# 
loop_
_pdbx_audit_revision_item.ordinal 
_pdbx_audit_revision_item.revision_ordinal 
_pdbx_audit_revision_item.data_content_type 
_pdbx_audit_revision_item.item 
1 4 'Structure model' '_database_2.pdbx_DOI'                
2 4 'Structure model' '_database_2.pdbx_database_accession' 
3 4 'Structure model' '_struct_ref_seq_dif.details'         
# 
_pdbx_database_status.status_code                     REL 
_pdbx_database_status.entry_id                        1X2I 
_pdbx_database_status.recvd_initial_deposition_date   2005-04-24 
_pdbx_database_status.deposit_site                    PDBJ 
_pdbx_database_status.process_site                    PDBJ 
_pdbx_database_status.status_code_sf                  REL 
_pdbx_database_status.status_code_mr                  ? 
_pdbx_database_status.SG_entry                        ? 
_pdbx_database_status.pdb_format_compatible           Y 
_pdbx_database_status.status_code_cs                  ? 
_pdbx_database_status.status_code_nmr_data            ? 
_pdbx_database_status.methods_development_category    ? 
# 
loop_
_pdbx_database_related.db_name 
_pdbx_database_related.db_id 
_pdbx_database_related.details 
_pdbx_database_related.content_type 
PDB 1J22 'Nuclease domain of the same protein' unspecified 
PDB 1J23 'Nuclease domain of the same protein' unspecified 
PDB 1J24 'Nuclease domain of the same protein' unspecified 
PDB 1J25 'Nuclease domain of the same protein' unspecified 
PDB 1WP9 'Helicase domain of the same protein' unspecified 
# 
loop_
_audit_author.name 
_audit_author.pdbx_ordinal 
'Nishino, T.'  1 
'Komori, K.'   2 
'Ishino, Y.'   3 
'Morikawa, K.' 4 
# 
_citation.id                        primary 
_citation.title                     
'Structural and Functional Analyses of an Archaeal XPF/Rad1/Mus81 Nuclease: Asymmetric DNA Binding and Cleavage Mechanisms' 
_citation.journal_abbrev            STRUCTURE 
_citation.journal_volume            13 
_citation.page_first                1183 
_citation.page_last                 1192 
_citation.year                      2005 
_citation.journal_id_ASTM           STRUE6 
_citation.country                   UK 
_citation.journal_id_ISSN           0969-2126 
_citation.journal_id_CSD            2005 
_citation.book_publisher            ? 
_citation.pdbx_database_id_PubMed   16084390 
_citation.pdbx_database_id_DOI      10.1016/j.str.2005.04.024 
# 
loop_
_citation_author.citation_id 
_citation_author.name 
_citation_author.ordinal 
_citation_author.identifier_ORCID 
primary 'Nishino, T.'  1 ? 
primary 'Komori, K.'   2 ? 
primary 'Ishino, Y.'   3 ? 
primary 'Morikawa, K.' 4 ? 
# 
loop_
_entity.id 
_entity.type 
_entity.src_method 
_entity.pdbx_description 
_entity.formula_weight 
_entity.pdbx_number_of_molecules 
_entity.pdbx_ec 
_entity.pdbx_mutation 
_entity.pdbx_fragment 
_entity.details 
1 polymer man 'Hef helicase/nuclease' 8487.955 2   ? ? 'Helix-hairpin-helix DNA binding domain' ? 
2 water   nat water                   18.015   125 ? ? ?                                        ? 
# 
_entity_name_com.entity_id   1 
_entity_name_com.name        'ATP-dependent RNA helicase' 
# 
_entity_poly.entity_id                      1 
_entity_poly.type                           'polypeptide(L)' 
_entity_poly.nstd_linkage                   no 
_entity_poly.nstd_monomer                   no 
_entity_poly.pdbx_seq_one_letter_code       MEKKALTLAERQRLIVEGLPHVSATLARRLLKHFGSVERVFTASVAELMKVEGIGEKIAKEIRRVITAPYIEDEE 
_entity_poly.pdbx_seq_one_letter_code_can   MEKKALTLAERQRLIVEGLPHVSATLARRLLKHFGSVERVFTASVAELMKVEGIGEKIAKEIRRVITAPYIEDEE 
_entity_poly.pdbx_strand_id                 A,B 
_entity_poly.pdbx_target_identifier         ? 
# 
_pdbx_entity_nonpoly.entity_id   2 
_pdbx_entity_nonpoly.name        water 
_pdbx_entity_nonpoly.comp_id     HOH 
# 
loop_
_entity_poly_seq.entity_id 
_entity_poly_seq.num 
_entity_poly_seq.mon_id 
_entity_poly_seq.hetero 
1 1  MET n 
1 2  GLU n 
1 3  LYS n 
1 4  LYS n 
1 5  ALA n 
1 6  LEU n 
1 7  THR n 
1 8  LEU n 
1 9  ALA n 
1 10 GLU n 
1 11 ARG n 
1 12 GLN n 
1 13 ARG n 
1 14 LEU n 
1 15 ILE n 
1 16 VAL n 
1 17 GLU n 
1 18 GLY n 
1 19 LEU n 
1 20 PRO n 
1 21 HIS n 
1 22 VAL n 
1 23 SER n 
1 24 ALA n 
1 25 THR n 
1 26 LEU n 
1 27 ALA n 
1 28 ARG n 
1 29 ARG n 
1 30 LEU n 
1 31 LEU n 
1 32 LYS n 
1 33 HIS n 
1 34 PHE n 
1 35 GLY n 
1 36 SER n 
1 37 VAL n 
1 38 GLU n 
1 39 ARG n 
1 40 VAL n 
1 41 PHE n 
1 42 THR n 
1 43 ALA n 
1 44 SER n 
1 45 VAL n 
1 46 ALA n 
1 47 GLU n 
1 48 LEU n 
1 49 MET n 
1 50 LYS n 
1 51 VAL n 
1 52 GLU n 
1 53 GLY n 
1 54 ILE n 
1 55 GLY n 
1 56 GLU n 
1 57 LYS n 
1 58 ILE n 
1 59 ALA n 
1 60 LYS n 
1 61 GLU n 
1 62 ILE n 
1 63 ARG n 
1 64 ARG n 
1 65 VAL n 
1 66 ILE n 
1 67 THR n 
1 68 ALA n 
1 69 PRO n 
1 70 TYR n 
1 71 ILE n 
1 72 GLU n 
1 73 ASP n 
1 74 GLU n 
1 75 GLU n 
# 
_entity_src_gen.entity_id                          1 
_entity_src_gen.pdbx_src_id                        1 
_entity_src_gen.pdbx_alt_source_flag               sample 
_entity_src_gen.pdbx_seq_type                      ? 
_entity_src_gen.pdbx_beg_seq_num                   ? 
_entity_src_gen.pdbx_end_seq_num                   ? 
_entity_src_gen.gene_src_common_name               ? 
_entity_src_gen.gene_src_genus                     Pyrococcus 
_entity_src_gen.pdbx_gene_src_gene                 PF2015 
_entity_src_gen.gene_src_species                   ? 
_entity_src_gen.gene_src_strain                    ? 
_entity_src_gen.gene_src_tissue                    ? 
_entity_src_gen.gene_src_tissue_fraction           ? 
_entity_src_gen.gene_src_details                   ? 
_entity_src_gen.pdbx_gene_src_fragment             ? 
_entity_src_gen.pdbx_gene_src_scientific_name      'Pyrococcus furiosus' 
_entity_src_gen.pdbx_gene_src_ncbi_taxonomy_id     2261 
_entity_src_gen.pdbx_gene_src_variant              ? 
_entity_src_gen.pdbx_gene_src_cell_line            ? 
_entity_src_gen.pdbx_gene_src_atcc                 ? 
_entity_src_gen.pdbx_gene_src_organ                ? 
_entity_src_gen.pdbx_gene_src_organelle            ? 
_entity_src_gen.pdbx_gene_src_cell                 ? 
_entity_src_gen.pdbx_gene_src_cellular_location    ? 
_entity_src_gen.host_org_common_name               ? 
_entity_src_gen.pdbx_host_org_scientific_name      'Escherichia coli' 
_entity_src_gen.pdbx_host_org_ncbi_taxonomy_id     562 
_entity_src_gen.host_org_genus                     Escherichia 
_entity_src_gen.pdbx_host_org_gene                 ? 
_entity_src_gen.pdbx_host_org_organ                ? 
_entity_src_gen.host_org_species                   ? 
_entity_src_gen.pdbx_host_org_tissue               ? 
_entity_src_gen.pdbx_host_org_tissue_fraction      ? 
_entity_src_gen.pdbx_host_org_strain               'BL21(DE3)RIL' 
_entity_src_gen.pdbx_host_org_variant              ? 
_entity_src_gen.pdbx_host_org_cell_line            ? 
_entity_src_gen.pdbx_host_org_atcc                 ? 
_entity_src_gen.pdbx_host_org_culture_collection   ? 
_entity_src_gen.pdbx_host_org_cell                 ? 
_entity_src_gen.pdbx_host_org_organelle            ? 
_entity_src_gen.pdbx_host_org_cellular_location    ? 
_entity_src_gen.pdbx_host_org_vector_type          plasmid 
_entity_src_gen.pdbx_host_org_vector               ? 
_entity_src_gen.host_org_details                   ? 
_entity_src_gen.expression_system_id               ? 
_entity_src_gen.plasmid_name                       pET21a 
_entity_src_gen.plasmid_details                    ? 
_entity_src_gen.pdbx_description                   ? 
# 
loop_
_chem_comp.id 
_chem_comp.type 
_chem_comp.mon_nstd_flag 
_chem_comp.name 
_chem_comp.pdbx_synonyms 
_chem_comp.formula 
_chem_comp.formula_weight 
ALA 'L-peptide linking' y ALANINE         ? 'C3 H7 N O2'     89.093  
ARG 'L-peptide linking' y ARGININE        ? 'C6 H15 N4 O2 1' 175.209 
ASP 'L-peptide linking' y 'ASPARTIC ACID' ? 'C4 H7 N O4'     133.103 
GLN 'L-peptide linking' y GLUTAMINE       ? 'C5 H10 N2 O3'   146.144 
GLU 'L-peptide linking' y 'GLUTAMIC ACID' ? 'C5 H9 N O4'     147.129 
GLY 'peptide linking'   y GLYCINE         ? 'C2 H5 N O2'     75.067  
HIS 'L-peptide linking' y HISTIDINE       ? 'C6 H10 N3 O2 1' 156.162 
HOH non-polymer         . WATER           ? 'H2 O'           18.015  
ILE 'L-peptide linking' y ISOLEUCINE      ? 'C6 H13 N O2'    131.173 
LEU 'L-peptide linking' y LEUCINE         ? 'C6 H13 N O2'    131.173 
LYS 'L-peptide linking' y LYSINE          ? 'C6 H15 N2 O2 1' 147.195 
MET 'L-peptide linking' y METHIONINE      ? 'C5 H11 N O2 S'  149.211 
PHE 'L-peptide linking' y PHENYLALANINE   ? 'C9 H11 N O2'    165.189 
PRO 'L-peptide linking' y PROLINE         ? 'C5 H9 N O2'     115.130 
SER 'L-peptide linking' y SERINE          ? 'C3 H7 N O3'     105.093 
THR 'L-peptide linking' y THREONINE       ? 'C4 H9 N O3'     119.119 
TYR 'L-peptide linking' y TYROSINE        ? 'C9 H11 N O3'    181.189 
VAL 'L-peptide linking' y VALINE          ? 'C5 H11 N O2'    117.146 
# 
loop_
_pdbx_poly_seq_scheme.asym_id 
_pdbx_poly_seq_scheme.entity_id 
_pdbx_poly_seq_scheme.seq_id 
_pdbx_poly_seq_scheme.mon_id 
_pdbx_poly_seq_scheme.ndb_seq_num 
_pdbx_poly_seq_scheme.pdb_seq_num 
_pdbx_poly_seq_scheme.auth_seq_num 
_pdbx_poly_seq_scheme.pdb_mon_id 
_pdbx_poly_seq_scheme.auth_mon_id 
_pdbx_poly_seq_scheme.pdb_strand_id 
_pdbx_poly_seq_scheme.pdb_ins_code 
_pdbx_poly_seq_scheme.hetero 
A 1 1  MET 1  -2 ?  ?   ?   A . n 
A 1 2  GLU 2  -1 ?  ?   ?   A . n 
A 1 3  LYS 3  0  ?  ?   ?   A . n 
A 1 4  LYS 4  1  ?  ?   ?   A . n 
A 1 5  ALA 5  2  2  ALA ALA A . n 
A 1 6  LEU 6  3  3  LEU LEU A . n 
A 1 7  THR 7  4  4  THR THR A . n 
A 1 8  LEU 8  5  5  LEU LEU A . n 
A 1 9  ALA 9  6  6  ALA ALA A . n 
A 1 10 GLU 10 7  7  GLU GLU A . n 
A 1 11 ARG 11 8  8  ARG ARG A . n 
A 1 12 GLN 12 9  9  GLN GLN A . n 
A 1 13 ARG 13 10 10 ARG ARG A . n 
A 1 14 LEU 14 11 11 LEU LEU A . n 
A 1 15 ILE 15 12 12 ILE ILE A . n 
A 1 16 VAL 16 13 13 VAL VAL A . n 
A 1 17 GLU 17 14 14 GLU GLU A . n 
A 1 18 GLY 18 15 15 GLY GLY A . n 
A 1 19 LEU 19 16 16 LEU LEU A . n 
A 1 20 PRO 20 17 17 PRO PRO A . n 
A 1 21 HIS 21 18 18 HIS HIS A . n 
A 1 22 VAL 22 19 19 VAL VAL A . n 
A 1 23 SER 23 20 20 SER SER A . n 
A 1 24 ALA 24 21 21 ALA ALA A . n 
A 1 25 THR 25 22 22 THR THR A . n 
A 1 26 LEU 26 23 23 LEU LEU A . n 
A 1 27 ALA 27 24 24 ALA ALA A . n 
A 1 28 ARG 28 25 25 ARG ARG A . n 
A 1 29 ARG 29 26 26 ARG ARG A . n 
A 1 30 LEU 30 27 27 LEU LEU A . n 
A 1 31 LEU 31 28 28 LEU LEU A . n 
A 1 32 LYS 32 29 29 LYS LYS A . n 
A 1 33 HIS 33 30 30 HIS HIS A . n 
A 1 34 PHE 34 31 31 PHE PHE A . n 
A 1 35 GLY 35 32 32 GLY GLY A . n 
A 1 36 SER 36 33 33 SER SER A . n 
A 1 37 VAL 37 34 34 VAL VAL A . n 
A 1 38 GLU 38 35 35 GLU GLU A . n 
A 1 39 ARG 39 36 36 ARG ARG A . n 
A 1 40 VAL 40 37 37 VAL VAL A . n 
A 1 41 PHE 41 38 38 PHE PHE A . n 
A 1 42 THR 42 39 39 THR THR A . n 
A 1 43 ALA 43 40 40 ALA ALA A . n 
A 1 44 SER 44 41 41 SER SER A . n 
A 1 45 VAL 45 42 42 VAL VAL A . n 
A 1 46 ALA 46 43 43 ALA ALA A . n 
A 1 47 GLU 47 44 44 GLU GLU A . n 
A 1 48 LEU 48 45 45 LEU LEU A . n 
A 1 49 MET 49 46 46 MET MET A . n 
A 1 50 LYS 50 47 47 LYS LYS A . n 
A 1 51 VAL 51 48 48 VAL VAL A . n 
A 1 52 GLU 52 49 49 GLU GLU A . n 
A 1 53 GLY 53 50 50 GLY GLY A . n 
A 1 54 ILE 54 51 51 ILE ILE A . n 
A 1 55 GLY 55 52 52 GLY GLY A . n 
A 1 56 GLU 56 53 53 GLU GLU A . n 
A 1 57 LYS 57 54 54 LYS LYS A . n 
A 1 58 ILE 58 55 55 ILE ILE A . n 
A 1 59 ALA 59 56 56 ALA ALA A . n 
A 1 60 LYS 60 57 57 LYS LYS A . n 
A 1 61 GLU 61 58 58 GLU GLU A . n 
A 1 62 ILE 62 59 59 ILE ILE A . n 
A 1 63 ARG 63 60 60 ARG ARG A . n 
A 1 64 ARG 64 61 61 ARG ARG A . n 
A 1 65 VAL 65 62 62 VAL VAL A . n 
A 1 66 ILE 66 63 63 ILE ILE A . n 
A 1 67 THR 67 64 64 THR THR A . n 
A 1 68 ALA 68 65 65 ALA ALA A . n 
A 1 69 PRO 69 66 66 PRO PRO A . n 
A 1 70 TYR 70 67 67 TYR TYR A . n 
A 1 71 ILE 71 68 68 ILE ILE A . n 
A 1 72 GLU 72 69 69 GLU GLU A . n 
A 1 73 ASP 73 70 ?  ?   ?   A . n 
A 1 74 GLU 74 71 ?  ?   ?   A . n 
A 1 75 GLU 75 72 ?  ?   ?   A . n 
B 1 1  MET 1  -2 ?  ?   ?   B . n 
B 1 2  GLU 2  -1 ?  ?   ?   B . n 
B 1 3  LYS 3  0  ?  ?   ?   B . n 
B 1 4  LYS 4  1  ?  ?   ?   B . n 
B 1 5  ALA 5  2  2  ALA ALA B . n 
B 1 6  LEU 6  3  3  LEU LEU B . n 
B 1 7  THR 7  4  4  THR THR B . n 
B 1 8  LEU 8  5  5  LEU LEU B . n 
B 1 9  ALA 9  6  6  ALA ALA B . n 
B 1 10 GLU 10 7  7  GLU GLU B . n 
B 1 11 ARG 11 8  8  ARG ARG B . n 
B 1 12 GLN 12 9  9  GLN GLN B . n 
B 1 13 ARG 13 10 10 ARG ARG B . n 
B 1 14 LEU 14 11 11 LEU LEU B . n 
B 1 15 ILE 15 12 12 ILE ILE B . n 
B 1 16 VAL 16 13 13 VAL VAL B . n 
B 1 17 GLU 17 14 14 GLU GLU B . n 
B 1 18 GLY 18 15 15 GLY GLY B . n 
B 1 19 LEU 19 16 16 LEU LEU B . n 
B 1 20 PRO 20 17 17 PRO PRO B . n 
B 1 21 HIS 21 18 18 HIS HIS B . n 
B 1 22 VAL 22 19 19 VAL VAL B . n 
B 1 23 SER 23 20 20 SER SER B . n 
B 1 24 ALA 24 21 21 ALA ALA B . n 
B 1 25 THR 25 22 22 THR THR B . n 
B 1 26 LEU 26 23 23 LEU LEU B . n 
B 1 27 ALA 27 24 24 ALA ALA B . n 
B 1 28 ARG 28 25 25 ARG ARG B . n 
B 1 29 ARG 29 26 26 ARG ARG B . n 
B 1 30 LEU 30 27 27 LEU LEU B . n 
B 1 31 LEU 31 28 28 LEU LEU B . n 
B 1 32 LYS 32 29 29 LYS LYS B . n 
B 1 33 HIS 33 30 30 HIS HIS B . n 
B 1 34 PHE 34 31 31 PHE PHE B . n 
B 1 35 GLY 35 32 32 GLY GLY B . n 
B 1 36 SER 36 33 33 SER SER B . n 
B 1 37 VAL 37 34 34 VAL VAL B . n 
B 1 38 GLU 38 35 35 GLU GLU B . n 
B 1 39 ARG 39 36 36 ARG ARG B . n 
B 1 40 VAL 40 37 37 VAL VAL B . n 
B 1 41 PHE 41 38 38 PHE PHE B . n 
B 1 42 THR 42 39 39 THR THR B . n 
B 1 43 ALA 43 40 40 ALA ALA B . n 
B 1 44 SER 44 41 41 SER SER B . n 
B 1 45 VAL 45 42 42 VAL VAL B . n 
B 1 46 ALA 46 43 43 ALA ALA B . n 
B 1 47 GLU 47 44 44 GLU GLU B . n 
B 1 48 LEU 48 45 45 LEU LEU B . n 
B 1 49 MET 49 46 46 MET MET B . n 
B 1 50 LYS 50 47 47 LYS LYS B . n 
B 1 51 VAL 51 48 48 VAL VAL B . n 
B 1 52 GLU 52 49 49 GLU GLU B . n 
B 1 53 GLY 53 50 50 GLY GLY B . n 
B 1 54 ILE 54 51 51 ILE ILE B . n 
B 1 55 GLY 55 52 52 GLY GLY B . n 
B 1 56 GLU 56 53 53 GLU GLU B . n 
B 1 57 LYS 57 54 54 LYS LYS B . n 
B 1 58 ILE 58 55 55 ILE ILE B . n 
B 1 59 ALA 59 56 56 ALA ALA B . n 
B 1 60 LYS 60 57 57 LYS LYS B . n 
B 1 61 GLU 61 58 58 GLU GLU B . n 
B 1 62 ILE 62 59 59 ILE ILE B . n 
B 1 63 ARG 63 60 60 ARG ARG B . n 
B 1 64 ARG 64 61 61 ARG ARG B . n 
B 1 65 VAL 65 62 62 VAL VAL B . n 
B 1 66 ILE 66 63 63 ILE ILE B . n 
B 1 67 THR 67 64 64 THR THR B . n 
B 1 68 ALA 68 65 65 ALA ALA B . n 
B 1 69 PRO 69 66 66 PRO PRO B . n 
B 1 70 TYR 70 67 67 TYR TYR B . n 
B 1 71 ILE 71 68 68 ILE ILE B . n 
B 1 72 GLU 72 69 69 GLU GLU B . n 
B 1 73 ASP 73 70 ?  ?   ?   B . n 
B 1 74 GLU 74 71 ?  ?   ?   B . n 
B 1 75 GLU 75 72 ?  ?   ?   B . n 
# 
loop_
_pdbx_nonpoly_scheme.asym_id 
_pdbx_nonpoly_scheme.entity_id 
_pdbx_nonpoly_scheme.mon_id 
_pdbx_nonpoly_scheme.ndb_seq_num 
_pdbx_nonpoly_scheme.pdb_seq_num 
_pdbx_nonpoly_scheme.auth_seq_num 
_pdbx_nonpoly_scheme.pdb_mon_id 
_pdbx_nonpoly_scheme.auth_mon_id 
_pdbx_nonpoly_scheme.pdb_strand_id 
_pdbx_nonpoly_scheme.pdb_ins_code 
C 2 HOH 1  73  1   HOH WAT A . 
C 2 HOH 2  74  4   HOH WAT A . 
C 2 HOH 3  75  6   HOH WAT A . 
C 2 HOH 4  76  8   HOH WAT A . 
C 2 HOH 5  77  9   HOH WAT A . 
C 2 HOH 6  78  10  HOH WAT A . 
C 2 HOH 7  79  14  HOH WAT A . 
C 2 HOH 8  80  15  HOH WAT A . 
C 2 HOH 9  81  16  HOH WAT A . 
C 2 HOH 10 82  17  HOH WAT A . 
C 2 HOH 11 83  20  HOH WAT A . 
C 2 HOH 12 84  21  HOH WAT A . 
C 2 HOH 13 85  26  HOH WAT A . 
C 2 HOH 14 86  27  HOH WAT A . 
C 2 HOH 15 87  28  HOH WAT A . 
C 2 HOH 16 88  29  HOH WAT A . 
C 2 HOH 17 89  30  HOH WAT A . 
C 2 HOH 18 90  31  HOH WAT A . 
C 2 HOH 19 91  33  HOH WAT A . 
C 2 HOH 20 92  36  HOH WAT A . 
C 2 HOH 21 93  37  HOH WAT A . 
C 2 HOH 22 94  38  HOH WAT A . 
C 2 HOH 23 95  40  HOH WAT A . 
C 2 HOH 24 96  41  HOH WAT A . 
C 2 HOH 25 97  42  HOH WAT A . 
C 2 HOH 26 98  43  HOH WAT A . 
C 2 HOH 27 99  44  HOH WAT A . 
C 2 HOH 28 100 46  HOH WAT A . 
C 2 HOH 29 101 47  HOH WAT A . 
C 2 HOH 30 102 48  HOH WAT A . 
C 2 HOH 31 103 52  HOH WAT A . 
C 2 HOH 32 104 56  HOH WAT A . 
C 2 HOH 33 105 58  HOH WAT A . 
C 2 HOH 34 106 60  HOH WAT A . 
C 2 HOH 35 107 68  HOH WAT A . 
C 2 HOH 36 108 72  HOH WAT A . 
C 2 HOH 37 109 76  HOH WAT A . 
C 2 HOH 38 110 77  HOH WAT A . 
C 2 HOH 39 111 78  HOH WAT A . 
C 2 HOH 40 112 80  HOH WAT A . 
C 2 HOH 41 113 82  HOH WAT A . 
C 2 HOH 42 114 83  HOH WAT A . 
C 2 HOH 43 115 84  HOH WAT A . 
C 2 HOH 44 116 90  HOH WAT A . 
C 2 HOH 45 117 92  HOH WAT A . 
C 2 HOH 46 118 99  HOH WAT A . 
C 2 HOH 47 119 102 HOH WAT A . 
C 2 HOH 48 120 103 HOH WAT A . 
C 2 HOH 49 121 105 HOH WAT A . 
C 2 HOH 50 122 106 HOH WAT A . 
C 2 HOH 51 123 110 HOH WAT A . 
C 2 HOH 52 124 117 HOH WAT A . 
C 2 HOH 53 125 118 HOH WAT A . 
C 2 HOH 54 126 122 HOH WAT A . 
C 2 HOH 55 127 125 HOH WAT A . 
D 2 HOH 1  73  2   HOH WAT B . 
D 2 HOH 2  74  3   HOH WAT B . 
D 2 HOH 3  75  5   HOH WAT B . 
D 2 HOH 4  76  7   HOH WAT B . 
D 2 HOH 5  77  11  HOH WAT B . 
D 2 HOH 6  78  12  HOH WAT B . 
D 2 HOH 7  79  13  HOH WAT B . 
D 2 HOH 8  80  18  HOH WAT B . 
D 2 HOH 9  81  19  HOH WAT B . 
D 2 HOH 10 82  22  HOH WAT B . 
D 2 HOH 11 83  23  HOH WAT B . 
D 2 HOH 12 84  24  HOH WAT B . 
D 2 HOH 13 85  25  HOH WAT B . 
D 2 HOH 14 86  32  HOH WAT B . 
D 2 HOH 15 87  34  HOH WAT B . 
D 2 HOH 16 88  35  HOH WAT B . 
D 2 HOH 17 89  39  HOH WAT B . 
D 2 HOH 18 90  45  HOH WAT B . 
D 2 HOH 19 91  49  HOH WAT B . 
D 2 HOH 20 92  50  HOH WAT B . 
D 2 HOH 21 93  51  HOH WAT B . 
D 2 HOH 22 94  53  HOH WAT B . 
D 2 HOH 23 95  54  HOH WAT B . 
D 2 HOH 24 96  55  HOH WAT B . 
D 2 HOH 25 97  57  HOH WAT B . 
D 2 HOH 26 98  59  HOH WAT B . 
D 2 HOH 27 99  61  HOH WAT B . 
D 2 HOH 28 100 62  HOH WAT B . 
D 2 HOH 29 101 63  HOH WAT B . 
D 2 HOH 30 102 64  HOH WAT B . 
D 2 HOH 31 103 65  HOH WAT B . 
D 2 HOH 32 104 66  HOH WAT B . 
D 2 HOH 33 105 67  HOH WAT B . 
D 2 HOH 34 106 69  HOH WAT B . 
D 2 HOH 35 107 70  HOH WAT B . 
D 2 HOH 36 108 71  HOH WAT B . 
D 2 HOH 37 109 73  HOH WAT B . 
D 2 HOH 38 110 74  HOH WAT B . 
D 2 HOH 39 111 75  HOH WAT B . 
D 2 HOH 40 112 79  HOH WAT B . 
D 2 HOH 41 113 81  HOH WAT B . 
D 2 HOH 42 114 85  HOH WAT B . 
D 2 HOH 43 115 86  HOH WAT B . 
D 2 HOH 44 116 87  HOH WAT B . 
D 2 HOH 45 117 88  HOH WAT B . 
D 2 HOH 46 118 89  HOH WAT B . 
D 2 HOH 47 119 91  HOH WAT B . 
D 2 HOH 48 120 93  HOH WAT B . 
D 2 HOH 49 121 94  HOH WAT B . 
D 2 HOH 50 122 95  HOH WAT B . 
D 2 HOH 51 123 96  HOH WAT B . 
D 2 HOH 52 124 97  HOH WAT B . 
D 2 HOH 53 125 98  HOH WAT B . 
D 2 HOH 54 126 100 HOH WAT B . 
D 2 HOH 55 127 101 HOH WAT B . 
D 2 HOH 56 128 104 HOH WAT B . 
D 2 HOH 57 129 107 HOH WAT B . 
D 2 HOH 58 130 108 HOH WAT B . 
D 2 HOH 59 131 109 HOH WAT B . 
D 2 HOH 60 132 111 HOH WAT B . 
D 2 HOH 61 133 112 HOH WAT B . 
D 2 HOH 62 134 113 HOH WAT B . 
D 2 HOH 63 135 114 HOH WAT B . 
D 2 HOH 64 136 115 HOH WAT B . 
D 2 HOH 65 137 116 HOH WAT B . 
D 2 HOH 66 138 119 HOH WAT B . 
D 2 HOH 67 139 120 HOH WAT B . 
D 2 HOH 68 140 121 HOH WAT B . 
D 2 HOH 69 141 123 HOH WAT B . 
D 2 HOH 70 142 124 HOH WAT B . 
# 
loop_
_software.name 
_software.classification 
_software.version 
_software.citation_id 
_software.pdbx_ordinal 
HKL-2000  'data collection' .   ? 1 
SCALEPACK 'data scaling'    .   ? 2 
SOLVE     phasing           .   ? 3 
CNS       refinement        1.0 ? 4 
HKL-2000  'data reduction'  .   ? 5 
# 
_cell.entry_id           1X2I 
_cell.length_a           39.942 
_cell.length_b           56.889 
_cell.length_c           68.371 
_cell.angle_alpha        90.00 
_cell.angle_beta         90.00 
_cell.angle_gamma        90.00 
_cell.Z_PDB              8 
_cell.pdbx_unique_axis   ? 
# 
_symmetry.entry_id                         1X2I 
_symmetry.space_group_name_H-M             'P 21 21 21' 
_symmetry.pdbx_full_space_group_name_H-M   ? 
_symmetry.cell_setting                     ? 
_symmetry.Int_Tables_number                19 
_symmetry.space_group_name_Hall            ? 
# 
_exptl.entry_id          1X2I 
_exptl.method            'X-RAY DIFFRACTION' 
_exptl.crystals_number   1 
# 
_exptl_crystal.id                    1 
_exptl_crystal.density_meas          ? 
_exptl_crystal.density_Matthews      2.16 
_exptl_crystal.density_percent_sol   57 
_exptl_crystal.description           ? 
_exptl_crystal.F_000                 ? 
_exptl_crystal.preparation           ? 
# 
_exptl_crystal_grow.crystal_id      1 
_exptl_crystal_grow.method          EVAPORATION 
_exptl_crystal_grow.temp            293 
_exptl_crystal_grow.temp_details    ? 
_exptl_crystal_grow.pH              7.0 
_exptl_crystal_grow.pdbx_details    'trypsin, Na-Malonate, pH 7.0, EVAPORATION, temperature 293K' 
_exptl_crystal_grow.pdbx_pH_range   . 
# 
loop_
_diffrn.id 
_diffrn.ambient_temp 
_diffrn.ambient_temp_details 
_diffrn.crystal_id 
1 100 ? 1 
2 ?   ? 1 
# 
loop_
_diffrn_detector.diffrn_id 
_diffrn_detector.detector 
_diffrn_detector.type 
_diffrn_detector.pdbx_collection_date 
_diffrn_detector.details 
1 CCD MARRESEARCH 2002-10-21 ?        
2 CCD MARRESEARCH 2002-10-21 graphite 
# 
loop_
_diffrn_radiation.diffrn_id 
_diffrn_radiation.wavelength_id 
_diffrn_radiation.pdbx_monochromatic_or_laue_m_l 
_diffrn_radiation.monochromator 
_diffrn_radiation.pdbx_diffrn_protocol 
_diffrn_radiation.pdbx_scattering_type 
1 1 M DOUBLE-CRYSTAL 'SINGLE WAVELENGTH' x-ray 
2 2 M Diamond        MAD                 x-ray 
# 
loop_
_diffrn_radiation_wavelength.id 
_diffrn_radiation_wavelength.wavelength 
_diffrn_radiation_wavelength.wt 
1 1.0000  1.0 
2 0.9729  1.0 
3 0.97774 1.0 
4 0.97779 1.0 
5 0.9757  1.0 
# 
loop_
_diffrn_source.diffrn_id 
_diffrn_source.source 
_diffrn_source.type 
_diffrn_source.pdbx_synchrotron_site 
_diffrn_source.pdbx_synchrotron_beamline 
_diffrn_source.pdbx_wavelength 
_diffrn_source.pdbx_wavelength_list 
1 SYNCHROTRON 'SPRING-8 BEAMLINE BL41XU' SPring-8 BL41XU ? 1.0000                             
2 SYNCHROTRON 'SPRING-8 BEAMLINE BL38B1' SPring-8 BL38B1 ? '0.9729, 0.97774, 0.97779, 0.9757' 
# 
_reflns.entry_id                     1X2I 
_reflns.observed_criterion_sigma_F   1 
_reflns.observed_criterion_sigma_I   1 
_reflns.d_resolution_high            1.45 
_reflns.d_resolution_low             20 
_reflns.number_all                   ? 
_reflns.number_obs                   27454 
_reflns.percent_possible_obs         96.9 
_reflns.pdbx_Rmerge_I_obs            ? 
_reflns.pdbx_Rsym_value              0.061 
_reflns.pdbx_netI_over_sigmaI        ? 
_reflns.B_iso_Wilson_estimate        ? 
_reflns.pdbx_redundancy              ? 
_reflns.R_free_details               ? 
_reflns.limit_h_max                  ? 
_reflns.limit_h_min                  ? 
_reflns.limit_k_max                  ? 
_reflns.limit_k_min                  ? 
_reflns.limit_l_max                  ? 
_reflns.limit_l_min                  ? 
_reflns.observed_criterion_F_max     ? 
_reflns.observed_criterion_F_min     ? 
_reflns.pdbx_chi_squared             ? 
_reflns.pdbx_scaling_rejects         ? 
_reflns.pdbx_diffrn_id               1,2 
_reflns.pdbx_ordinal                 1 
# 
_reflns_shell.d_res_high             1.45 
_reflns_shell.d_res_low              1.50 
_reflns_shell.percent_possible_all   98.3 
_reflns_shell.Rmerge_I_obs           ? 
_reflns_shell.pdbx_Rsym_value        0.104 
_reflns_shell.meanI_over_sigI_obs    ? 
_reflns_shell.pdbx_redundancy        ? 
_reflns_shell.percent_possible_obs   ? 
_reflns_shell.number_unique_all      ? 
_reflns_shell.number_measured_all    ? 
_reflns_shell.number_measured_obs    ? 
_reflns_shell.number_unique_obs      ? 
_reflns_shell.pdbx_chi_squared       ? 
_reflns_shell.pdbx_diffrn_id         ? 
_reflns_shell.pdbx_ordinal           1 
# 
_refine.entry_id                                 1X2I 
_refine.ls_d_res_high                            1.45 
_refine.ls_d_res_low                             20 
_refine.pdbx_ls_sigma_F                          1 
_refine.pdbx_ls_sigma_I                          ? 
_refine.ls_number_reflns_all                     28301 
_refine.ls_number_reflns_obs                     27184 
_refine.ls_number_reflns_R_free                  2717 
_refine.ls_percent_reflns_obs                    ? 
_refine.ls_R_factor_all                          0.2234 
_refine.ls_R_factor_obs                          0.2234 
_refine.ls_R_factor_R_work                       0.2218 
_refine.ls_R_factor_R_free                       0.2383 
_refine.ls_redundancy_reflns_obs                 ? 
_refine.pdbx_data_cutoff_high_absF               ? 
_refine.pdbx_data_cutoff_low_absF                ? 
_refine.ls_number_parameters                     ? 
_refine.ls_number_restraints                     ? 
_refine.ls_percent_reflns_R_free                 ? 
_refine.ls_R_factor_R_free_error                 ? 
_refine.ls_R_factor_R_free_error_details         ? 
_refine.pdbx_method_to_determine_struct          MAD 
_refine.pdbx_starting_model                      ? 
_refine.pdbx_ls_cross_valid_method               ? 
_refine.pdbx_R_Free_selection_details            random 
_refine.pdbx_stereochem_target_val_spec_case     ? 
_refine.pdbx_stereochemistry_target_values       'Engh & Huber' 
_refine.solvent_model_details                    ? 
_refine.solvent_model_param_bsol                 ? 
_refine.solvent_model_param_ksol                 ? 
_refine.occupancy_max                            ? 
_refine.occupancy_min                            ? 
_refine.pdbx_isotropic_thermal_model             ? 
_refine.B_iso_mean                               ? 
_refine.aniso_B[1][1]                            ? 
_refine.aniso_B[1][2]                            ? 
_refine.aniso_B[1][3]                            ? 
_refine.aniso_B[2][2]                            ? 
_refine.aniso_B[2][3]                            ? 
_refine.aniso_B[3][3]                            ? 
_refine.details                                  ? 
_refine.B_iso_min                                ? 
_refine.B_iso_max                                ? 
_refine.correlation_coeff_Fo_to_Fc               ? 
_refine.correlation_coeff_Fo_to_Fc_free          ? 
_refine.pdbx_solvent_vdw_probe_radii             ? 
_refine.pdbx_solvent_ion_probe_radii             ? 
_refine.pdbx_solvent_shrinkage_radii             ? 
_refine.overall_SU_R_Cruickshank_DPI             ? 
_refine.overall_SU_R_free                        ? 
_refine.overall_SU_ML                            ? 
_refine.overall_SU_B                             ? 
_refine.pdbx_overall_ESU_R_Free                  ? 
_refine.pdbx_data_cutoff_high_rms_absF           ? 
_refine.pdbx_overall_ESU_R                       ? 
_refine.ls_wR_factor_R_free                      ? 
_refine.ls_wR_factor_R_work                      ? 
_refine.overall_FOM_free_R_set                   ? 
_refine.overall_FOM_work_R_set                   ? 
_refine.pdbx_refine_id                           'X-RAY DIFFRACTION' 
_refine.pdbx_diffrn_id                           1 
_refine.pdbx_TLS_residual_ADP_flag               ? 
_refine.pdbx_overall_phase_error                 ? 
_refine.pdbx_overall_SU_R_free_Cruickshank_DPI   ? 
_refine.pdbx_overall_SU_R_Blow_DPI               ? 
_refine.pdbx_overall_SU_R_free_Blow_DPI          ? 
# 
_refine_analyze.entry_id                        1X2I 
_refine_analyze.Luzzati_coordinate_error_obs    0.18 
_refine_analyze.Luzzati_sigma_a_obs             -0.04 
_refine_analyze.Luzzati_d_res_low_obs           5 
_refine_analyze.Luzzati_coordinate_error_free   0.21 
_refine_analyze.Luzzati_sigma_a_free            0.04 
_refine_analyze.Luzzati_d_res_low_free          ? 
_refine_analyze.number_disordered_residues      ? 
_refine_analyze.occupancy_sum_non_hydrogen      ? 
_refine_analyze.occupancy_sum_hydrogen          ? 
_refine_analyze.pdbx_Luzzati_d_res_high_obs     ? 
_refine_analyze.pdbx_refine_id                  'X-RAY DIFFRACTION' 
# 
_refine_hist.pdbx_refine_id                   'X-RAY DIFFRACTION' 
_refine_hist.cycle_id                         LAST 
_refine_hist.pdbx_number_atoms_protein        1066 
_refine_hist.pdbx_number_atoms_nucleic_acid   0 
_refine_hist.pdbx_number_atoms_ligand         0 
_refine_hist.number_atoms_solvent             125 
_refine_hist.number_atoms_total               1191 
_refine_hist.d_res_high                       1.45 
_refine_hist.d_res_low                        20 
# 
loop_
_refine_ls_restr.type 
_refine_ls_restr.dev_ideal 
_refine_ls_restr.dev_ideal_target 
_refine_ls_restr.weight 
_refine_ls_restr.number 
_refine_ls_restr.pdbx_refine_id 
_refine_ls_restr.pdbx_restraint_function 
c_improper_angle_d 0.70990  ? ? ? 'X-RAY DIFFRACTION' ? 
c_dihedral_angle_d 18.37    ? ? ? 'X-RAY DIFFRACTION' ? 
c_bond_d           0.003692 ? ? ? 'X-RAY DIFFRACTION' ? 
c_angle_d          1.02152  ? ? ? 'X-RAY DIFFRACTION' ? 
# 
_refine_ls_shell.pdbx_total_number_of_bins_used   ? 
_refine_ls_shell.d_res_high                       1.45 
_refine_ls_shell.d_res_low                        1.50 
_refine_ls_shell.number_reflns_R_work             ? 
_refine_ls_shell.R_factor_R_work                  0.2103 
_refine_ls_shell.percent_reflns_obs               96.72 
_refine_ls_shell.R_factor_R_free                  0.2472 
_refine_ls_shell.R_factor_R_free_error            ? 
_refine_ls_shell.percent_reflns_R_free            ? 
_refine_ls_shell.number_reflns_R_free             252 
_refine_ls_shell.number_reflns_obs                2685 
_refine_ls_shell.redundancy_reflns_obs            ? 
_refine_ls_shell.number_reflns_all                ? 
_refine_ls_shell.pdbx_refine_id                   'X-RAY DIFFRACTION' 
_refine_ls_shell.R_factor_all                     ? 
# 
_struct.entry_id                  1X2I 
_struct.title                     
'Crystal Structure Of Archaeal Xpf/Mus81 Homolog, Hef From Pyrococcus Furiosus, Helix-hairpin-helix Domain' 
_struct.pdbx_model_details        ? 
_struct.pdbx_CASP_flag            ? 
_struct.pdbx_model_type_details   ? 
# 
_struct_keywords.entry_id        1X2I 
_struct_keywords.pdbx_keywords   HYDROLASE 
_struct_keywords.text            'alpha helix, helix-hairpin-helix DNA binding domain, homodimer, HYDROLASE' 
# 
loop_
_struct_asym.id 
_struct_asym.pdbx_blank_PDB_chainid_flag 
_struct_asym.pdbx_modified 
_struct_asym.entity_id 
_struct_asym.details 
A N N 1 ? 
B N N 1 ? 
C N N 2 ? 
D N N 2 ? 
# 
_struct_ref.id                         1 
_struct_ref.db_name                    UNP 
_struct_ref.db_code                    Q8TZH8_PYRFU 
_struct_ref.pdbx_db_accession          Q8TZH8 
_struct_ref.entity_id                  1 
_struct_ref.pdbx_seq_one_letter_code   EKKALTLAERQRLIVEGLPHVSATLARRLLKHFGSVERVFTASVAELMKVEGIGEKIAKEIRRVITAPYIEDEE 
_struct_ref.pdbx_align_begin           691 
_struct_ref.pdbx_db_isoform            ? 
# 
loop_
_struct_ref_seq.align_id 
_struct_ref_seq.ref_id 
_struct_ref_seq.pdbx_PDB_id_code 
_struct_ref_seq.pdbx_strand_id 
_struct_ref_seq.seq_align_beg 
_struct_ref_seq.pdbx_seq_align_beg_ins_code 
_struct_ref_seq.seq_align_end 
_struct_ref_seq.pdbx_seq_align_end_ins_code 
_struct_ref_seq.pdbx_db_accession 
_struct_ref_seq.db_align_beg 
_struct_ref_seq.pdbx_db_align_beg_ins_code 
_struct_ref_seq.db_align_end 
_struct_ref_seq.pdbx_db_align_end_ins_code 
_struct_ref_seq.pdbx_auth_seq_align_beg 
_struct_ref_seq.pdbx_auth_seq_align_end 
1 1 1X2I A 2 ? 75 ? Q8TZH8 691 ? 764 ? -1 72 
2 1 1X2I B 2 ? 75 ? Q8TZH8 691 ? 764 ? -1 72 
# 
loop_
_struct_ref_seq_dif.align_id 
_struct_ref_seq_dif.pdbx_pdb_id_code 
_struct_ref_seq_dif.mon_id 
_struct_ref_seq_dif.pdbx_pdb_strand_id 
_struct_ref_seq_dif.seq_num 
_struct_ref_seq_dif.pdbx_pdb_ins_code 
_struct_ref_seq_dif.pdbx_seq_db_name 
_struct_ref_seq_dif.pdbx_seq_db_accession_code 
_struct_ref_seq_dif.db_mon_id 
_struct_ref_seq_dif.pdbx_seq_db_seq_num 
_struct_ref_seq_dif.details 
_struct_ref_seq_dif.pdbx_auth_seq_num 
_struct_ref_seq_dif.pdbx_ordinal 
1 1X2I MET A 1 ? UNP Q8TZH8 ? ? 'initiating methionine' -2 1 
2 1X2I MET B 1 ? UNP Q8TZH8 ? ? 'initiating methionine' -2 2 
# 
_pdbx_struct_assembly.id                   1 
_pdbx_struct_assembly.details              author_and_software_defined_assembly 
_pdbx_struct_assembly.method_details       PISA 
_pdbx_struct_assembly.oligomeric_details   dimeric 
_pdbx_struct_assembly.oligomeric_count     2 
# 
loop_
_pdbx_struct_assembly_prop.biol_id 
_pdbx_struct_assembly_prop.type 
_pdbx_struct_assembly_prop.value 
_pdbx_struct_assembly_prop.details 
1 'ABSA (A^2)' 2500 ? 
1 MORE         -14  ? 
1 'SSA (A^2)'  6920 ? 
# 
_pdbx_struct_assembly_gen.assembly_id       1 
_pdbx_struct_assembly_gen.oper_expression   1 
_pdbx_struct_assembly_gen.asym_id_list      A,B,C,D 
# 
_pdbx_struct_oper_list.id                   1 
_pdbx_struct_oper_list.type                 'identity operation' 
_pdbx_struct_oper_list.name                 1_555 
_pdbx_struct_oper_list.symmetry_operation   x,y,z 
_pdbx_struct_oper_list.matrix[1][1]         1.0000000000 
_pdbx_struct_oper_list.matrix[1][2]         0.0000000000 
_pdbx_struct_oper_list.matrix[1][3]         0.0000000000 
_pdbx_struct_oper_list.vector[1]            0.0000000000 
_pdbx_struct_oper_list.matrix[2][1]         0.0000000000 
_pdbx_struct_oper_list.matrix[2][2]         1.0000000000 
_pdbx_struct_oper_list.matrix[2][3]         0.0000000000 
_pdbx_struct_oper_list.vector[2]            0.0000000000 
_pdbx_struct_oper_list.matrix[3][1]         0.0000000000 
_pdbx_struct_oper_list.matrix[3][2]         0.0000000000 
_pdbx_struct_oper_list.matrix[3][3]         1.0000000000 
_pdbx_struct_oper_list.vector[3]            0.0000000000 
# 
loop_
_struct_conf.conf_type_id 
_struct_conf.id 
_struct_conf.pdbx_PDB_helix_id 
_struct_conf.beg_label_comp_id 
_struct_conf.beg_label_asym_id 
_struct_conf.beg_label_seq_id 
_struct_conf.pdbx_beg_PDB_ins_code 
_struct_conf.end_label_comp_id 
_struct_conf.end_label_asym_id 
_struct_conf.end_label_seq_id 
_struct_conf.pdbx_end_PDB_ins_code 
_struct_conf.beg_auth_comp_id 
_struct_conf.beg_auth_asym_id 
_struct_conf.beg_auth_seq_id 
_struct_conf.end_auth_comp_id 
_struct_conf.end_auth_asym_id 
_struct_conf.end_auth_seq_id 
_struct_conf.pdbx_PDB_helix_class 
_struct_conf.details 
_struct_conf.pdbx_PDB_helix_length 
HELX_P HELX_P1  1  THR A 7  ? GLU A 17 ? THR A 4  GLU A 14 1 ? 11 
HELX_P HELX_P2  2  SER A 23 ? GLY A 35 ? SER A 20 GLY A 32 1 ? 13 
HELX_P HELX_P3  3  SER A 36 ? ALA A 43 ? SER A 33 ALA A 40 1 ? 8  
HELX_P HELX_P4  4  SER A 44 ? MET A 49 ? SER A 41 MET A 46 1 ? 6  
HELX_P HELX_P5  5  GLY A 55 ? ALA A 68 ? GLY A 52 ALA A 65 1 ? 14 
HELX_P HELX_P6  6  THR B 7  ? GLU B 17 ? THR B 4  GLU B 14 1 ? 11 
HELX_P HELX_P7  7  SER B 23 ? GLY B 35 ? SER B 20 GLY B 32 1 ? 13 
HELX_P HELX_P8  8  SER B 36 ? ALA B 43 ? SER B 33 ALA B 40 1 ? 8  
HELX_P HELX_P9  9  SER B 44 ? MET B 49 ? SER B 41 MET B 46 1 ? 6  
HELX_P HELX_P10 10 GLY B 55 ? ALA B 68 ? GLY B 52 ALA B 65 1 ? 14 
# 
_struct_conf_type.id          HELX_P 
_struct_conf_type.criteria    ? 
_struct_conf_type.reference   ? 
# 
_pdbx_validate_torsion.id              1 
_pdbx_validate_torsion.PDB_model_num   1 
_pdbx_validate_torsion.auth_comp_id    HIS 
_pdbx_validate_torsion.auth_asym_id    A 
_pdbx_validate_torsion.auth_seq_id     18 
_pdbx_validate_torsion.PDB_ins_code    ? 
_pdbx_validate_torsion.label_alt_id    ? 
_pdbx_validate_torsion.phi             72.51 
_pdbx_validate_torsion.psi             -1.25 
# 
loop_
_pdbx_unobs_or_zero_occ_residues.id 
_pdbx_unobs_or_zero_occ_residues.PDB_model_num 
_pdbx_unobs_or_zero_occ_residues.polymer_flag 
_pdbx_unobs_or_zero_occ_residues.occupancy_flag 
_pdbx_unobs_or_zero_occ_residues.auth_asym_id 
_pdbx_unobs_or_zero_occ_residues.auth_comp_id 
_pdbx_unobs_or_zero_occ_residues.auth_seq_id 
_pdbx_unobs_or_zero_occ_residues.PDB_ins_code 
_pdbx_unobs_or_zero_occ_residues.label_asym_id 
_pdbx_unobs_or_zero_occ_residues.label_comp_id 
_pdbx_unobs_or_zero_occ_residues.label_seq_id 
1  1 Y 1 A MET -2 ? A MET 1  
2  1 Y 1 A GLU -1 ? A GLU 2  
3  1 Y 1 A LYS 0  ? A LYS 3  
4  1 Y 1 A LYS 1  ? A LYS 4  
5  1 Y 1 A ASP 70 ? A ASP 73 
6  1 Y 1 A GLU 71 ? A GLU 74 
7  1 Y 1 A GLU 72 ? A GLU 75 
8  1 Y 1 B MET -2 ? B MET 1  
9  1 Y 1 B GLU -1 ? B GLU 2  
10 1 Y 1 B LYS 0  ? B LYS 3  
11 1 Y 1 B LYS 1  ? B LYS 4  
12 1 Y 1 B ASP 70 ? B ASP 73 
13 1 Y 1 B GLU 71 ? B GLU 74 
14 1 Y 1 B GLU 72 ? B GLU 75 
# 
loop_
_chem_comp_atom.comp_id 
_chem_comp_atom.atom_id 
_chem_comp_atom.type_symbol 
_chem_comp_atom.pdbx_aromatic_flag 
_chem_comp_atom.pdbx_stereo_config 
_chem_comp_atom.pdbx_ordinal 
ALA N    N N N 1   
ALA CA   C N S 2   
ALA C    C N N 3   
ALA O    O N N 4   
ALA CB   C N N 5   
ALA OXT  O N N 6   
ALA H    H N N 7   
ALA H2   H N N 8   
ALA HA   H N N 9   
ALA HB1  H N N 10  
ALA HB2  H N N 11  
ALA HB3  H N N 12  
ALA HXT  H N N 13  
ARG N    N N N 14  
ARG CA   C N S 15  
ARG C    C N N 16  
ARG O    O N N 17  
ARG CB   C N N 18  
ARG CG   C N N 19  
ARG CD   C N N 20  
ARG NE   N N N 21  
ARG CZ   C N N 22  
ARG NH1  N N N 23  
ARG NH2  N N N 24  
ARG OXT  O N N 25  
ARG H    H N N 26  
ARG H2   H N N 27  
ARG HA   H N N 28  
ARG HB2  H N N 29  
ARG HB3  H N N 30  
ARG HG2  H N N 31  
ARG HG3  H N N 32  
ARG HD2  H N N 33  
ARG HD3  H N N 34  
ARG HE   H N N 35  
ARG HH11 H N N 36  
ARG HH12 H N N 37  
ARG HH21 H N N 38  
ARG HH22 H N N 39  
ARG HXT  H N N 40  
ASP N    N N N 41  
ASP CA   C N S 42  
ASP C    C N N 43  
ASP O    O N N 44  
ASP CB   C N N 45  
ASP CG   C N N 46  
ASP OD1  O N N 47  
ASP OD2  O N N 48  
ASP OXT  O N N 49  
ASP H    H N N 50  
ASP H2   H N N 51  
ASP HA   H N N 52  
ASP HB2  H N N 53  
ASP HB3  H N N 54  
ASP HD2  H N N 55  
ASP HXT  H N N 56  
GLN N    N N N 57  
GLN CA   C N S 58  
GLN C    C N N 59  
GLN O    O N N 60  
GLN CB   C N N 61  
GLN CG   C N N 62  
GLN CD   C N N 63  
GLN OE1  O N N 64  
GLN NE2  N N N 65  
GLN OXT  O N N 66  
GLN H    H N N 67  
GLN H2   H N N 68  
GLN HA   H N N 69  
GLN HB2  H N N 70  
GLN HB3  H N N 71  
GLN HG2  H N N 72  
GLN HG3  H N N 73  
GLN HE21 H N N 74  
GLN HE22 H N N 75  
GLN HXT  H N N 76  
GLU N    N N N 77  
GLU CA   C N S 78  
GLU C    C N N 79  
GLU O    O N N 80  
GLU CB   C N N 81  
GLU CG   C N N 82  
GLU CD   C N N 83  
GLU OE1  O N N 84  
GLU OE2  O N N 85  
GLU OXT  O N N 86  
GLU H    H N N 87  
GLU H2   H N N 88  
GLU HA   H N N 89  
GLU HB2  H N N 90  
GLU HB3  H N N 91  
GLU HG2  H N N 92  
GLU HG3  H N N 93  
GLU HE2  H N N 94  
GLU HXT  H N N 95  
GLY N    N N N 96  
GLY CA   C N N 97  
GLY C    C N N 98  
GLY O    O N N 99  
GLY OXT  O N N 100 
GLY H    H N N 101 
GLY H2   H N N 102 
GLY HA2  H N N 103 
GLY HA3  H N N 104 
GLY HXT  H N N 105 
HIS N    N N N 106 
HIS CA   C N S 107 
HIS C    C N N 108 
HIS O    O N N 109 
HIS CB   C N N 110 
HIS CG   C Y N 111 
HIS ND1  N Y N 112 
HIS CD2  C Y N 113 
HIS CE1  C Y N 114 
HIS NE2  N Y N 115 
HIS OXT  O N N 116 
HIS H    H N N 117 
HIS H2   H N N 118 
HIS HA   H N N 119 
HIS HB2  H N N 120 
HIS HB3  H N N 121 
HIS HD1  H N N 122 
HIS HD2  H N N 123 
HIS HE1  H N N 124 
HIS HE2  H N N 125 
HIS HXT  H N N 126 
HOH O    O N N 127 
HOH H1   H N N 128 
HOH H2   H N N 129 
ILE N    N N N 130 
ILE CA   C N S 131 
ILE C    C N N 132 
ILE O    O N N 133 
ILE CB   C N S 134 
ILE CG1  C N N 135 
ILE CG2  C N N 136 
ILE CD1  C N N 137 
ILE OXT  O N N 138 
ILE H    H N N 139 
ILE H2   H N N 140 
ILE HA   H N N 141 
ILE HB   H N N 142 
ILE HG12 H N N 143 
ILE HG13 H N N 144 
ILE HG21 H N N 145 
ILE HG22 H N N 146 
ILE HG23 H N N 147 
ILE HD11 H N N 148 
ILE HD12 H N N 149 
ILE HD13 H N N 150 
ILE HXT  H N N 151 
LEU N    N N N 152 
LEU CA   C N S 153 
LEU C    C N N 154 
LEU O    O N N 155 
LEU CB   C N N 156 
LEU CG   C N N 157 
LEU CD1  C N N 158 
LEU CD2  C N N 159 
LEU OXT  O N N 160 
LEU H    H N N 161 
LEU H2   H N N 162 
LEU HA   H N N 163 
LEU HB2  H N N 164 
LEU HB3  H N N 165 
LEU HG   H N N 166 
LEU HD11 H N N 167 
LEU HD12 H N N 168 
LEU HD13 H N N 169 
LEU HD21 H N N 170 
LEU HD22 H N N 171 
LEU HD23 H N N 172 
LEU HXT  H N N 173 
LYS N    N N N 174 
LYS CA   C N S 175 
LYS C    C N N 176 
LYS O    O N N 177 
LYS CB   C N N 178 
LYS CG   C N N 179 
LYS CD   C N N 180 
LYS CE   C N N 181 
LYS NZ   N N N 182 
LYS OXT  O N N 183 
LYS H    H N N 184 
LYS H2   H N N 185 
LYS HA   H N N 186 
LYS HB2  H N N 187 
LYS HB3  H N N 188 
LYS HG2  H N N 189 
LYS HG3  H N N 190 
LYS HD2  H N N 191 
LYS HD3  H N N 192 
LYS HE2  H N N 193 
LYS HE3  H N N 194 
LYS HZ1  H N N 195 
LYS HZ2  H N N 196 
LYS HZ3  H N N 197 
LYS HXT  H N N 198 
MET N    N N N 199 
MET CA   C N S 200 
MET C    C N N 201 
MET O    O N N 202 
MET CB   C N N 203 
MET CG   C N N 204 
MET SD   S N N 205 
MET CE   C N N 206 
MET OXT  O N N 207 
MET H    H N N 208 
MET H2   H N N 209 
MET HA   H N N 210 
MET HB2  H N N 211 
MET HB3  H N N 212 
MET HG2  H N N 213 
MET HG3  H N N 214 
MET HE1  H N N 215 
MET HE2  H N N 216 
MET HE3  H N N 217 
MET HXT  H N N 218 
PHE N    N N N 219 
PHE CA   C N S 220 
PHE C    C N N 221 
PHE O    O N N 222 
PHE CB   C N N 223 
PHE CG   C Y N 224 
PHE CD1  C Y N 225 
PHE CD2  C Y N 226 
PHE CE1  C Y N 227 
PHE CE2  C Y N 228 
PHE CZ   C Y N 229 
PHE OXT  O N N 230 
PHE H    H N N 231 
PHE H2   H N N 232 
PHE HA   H N N 233 
PHE HB2  H N N 234 
PHE HB3  H N N 235 
PHE HD1  H N N 236 
PHE HD2  H N N 237 
PHE HE1  H N N 238 
PHE HE2  H N N 239 
PHE HZ   H N N 240 
PHE HXT  H N N 241 
PRO N    N N N 242 
PRO CA   C N S 243 
PRO C    C N N 244 
PRO O    O N N 245 
PRO CB   C N N 246 
PRO CG   C N N 247 
PRO CD   C N N 248 
PRO OXT  O N N 249 
PRO H    H N N 250 
PRO HA   H N N 251 
PRO HB2  H N N 252 
PRO HB3  H N N 253 
PRO HG2  H N N 254 
PRO HG3  H N N 255 
PRO HD2  H N N 256 
PRO HD3  H N N 257 
PRO HXT  H N N 258 
SER N    N N N 259 
SER CA   C N S 260 
SER C    C N N 261 
SER O    O N N 262 
SER CB   C N N 263 
SER OG   O N N 264 
SER OXT  O N N 265 
SER H    H N N 266 
SER H2   H N N 267 
SER HA   H N N 268 
SER HB2  H N N 269 
SER HB3  H N N 270 
SER HG   H N N 271 
SER HXT  H N N 272 
THR N    N N N 273 
THR CA   C N S 274 
THR C    C N N 275 
THR O    O N N 276 
THR CB   C N R 277 
THR OG1  O N N 278 
THR CG2  C N N 279 
THR OXT  O N N 280 
THR H    H N N 281 
THR H2   H N N 282 
THR HA   H N N 283 
THR HB   H N N 284 
THR HG1  H N N 285 
THR HG21 H N N 286 
THR HG22 H N N 287 
THR HG23 H N N 288 
THR HXT  H N N 289 
TYR N    N N N 290 
TYR CA   C N S 291 
TYR C    C N N 292 
TYR O    O N N 293 
TYR CB   C N N 294 
TYR CG   C Y N 295 
TYR CD1  C Y N 296 
TYR CD2  C Y N 297 
TYR CE1  C Y N 298 
TYR CE2  C Y N 299 
TYR CZ   C Y N 300 
TYR OH   O N N 301 
TYR OXT  O N N 302 
TYR H    H N N 303 
TYR H2   H N N 304 
TYR HA   H N N 305 
TYR HB2  H N N 306 
TYR HB3  H N N 307 
TYR HD1  H N N 308 
TYR HD2  H N N 309 
TYR HE1  H N N 310 
TYR HE2  H N N 311 
TYR HH   H N N 312 
TYR HXT  H N N 313 
VAL N    N N N 314 
VAL CA   C N S 315 
VAL C    C N N 316 
VAL O    O N N 317 
VAL CB   C N N 318 
VAL CG1  C N N 319 
VAL CG2  C N N 320 
VAL OXT  O N N 321 
VAL H    H N N 322 
VAL H2   H N N 323 
VAL HA   H N N 324 
VAL HB   H N N 325 
VAL HG11 H N N 326 
VAL HG12 H N N 327 
VAL HG13 H N N 328 
VAL HG21 H N N 329 
VAL HG22 H N N 330 
VAL HG23 H N N 331 
VAL HXT  H N N 332 
# 
loop_
_chem_comp_bond.comp_id 
_chem_comp_bond.atom_id_1 
_chem_comp_bond.atom_id_2 
_chem_comp_bond.value_order 
_chem_comp_bond.pdbx_aromatic_flag 
_chem_comp_bond.pdbx_stereo_config 
_chem_comp_bond.pdbx_ordinal 
ALA N   CA   sing N N 1   
ALA N   H    sing N N 2   
ALA N   H2   sing N N 3   
ALA CA  C    sing N N 4   
ALA CA  CB   sing N N 5   
ALA CA  HA   sing N N 6   
ALA C   O    doub N N 7   
ALA C   OXT  sing N N 8   
ALA CB  HB1  sing N N 9   
ALA CB  HB2  sing N N 10  
ALA CB  HB3  sing N N 11  
ALA OXT HXT  sing N N 12  
ARG N   CA   sing N N 13  
ARG N   H    sing N N 14  
ARG N   H2   sing N N 15  
ARG CA  C    sing N N 16  
ARG CA  CB   sing N N 17  
ARG CA  HA   sing N N 18  
ARG C   O    doub N N 19  
ARG C   OXT  sing N N 20  
ARG CB  CG   sing N N 21  
ARG CB  HB2  sing N N 22  
ARG CB  HB3  sing N N 23  
ARG CG  CD   sing N N 24  
ARG CG  HG2  sing N N 25  
ARG CG  HG3  sing N N 26  
ARG CD  NE   sing N N 27  
ARG CD  HD2  sing N N 28  
ARG CD  HD3  sing N N 29  
ARG NE  CZ   sing N N 30  
ARG NE  HE   sing N N 31  
ARG CZ  NH1  sing N N 32  
ARG CZ  NH2  doub N N 33  
ARG NH1 HH11 sing N N 34  
ARG NH1 HH12 sing N N 35  
ARG NH2 HH21 sing N N 36  
ARG NH2 HH22 sing N N 37  
ARG OXT HXT  sing N N 38  
ASP N   CA   sing N N 39  
ASP N   H    sing N N 40  
ASP N   H2   sing N N 41  
ASP CA  C    sing N N 42  
ASP CA  CB   sing N N 43  
ASP CA  HA   sing N N 44  
ASP C   O    doub N N 45  
ASP C   OXT  sing N N 46  
ASP CB  CG   sing N N 47  
ASP CB  HB2  sing N N 48  
ASP CB  HB3  sing N N 49  
ASP CG  OD1  doub N N 50  
ASP CG  OD2  sing N N 51  
ASP OD2 HD2  sing N N 52  
ASP OXT HXT  sing N N 53  
GLN N   CA   sing N N 54  
GLN N   H    sing N N 55  
GLN N   H2   sing N N 56  
GLN CA  C    sing N N 57  
GLN CA  CB   sing N N 58  
GLN CA  HA   sing N N 59  
GLN C   O    doub N N 60  
GLN C   OXT  sing N N 61  
GLN CB  CG   sing N N 62  
GLN CB  HB2  sing N N 63  
GLN CB  HB3  sing N N 64  
GLN CG  CD   sing N N 65  
GLN CG  HG2  sing N N 66  
GLN CG  HG3  sing N N 67  
GLN CD  OE1  doub N N 68  
GLN CD  NE2  sing N N 69  
GLN NE2 HE21 sing N N 70  
GLN NE2 HE22 sing N N 71  
GLN OXT HXT  sing N N 72  
GLU N   CA   sing N N 73  
GLU N   H    sing N N 74  
GLU N   H2   sing N N 75  
GLU CA  C    sing N N 76  
GLU CA  CB   sing N N 77  
GLU CA  HA   sing N N 78  
GLU C   O    doub N N 79  
GLU C   OXT  sing N N 80  
GLU CB  CG   sing N N 81  
GLU CB  HB2  sing N N 82  
GLU CB  HB3  sing N N 83  
GLU CG  CD   sing N N 84  
GLU CG  HG2  sing N N 85  
GLU CG  HG3  sing N N 86  
GLU CD  OE1  doub N N 87  
GLU CD  OE2  sing N N 88  
GLU OE2 HE2  sing N N 89  
GLU OXT HXT  sing N N 90  
GLY N   CA   sing N N 91  
GLY N   H    sing N N 92  
GLY N   H2   sing N N 93  
GLY CA  C    sing N N 94  
GLY CA  HA2  sing N N 95  
GLY CA  HA3  sing N N 96  
GLY C   O    doub N N 97  
GLY C   OXT  sing N N 98  
GLY OXT HXT  sing N N 99  
HIS N   CA   sing N N 100 
HIS N   H    sing N N 101 
HIS N   H2   sing N N 102 
HIS CA  C    sing N N 103 
HIS CA  CB   sing N N 104 
HIS CA  HA   sing N N 105 
HIS C   O    doub N N 106 
HIS C   OXT  sing N N 107 
HIS CB  CG   sing N N 108 
HIS CB  HB2  sing N N 109 
HIS CB  HB3  sing N N 110 
HIS CG  ND1  sing Y N 111 
HIS CG  CD2  doub Y N 112 
HIS ND1 CE1  doub Y N 113 
HIS ND1 HD1  sing N N 114 
HIS CD2 NE2  sing Y N 115 
HIS CD2 HD2  sing N N 116 
HIS CE1 NE2  sing Y N 117 
HIS CE1 HE1  sing N N 118 
HIS NE2 HE2  sing N N 119 
HIS OXT HXT  sing N N 120 
HOH O   H1   sing N N 121 
HOH O   H2   sing N N 122 
ILE N   CA   sing N N 123 
ILE N   H    sing N N 124 
ILE N   H2   sing N N 125 
ILE CA  C    sing N N 126 
ILE CA  CB   sing N N 127 
ILE CA  HA   sing N N 128 
ILE C   O    doub N N 129 
ILE C   OXT  sing N N 130 
ILE CB  CG1  sing N N 131 
ILE CB  CG2  sing N N 132 
ILE CB  HB   sing N N 133 
ILE CG1 CD1  sing N N 134 
ILE CG1 HG12 sing N N 135 
ILE CG1 HG13 sing N N 136 
ILE CG2 HG21 sing N N 137 
ILE CG2 HG22 sing N N 138 
ILE CG2 HG23 sing N N 139 
ILE CD1 HD11 sing N N 140 
ILE CD1 HD12 sing N N 141 
ILE CD1 HD13 sing N N 142 
ILE OXT HXT  sing N N 143 
LEU N   CA   sing N N 144 
LEU N   H    sing N N 145 
LEU N   H2   sing N N 146 
LEU CA  C    sing N N 147 
LEU CA  CB   sing N N 148 
LEU CA  HA   sing N N 149 
LEU C   O    doub N N 150 
LEU C   OXT  sing N N 151 
LEU CB  CG   sing N N 152 
LEU CB  HB2  sing N N 153 
LEU CB  HB3  sing N N 154 
LEU CG  CD1  sing N N 155 
LEU CG  CD2  sing N N 156 
LEU CG  HG   sing N N 157 
LEU CD1 HD11 sing N N 158 
LEU CD1 HD12 sing N N 159 
LEU CD1 HD13 sing N N 160 
LEU CD2 HD21 sing N N 161 
LEU CD2 HD22 sing N N 162 
LEU CD2 HD23 sing N N 163 
LEU OXT HXT  sing N N 164 
LYS N   CA   sing N N 165 
LYS N   H    sing N N 166 
LYS N   H2   sing N N 167 
LYS CA  C    sing N N 168 
LYS CA  CB   sing N N 169 
LYS CA  HA   sing N N 170 
LYS C   O    doub N N 171 
LYS C   OXT  sing N N 172 
LYS CB  CG   sing N N 173 
LYS CB  HB2  sing N N 174 
LYS CB  HB3  sing N N 175 
LYS CG  CD   sing N N 176 
LYS CG  HG2  sing N N 177 
LYS CG  HG3  sing N N 178 
LYS CD  CE   sing N N 179 
LYS CD  HD2  sing N N 180 
LYS CD  HD3  sing N N 181 
LYS CE  NZ   sing N N 182 
LYS CE  HE2  sing N N 183 
LYS CE  HE3  sing N N 184 
LYS NZ  HZ1  sing N N 185 
LYS NZ  HZ2  sing N N 186 
LYS NZ  HZ3  sing N N 187 
LYS OXT HXT  sing N N 188 
MET N   CA   sing N N 189 
MET N   H    sing N N 190 
MET N   H2   sing N N 191 
MET CA  C    sing N N 192 
MET CA  CB   sing N N 193 
MET CA  HA   sing N N 194 
MET C   O    doub N N 195 
MET C   OXT  sing N N 196 
MET CB  CG   sing N N 197 
MET CB  HB2  sing N N 198 
MET CB  HB3  sing N N 199 
MET CG  SD   sing N N 200 
MET CG  HG2  sing N N 201 
MET CG  HG3  sing N N 202 
MET SD  CE   sing N N 203 
MET CE  HE1  sing N N 204 
MET CE  HE2  sing N N 205 
MET CE  HE3  sing N N 206 
MET OXT HXT  sing N N 207 
PHE N   CA   sing N N 208 
PHE N   H    sing N N 209 
PHE N   H2   sing N N 210 
PHE CA  C    sing N N 211 
PHE CA  CB   sing N N 212 
PHE CA  HA   sing N N 213 
PHE C   O    doub N N 214 
PHE C   OXT  sing N N 215 
PHE CB  CG   sing N N 216 
PHE CB  HB2  sing N N 217 
PHE CB  HB3  sing N N 218 
PHE CG  CD1  doub Y N 219 
PHE CG  CD2  sing Y N 220 
PHE CD1 CE1  sing Y N 221 
PHE CD1 HD1  sing N N 222 
PHE CD2 CE2  doub Y N 223 
PHE CD2 HD2  sing N N 224 
PHE CE1 CZ   doub Y N 225 
PHE CE1 HE1  sing N N 226 
PHE CE2 CZ   sing Y N 227 
PHE CE2 HE2  sing N N 228 
PHE CZ  HZ   sing N N 229 
PHE OXT HXT  sing N N 230 
PRO N   CA   sing N N 231 
PRO N   CD   sing N N 232 
PRO N   H    sing N N 233 
PRO CA  C    sing N N 234 
PRO CA  CB   sing N N 235 
PRO CA  HA   sing N N 236 
PRO C   O    doub N N 237 
PRO C   OXT  sing N N 238 
PRO CB  CG   sing N N 239 
PRO CB  HB2  sing N N 240 
PRO CB  HB3  sing N N 241 
PRO CG  CD   sing N N 242 
PRO CG  HG2  sing N N 243 
PRO CG  HG3  sing N N 244 
PRO CD  HD2  sing N N 245 
PRO CD  HD3  sing N N 246 
PRO OXT HXT  sing N N 247 
SER N   CA   sing N N 248 
SER N   H    sing N N 249 
SER N   H2   sing N N 250 
SER CA  C    sing N N 251 
SER CA  CB   sing N N 252 
SER CA  HA   sing N N 253 
SER C   O    doub N N 254 
SER C   OXT  sing N N 255 
SER CB  OG   sing N N 256 
SER CB  HB2  sing N N 257 
SER CB  HB3  sing N N 258 
SER OG  HG   sing N N 259 
SER OXT HXT  sing N N 260 
THR N   CA   sing N N 261 
THR N   H    sing N N 262 
THR N   H2   sing N N 263 
THR CA  C    sing N N 264 
THR CA  CB   sing N N 265 
THR CA  HA   sing N N 266 
THR C   O    doub N N 267 
THR C   OXT  sing N N 268 
THR CB  OG1  sing N N 269 
THR CB  CG2  sing N N 270 
THR CB  HB   sing N N 271 
THR OG1 HG1  sing N N 272 
THR CG2 HG21 sing N N 273 
THR CG2 HG22 sing N N 274 
THR CG2 HG23 sing N N 275 
THR OXT HXT  sing N N 276 
TYR N   CA   sing N N 277 
TYR N   H    sing N N 278 
TYR N   H2   sing N N 279 
TYR CA  C    sing N N 280 
TYR CA  CB   sing N N 281 
TYR CA  HA   sing N N 282 
TYR C   O    doub N N 283 
TYR C   OXT  sing N N 284 
TYR CB  CG   sing N N 285 
TYR CB  HB2  sing N N 286 
TYR CB  HB3  sing N N 287 
TYR CG  CD1  doub Y N 288 
TYR CG  CD2  sing Y N 289 
TYR CD1 CE1  sing Y N 290 
TYR CD1 HD1  sing N N 291 
TYR CD2 CE2  doub Y N 292 
TYR CD2 HD2  sing N N 293 
TYR CE1 CZ   doub Y N 294 
TYR CE1 HE1  sing N N 295 
TYR CE2 CZ   sing Y N 296 
TYR CE2 HE2  sing N N 297 
TYR CZ  OH   sing N N 298 
TYR OH  HH   sing N N 299 
TYR OXT HXT  sing N N 300 
VAL N   CA   sing N N 301 
VAL N   H    sing N N 302 
VAL N   H2   sing N N 303 
VAL CA  C    sing N N 304 
VAL CA  CB   sing N N 305 
VAL CA  HA   sing N N 306 
VAL C   O    doub N N 307 
VAL C   OXT  sing N N 308 
VAL CB  CG1  sing N N 309 
VAL CB  CG2  sing N N 310 
VAL CB  HB   sing N N 311 
VAL CG1 HG11 sing N N 312 
VAL CG1 HG12 sing N N 313 
VAL CG1 HG13 sing N N 314 
VAL CG2 HG21 sing N N 315 
VAL CG2 HG22 sing N N 316 
VAL CG2 HG23 sing N N 317 
VAL OXT HXT  sing N N 318 
# 
_atom_sites.entry_id                    1X2I 
_atom_sites.fract_transf_matrix[1][1]   0.01453394 
_atom_sites.fract_transf_matrix[1][2]   0.01810254 
_atom_sites.fract_transf_matrix[1][3]   0.00937358 
_atom_sites.fract_transf_matrix[2][1]   0.00933678 
_atom_sites.fract_transf_matrix[2][2]   0.00021483 
_atom_sites.fract_transf_matrix[2][3]   -0.01489176 
_atom_sites.fract_transf_matrix[3][1]   -0.00902628 
_atom_sites.fract_transf_matrix[3][2]   0.01010184 
_atom_sites.fract_transf_matrix[3][3]   -0.00551353 
_atom_sites.fract_transf_vector[1]      1.103612 
_atom_sites.fract_transf_vector[2]      0.255877 
_atom_sites.fract_transf_vector[3]      0.339306 
# 
loop_
_atom_type.symbol 
C 
N 
O 
S 
# 
loop_
_atom_site.group_PDB 
_atom_site.id 
_atom_site.type_symbol 
_atom_site.label_atom_id 
_atom_site.label_alt_id 
_atom_site.label_comp_id 
_atom_site.label_asym_id 
_atom_site.label_entity_id 
_atom_site.label_seq_id 
_atom_site.pdbx_PDB_ins_code 
_atom_site.Cartn_x 
_atom_site.Cartn_y 
_atom_site.Cartn_z 
_atom_site.occupancy 
_atom_site.B_iso_or_equiv 
_atom_site.pdbx_formal_charge 
_atom_site.auth_seq_id 
_atom_site.auth_comp_id 
_atom_site.auth_asym_id 
_atom_site.auth_atom_id 
_atom_site.pdbx_PDB_model_num 
ATOM   1    N N   . ALA A 1 5  ? -17.214 10.579  5.128   1.00 28.97 ? 2   ALA A N   1 
ATOM   2    C CA  . ALA A 1 5  ? -15.833 10.350  4.619   1.00 27.99 ? 2   ALA A CA  1 
ATOM   3    C C   . ALA A 1 5  ? -15.416 8.901   4.843   1.00 27.18 ? 2   ALA A C   1 
ATOM   4    O O   . ALA A 1 5  ? -16.098 8.149   5.542   1.00 27.37 ? 2   ALA A O   1 
ATOM   5    C CB  . ALA A 1 5  ? -14.859 11.290  5.319   1.00 28.71 ? 2   ALA A CB  1 
ATOM   6    N N   . LEU A 1 6  ? -14.292 8.515   4.247   1.00 26.19 ? 3   LEU A N   1 
ATOM   7    C CA  . LEU A 1 6  ? -13.784 7.155   4.380   1.00 24.96 ? 3   LEU A CA  1 
ATOM   8    C C   . LEU A 1 6  ? -13.450 6.777   5.816   1.00 23.27 ? 3   LEU A C   1 
ATOM   9    O O   . LEU A 1 6  ? -12.766 7.519   6.521   1.00 22.38 ? 3   LEU A O   1 
ATOM   10   C CB  . LEU A 1 6  ? -12.522 6.965   3.531   1.00 23.94 ? 3   LEU A CB  1 
ATOM   11   C CG  . LEU A 1 6  ? -12.649 6.748   2.024   1.00 23.70 ? 3   LEU A CG  1 
ATOM   12   C CD1 . LEU A 1 6  ? -11.256 6.618   1.418   1.00 22.45 ? 3   LEU A CD1 1 
ATOM   13   C CD2 . LEU A 1 6  ? -13.466 5.492   1.754   1.00 24.38 ? 3   LEU A CD2 1 
ATOM   14   N N   . THR A 1 7  ? -13.938 5.620   6.245   1.00 22.89 ? 4   THR A N   1 
ATOM   15   C CA  . THR A 1 7  ? -13.641 5.128   7.581   1.00 22.38 ? 4   THR A CA  1 
ATOM   16   C C   . THR A 1 7  ? -12.261 4.496   7.447   1.00 20.33 ? 4   THR A C   1 
ATOM   17   O O   . THR A 1 7  ? -11.814 4.223   6.332   1.00 19.76 ? 4   THR A O   1 
ATOM   18   C CB  . THR A 1 7  ? -14.633 4.040   8.028   1.00 22.89 ? 4   THR A CB  1 
ATOM   19   O OG1 . THR A 1 7  ? -14.516 2.901   7.165   1.00 23.80 ? 4   THR A OG1 1 
ATOM   20   C CG2 . THR A 1 7  ? -16.061 4.567   7.977   1.00 23.30 ? 4   THR A CG2 1 
ATOM   21   N N   . LEU A 1 8  ? -11.587 4.265   8.566   1.00 18.90 ? 5   LEU A N   1 
ATOM   22   C CA  . LEU A 1 8  ? -10.261 3.664   8.522   1.00 17.08 ? 5   LEU A CA  1 
ATOM   23   C C   . LEU A 1 8  ? -10.296 2.327   7.792   1.00 16.03 ? 5   LEU A C   1 
ATOM   24   O O   . LEU A 1 8  ? -9.464  2.066   6.922   1.00 14.04 ? 5   LEU A O   1 
ATOM   25   C CB  . LEU A 1 8  ? -9.716  3.456   9.934   1.00 17.86 ? 5   LEU A CB  1 
ATOM   26   C CG  . LEU A 1 8  ? -8.365  2.741   10.009  1.00 17.75 ? 5   LEU A CG  1 
ATOM   27   C CD1 . LEU A 1 8  ? -7.323  3.523   9.219   1.00 19.06 ? 5   LEU A CD1 1 
ATOM   28   C CD2 . LEU A 1 8  ? -7.941  2.594   11.462  1.00 18.70 ? 5   LEU A CD2 1 
ATOM   29   N N   . ALA A 1 9  ? -11.264 1.487   8.146   1.00 14.52 ? 6   ALA A N   1 
ATOM   30   C CA  . ALA A 1 9  ? -11.400 0.176   7.526   1.00 14.54 ? 6   ALA A CA  1 
ATOM   31   C C   . ALA A 1 9  ? -11.595 0.290   6.022   1.00 14.20 ? 6   ALA A C   1 
ATOM   32   O O   . ALA A 1 9  ? -11.032 -0.489  5.256   1.00 13.46 ? 6   ALA A O   1 
ATOM   33   C CB  . ALA A 1 9  ? -12.570 -0.582  8.148   1.00 14.75 ? 6   ALA A CB  1 
ATOM   34   N N   . GLU A 1 10 ? -12.400 1.257   5.596   1.00 15.29 ? 7   GLU A N   1 
ATOM   35   C CA  . GLU A 1 10 ? -12.641 1.442   4.174   1.00 15.75 ? 7   GLU A CA  1 
ATOM   36   C C   . GLU A 1 10 ? -11.361 1.870   3.467   1.00 13.14 ? 7   GLU A C   1 
ATOM   37   O O   . GLU A 1 10 ? -11.056 1.377   2.379   1.00 13.69 ? 7   GLU A O   1 
ATOM   38   C CB  . GLU A 1 10 ? -13.735 2.484   3.944   1.00 19.29 ? 7   GLU A CB  1 
ATOM   39   C CG  . GLU A 1 10 ? -15.112 2.041   4.405   1.00 24.16 ? 7   GLU A CG  1 
ATOM   40   C CD  . GLU A 1 10 ? -16.172 3.085   4.134   1.00 26.63 ? 7   GLU A CD  1 
ATOM   41   O OE1 . GLU A 1 10 ? -16.007 4.232   4.600   1.00 27.10 ? 7   GLU A OE1 1 
ATOM   42   O OE2 . GLU A 1 10 ? -17.170 2.759   3.456   1.00 29.73 ? 7   GLU A OE2 1 
ATOM   43   N N   . ARG A 1 11 ? -10.612 2.779   4.090   1.00 12.18 ? 8   ARG A N   1 
ATOM   44   C CA  . ARG A 1 11 ? -9.363  3.261   3.503   1.00 10.03 ? 8   ARG A CA  1 
ATOM   45   C C   . ARG A 1 11 ? -8.338  2.129   3.417   1.00 9.33  ? 8   ARG A C   1 
ATOM   46   O O   . ARG A 1 11 ? -7.621  2.006   2.427   1.00 9.23  ? 8   ARG A O   1 
ATOM   47   C CB  . ARG A 1 11 ? -8.797  4.423   4.324   1.00 10.85 ? 8   ARG A CB  1 
ATOM   48   C CG  . ARG A 1 11 ? -7.577  5.078   3.690   1.00 11.13 ? 8   ARG A CG  1 
ATOM   49   C CD  . ARG A 1 11 ? -7.099  6.277   4.494   1.00 13.53 ? 8   ARG A CD  1 
ATOM   50   N NE  . ARG A 1 11 ? -8.051  7.386   4.466   1.00 14.02 ? 8   ARG A NE  1 
ATOM   51   C CZ  . ARG A 1 11 ? -8.267  8.169   3.414   1.00 14.84 ? 8   ARG A CZ  1 
ATOM   52   N NH1 . ARG A 1 11 ? -7.599  7.977   2.285   1.00 15.07 ? 8   ARG A NH1 1 
ATOM   53   N NH2 . ARG A 1 11 ? -9.156  9.152   3.493   1.00 16.24 ? 8   ARG A NH2 1 
ATOM   54   N N   . GLN A 1 12 ? -8.276  1.300   4.454   1.00 8.60  ? 9   GLN A N   1 
ATOM   55   C CA  . GLN A 1 12 ? -7.355  0.169   4.469   1.00 8.05  ? 9   GLN A CA  1 
ATOM   56   C C   . GLN A 1 12 ? -7.689  -0.763  3.303   1.00 7.71  ? 9   GLN A C   1 
ATOM   57   O O   . GLN A 1 12 ? -6.801  -1.205  2.568   1.00 8.02  ? 9   GLN A O   1 
ATOM   58   C CB  . GLN A 1 12 ? -7.469  -0.585  5.799   1.00 7.99  ? 9   GLN A CB  1 
ATOM   59   C CG  . GLN A 1 12 ? -6.866  0.155   6.993   1.00 8.87  ? 9   GLN A CG  1 
ATOM   60   C CD  . GLN A 1 12 ? -7.201  -0.495  8.331   1.00 8.77  ? 9   GLN A CD  1 
ATOM   61   O OE1 . GLN A 1 12 ? -6.309  -0.795  9.129   1.00 13.46 ? 9   GLN A OE1 1 
ATOM   62   N NE2 . GLN A 1 12 ? -8.486  -0.703  8.582   1.00 10.13 ? 9   GLN A NE2 1 
ATOM   63   N N   . ARG A 1 13 ? -8.974  -1.054  3.130   1.00 8.98  ? 10  ARG A N   1 
ATOM   64   C CA  . ARG A 1 13 ? -9.416  -1.923  2.048   1.00 9.01  ? 10  ARG A CA  1 
ATOM   65   C C   . ARG A 1 13 ? -9.118  -1.335  0.666   1.00 8.80  ? 10  ARG A C   1 
ATOM   66   O O   . ARG A 1 13 ? -8.664  -2.043  -0.229  1.00 10.05 ? 10  ARG A O   1 
ATOM   67   C CB  . ARG A 1 13 ? -10.921 -2.201  2.164   1.00 13.01 ? 10  ARG A CB  1 
ATOM   68   C CG  . ARG A 1 13 ? -11.311 -3.093  3.340   1.00 15.09 ? 10  ARG A CG  1 
ATOM   69   C CD  . ARG A 1 13 ? -12.787 -3.489  3.277   1.00 19.63 ? 10  ARG A CD  1 
ATOM   70   N NE  . ARG A 1 13 ? -13.689 -2.404  3.656   1.00 24.09 ? 10  ARG A NE  1 
ATOM   71   C CZ  . ARG A 1 13 ? -13.945 -2.048  4.912   1.00 24.71 ? 10  ARG A CZ  1 
ATOM   72   N NH1 . ARG A 1 13 ? -13.368 -2.694  5.917   1.00 27.51 ? 10  ARG A NH1 1 
ATOM   73   N NH2 . ARG A 1 13 ? -14.779 -1.049  5.165   1.00 26.74 ? 10  ARG A NH2 1 
ATOM   74   N N   . LEU A 1 14 ? -9.371  -0.043  0.486   1.00 10.10 ? 11  LEU A N   1 
ATOM   75   C CA  . LEU A 1 14 ? -9.118  0.570   -0.813  1.00 10.60 ? 11  LEU A CA  1 
ATOM   76   C C   . LEU A 1 14 ? -7.640  0.565   -1.194  1.00 8.23  ? 11  LEU A C   1 
ATOM   77   O O   . LEU A 1 14 ? -7.304  0.431   -2.368  1.00 9.11  ? 11  LEU A O   1 
ATOM   78   C CB  . LEU A 1 14 ? -9.678  1.992   -0.852  1.00 13.11 ? 11  LEU A CB  1 
ATOM   79   C CG  . LEU A 1 14 ? -11.210 2.084   -0.824  1.00 14.92 ? 11  LEU A CG  1 
ATOM   80   C CD1 . LEU A 1 14 ? -11.618 3.543   -0.886  1.00 18.13 ? 11  LEU A CD1 1 
ATOM   81   C CD2 . LEU A 1 14 ? -11.820 1.309   -1.992  1.00 16.07 ? 11  LEU A CD2 1 
ATOM   82   N N   . ILE A 1 15 ? -6.757  0.709   -0.211  1.00 8.10  ? 12  ILE A N   1 
ATOM   83   C CA  . ILE A 1 15 ? -5.323  0.679   -0.489  1.00 7.36  ? 12  ILE A CA  1 
ATOM   84   C C   . ILE A 1 15 ? -4.938  -0.724  -0.981  1.00 7.04  ? 12  ILE A C   1 
ATOM   85   O O   . ILE A 1 15 ? -4.284  -0.878  -2.011  1.00 7.31  ? 12  ILE A O   1 
ATOM   86   C CB  . ILE A 1 15 ? -4.501  1.029   0.778   1.00 6.32  ? 12  ILE A CB  1 
ATOM   87   C CG1 . ILE A 1 15 ? -4.676  2.511   1.116   1.00 7.19  ? 12  ILE A CG1 1 
ATOM   88   C CG2 . ILE A 1 15 ? -3.028  0.696   0.570   1.00 5.76  ? 12  ILE A CG2 1 
ATOM   89   C CD1 . ILE A 1 15 ? -4.143  2.898   2.478   1.00 7.86  ? 12  ILE A CD1 1 
ATOM   90   N N   . VAL A 1 16 ? -5.364  -1.748  -0.251  1.00 6.40  ? 13  VAL A N   1 
ATOM   91   C CA  . VAL A 1 16 ? -5.043  -3.119  -0.628  1.00 7.42  ? 13  VAL A CA  1 
ATOM   92   C C   . VAL A 1 16 ? -5.699  -3.511  -1.953  1.00 7.25  ? 13  VAL A C   1 
ATOM   93   O O   . VAL A 1 16 ? -5.136  -4.289  -2.721  1.00 7.62  ? 13  VAL A O   1 
ATOM   94   C CB  . VAL A 1 16 ? -5.455  -4.099  0.493   1.00 5.65  ? 13  VAL A CB  1 
ATOM   95   C CG1 . VAL A 1 16 ? -5.247  -5.540  0.050   1.00 7.88  ? 13  VAL A CG1 1 
ATOM   96   C CG2 . VAL A 1 16 ? -4.627  -3.815  1.742   1.00 7.62  ? 13  VAL A CG2 1 
ATOM   97   N N   . GLU A 1 17 ? -6.879  -2.958  -2.226  1.00 8.14  ? 14  GLU A N   1 
ATOM   98   C CA  . GLU A 1 17 ? -7.582  -3.249  -3.473  1.00 7.47  ? 14  GLU A CA  1 
ATOM   99   C C   . GLU A 1 17 ? -6.848  -2.697  -4.686  1.00 8.05  ? 14  GLU A C   1 
ATOM   100  O O   . GLU A 1 17 ? -7.181  -3.031  -5.819  1.00 8.81  ? 14  GLU A O   1 
ATOM   101  C CB  . GLU A 1 17 ? -8.999  -2.683  -3.434  1.00 8.52  ? 14  GLU A CB  1 
ATOM   102  C CG  . GLU A 1 17 ? -9.963  -3.518  -2.611  1.00 9.37  ? 14  GLU A CG  1 
ATOM   103  C CD  . GLU A 1 17 ? -11.323 -2.878  -2.482  1.00 10.05 ? 14  GLU A CD  1 
ATOM   104  O OE1 . GLU A 1 17 ? -11.636 -1.970  -3.281  1.00 11.38 ? 14  GLU A OE1 1 
ATOM   105  O OE2 . GLU A 1 17 ? -12.089 -3.289  -1.589  1.00 11.50 ? 14  GLU A OE2 1 
ATOM   106  N N   . GLY A 1 18 ? -5.859  -1.841  -4.451  1.00 7.66  ? 15  GLY A N   1 
ATOM   107  C CA  . GLY A 1 18 ? -5.097  -1.300  -5.558  1.00 8.25  ? 15  GLY A CA  1 
ATOM   108  C C   . GLY A 1 18 ? -4.159  -2.336  -6.148  1.00 8.42  ? 15  GLY A C   1 
ATOM   109  O O   . GLY A 1 18 ? -3.618  -2.143  -7.241  1.00 9.51  ? 15  GLY A O   1 
ATOM   110  N N   . LEU A 1 19 ? -3.955  -3.432  -5.421  1.00 8.04  ? 16  LEU A N   1 
ATOM   111  C CA  . LEU A 1 19 ? -3.085  -4.509  -5.881  1.00 8.92  ? 16  LEU A CA  1 
ATOM   112  C C   . LEU A 1 19 ? -3.744  -5.264  -7.027  1.00 10.51 ? 16  LEU A C   1 
ATOM   113  O O   . LEU A 1 19 ? -4.969  -5.374  -7.089  1.00 9.90  ? 16  LEU A O   1 
ATOM   114  C CB  . LEU A 1 19 ? -2.792  -5.479  -4.735  1.00 9.10  ? 16  LEU A CB  1 
ATOM   115  C CG  . LEU A 1 19 ? -1.943  -4.904  -3.601  1.00 9.62  ? 16  LEU A CG  1 
ATOM   116  C CD1 . LEU A 1 19 ? -1.919  -5.867  -2.435  1.00 11.57 ? 16  LEU A CD1 1 
ATOM   117  C CD2 . LEU A 1 19 ? -0.535  -4.627  -4.110  1.00 10.45 ? 16  LEU A CD2 1 
ATOM   118  N N   . PRO A 1 20 ? -2.938  -5.794  -7.958  1.00 10.34 ? 17  PRO A N   1 
ATOM   119  C CA  . PRO A 1 20 ? -3.498  -6.537  -9.088  1.00 10.09 ? 17  PRO A CA  1 
ATOM   120  C C   . PRO A 1 20 ? -4.125  -7.849  -8.614  1.00 9.65  ? 17  PRO A C   1 
ATOM   121  O O   . PRO A 1 20 ? -3.619  -8.483  -7.688  1.00 10.31 ? 17  PRO A O   1 
ATOM   122  C CB  . PRO A 1 20 ? -2.279  -6.761  -9.981  1.00 10.62 ? 17  PRO A CB  1 
ATOM   123  C CG  . PRO A 1 20 ? -1.173  -6.916  -8.985  1.00 11.33 ? 17  PRO A CG  1 
ATOM   124  C CD  . PRO A 1 20 ? -1.464  -5.807  -7.991  1.00 10.49 ? 17  PRO A CD  1 
ATOM   125  N N   . HIS A 1 21 ? -5.230  -8.236  -9.247  1.00 11.36 ? 18  HIS A N   1 
ATOM   126  C CA  . HIS A 1 21 ? -5.939  -9.475  -8.913  1.00 11.73 ? 18  HIS A CA  1 
ATOM   127  C C   . HIS A 1 21 ? -6.692  -9.411  -7.590  1.00 11.48 ? 18  HIS A C   1 
ATOM   128  O O   . HIS A 1 21 ? -7.353  -10.373 -7.207  1.00 13.22 ? 18  HIS A O   1 
ATOM   129  C CB  . HIS A 1 21 ? -4.963  -10.655 -8.840  1.00 16.47 ? 18  HIS A CB  1 
ATOM   130  C CG  . HIS A 1 21 ? -4.211  -10.906 -10.108 1.00 19.20 ? 18  HIS A CG  1 
ATOM   131  N ND1 . HIS A 1 21 ? -4.794  -11.477 -11.220 1.00 21.81 ? 18  HIS A ND1 1 
ATOM   132  C CD2 . HIS A 1 21 ? -2.921  -10.667 -10.439 1.00 19.84 ? 18  HIS A CD2 1 
ATOM   133  C CE1 . HIS A 1 21 ? -3.894  -11.579 -12.180 1.00 21.74 ? 18  HIS A CE1 1 
ATOM   134  N NE2 . HIS A 1 21 ? -2.749  -11.095 -11.733 1.00 22.68 ? 18  HIS A NE2 1 
ATOM   135  N N   . VAL A 1 22 ? -6.603  -8.283  -6.895  1.00 8.82  ? 19  VAL A N   1 
ATOM   136  C CA  . VAL A 1 22 ? -7.250  -8.155  -5.596  1.00 9.26  ? 19  VAL A CA  1 
ATOM   137  C C   . VAL A 1 22 ? -8.575  -7.412  -5.606  1.00 10.14 ? 19  VAL A C   1 
ATOM   138  O O   . VAL A 1 22 ? -8.638  -6.205  -5.854  1.00 10.46 ? 19  VAL A O   1 
ATOM   139  C CB  . VAL A 1 22 ? -6.290  -7.496  -4.584  1.00 7.87  ? 19  VAL A CB  1 
ATOM   140  C CG1 . VAL A 1 22 ? -6.936  -7.422  -3.206  1.00 8.68  ? 19  VAL A CG1 1 
ATOM   141  C CG2 . VAL A 1 22 ? -5.001  -8.307  -4.507  1.00 9.99  ? 19  VAL A CG2 1 
ATOM   142  N N   . SER A 1 23 ? -9.626  -8.172  -5.323  1.00 10.99 ? 20  SER A N   1 
ATOM   143  C CA  . SER A 1 23 ? -11.005 -7.706  -5.260  1.00 11.92 ? 20  SER A CA  1 
ATOM   144  C C   . SER A 1 23 ? -11.308 -7.253  -3.838  1.00 10.17 ? 20  SER A C   1 
ATOM   145  O O   . SER A 1 23 ? -10.448 -7.320  -2.968  1.00 8.66  ? 20  SER A O   1 
ATOM   146  C CB  . SER A 1 23 ? -11.935 -8.870  -5.598  1.00 12.32 ? 20  SER A CB  1 
ATOM   147  O OG  . SER A 1 23 ? -11.698 -9.951  -4.697  1.00 15.87 ? 20  SER A OG  1 
ATOM   148  N N   . ALA A 1 24 ? -12.538 -6.810  -3.595  1.00 8.60  ? 21  ALA A N   1 
ATOM   149  C CA  . ALA A 1 24 ? -12.922 -6.399  -2.251  1.00 9.00  ? 21  ALA A CA  1 
ATOM   150  C C   . ALA A 1 24 ? -12.801 -7.593  -1.306  1.00 9.07  ? 21  ALA A C   1 
ATOM   151  O O   . ALA A 1 24 ? -12.304 -7.460  -0.185  1.00 8.80  ? 21  ALA A O   1 
ATOM   152  C CB  . ALA A 1 24 ? -14.357 -5.876  -2.246  1.00 9.68  ? 21  ALA A CB  1 
ATOM   153  N N   . THR A 1 25 ? -13.238 -8.762  -1.764  1.00 9.52  ? 22  THR A N   1 
ATOM   154  C CA  . THR A 1 25 ? -13.191 -9.963  -0.939  1.00 10.56 ? 22  THR A CA  1 
ATOM   155  C C   . THR A 1 25 ? -11.765 -10.383 -0.602  1.00 9.10  ? 22  THR A C   1 
ATOM   156  O O   . THR A 1 25 ? -11.465 -10.682 0.553   1.00 9.46  ? 22  THR A O   1 
ATOM   157  C CB  . THR A 1 25 ? -13.930 -11.132 -1.622  1.00 12.39 ? 22  THR A CB  1 
ATOM   158  O OG1 . THR A 1 25 ? -15.300 -10.765 -1.825  1.00 15.11 ? 22  THR A OG1 1 
ATOM   159  C CG2 . THR A 1 25 ? -13.877 -12.386 -0.761  1.00 13.34 ? 22  THR A CG2 1 
ATOM   160  N N   . LEU A 1 26 ? -10.882 -10.410 -1.596  1.00 8.89  ? 23  LEU A N   1 
ATOM   161  C CA  . LEU A 1 26 ? -9.501  -10.796 -1.332  1.00 7.77  ? 23  LEU A CA  1 
ATOM   162  C C   . LEU A 1 26 ? -8.784  -9.739  -0.490  1.00 7.46  ? 23  LEU A C   1 
ATOM   163  O O   . LEU A 1 26 ? -7.906  -10.070 0.304   1.00 7.78  ? 23  LEU A O   1 
ATOM   164  C CB  . LEU A 1 26 ? -8.741  -11.043 -2.642  1.00 10.10 ? 23  LEU A CB  1 
ATOM   165  C CG  . LEU A 1 26 ? -7.304  -11.575 -2.517  1.00 11.39 ? 23  LEU A CG  1 
ATOM   166  C CD1 . LEU A 1 26 ? -7.272  -12.815 -1.632  1.00 12.78 ? 23  LEU A CD1 1 
ATOM   167  C CD2 . LEU A 1 26 ? -6.755  -11.901 -3.900  1.00 13.37 ? 23  LEU A CD2 1 
ATOM   168  N N   . ALA A 1 27 ? -9.155  -8.472  -0.649  1.00 6.70  ? 24  ALA A N   1 
ATOM   169  C CA  . ALA A 1 27 ? -8.527  -7.416  0.137   1.00 6.86  ? 24  ALA A CA  1 
ATOM   170  C C   . ALA A 1 27 ? -8.878  -7.612  1.607   1.00 7.70  ? 24  ALA A C   1 
ATOM   171  O O   . ALA A 1 27 ? -8.012  -7.504  2.477   1.00 7.53  ? 24  ALA A O   1 
ATOM   172  C CB  . ALA A 1 27 ? -8.990  -6.046  -0.341  1.00 7.01  ? 24  ALA A CB  1 
ATOM   173  N N   . ARG A 1 28 ? -10.146 -7.899  1.886   1.00 7.46  ? 25  ARG A N   1 
ATOM   174  C CA  . ARG A 1 28 ? -10.569 -8.126  3.264   1.00 8.03  ? 25  ARG A CA  1 
ATOM   175  C C   . ARG A 1 28 ? -9.845  -9.347  3.822   1.00 7.88  ? 25  ARG A C   1 
ATOM   176  O O   . ARG A 1 28 ? -9.380  -9.333  4.964   1.00 7.76  ? 25  ARG A O   1 
ATOM   177  C CB  . ARG A 1 28 ? -12.078 -8.372  3.352   1.00 9.81  ? 25  ARG A CB  1 
ATOM   178  C CG  . ARG A 1 28 ? -12.962 -7.165  3.089   1.00 15.18 ? 25  ARG A CG  1 
ATOM   179  C CD  . ARG A 1 28 ? -14.362 -7.409  3.655   1.00 19.66 ? 25  ARG A CD  1 
ATOM   180  N NE  . ARG A 1 28 ? -14.960 -8.646  3.155   1.00 23.40 ? 25  ARG A NE  1 
ATOM   181  C CZ  . ARG A 1 28 ? -15.489 -8.789  1.943   1.00 24.47 ? 25  ARG A CZ  1 
ATOM   182  N NH1 . ARG A 1 28 ? -15.501 -7.768  1.096   1.00 26.26 ? 25  ARG A NH1 1 
ATOM   183  N NH2 . ARG A 1 28 ? -16.001 -9.956  1.577   1.00 25.51 ? 25  ARG A NH2 1 
ATOM   184  N N   . ARG A 1 29 ? -9.757  -10.403 3.019   1.00 7.60  ? 26  ARG A N   1 
ATOM   185  C CA  . ARG A 1 29 ? -9.095  -11.628 3.453   1.00 8.02  ? 26  ARG A CA  1 
ATOM   186  C C   . ARG A 1 29 ? -7.634  -11.355 3.780   1.00 7.92  ? 26  ARG A C   1 
ATOM   187  O O   . ARG A 1 29 ? -7.120  -11.824 4.791   1.00 8.38  ? 26  ARG A O   1 
ATOM   188  C CB  . ARG A 1 29 ? -9.200  -12.709 2.375   1.00 8.76  ? 26  ARG A CB  1 
ATOM   189  C CG  . ARG A 1 29 ? -8.629  -14.062 2.800   1.00 10.33 ? 26  ARG A CG  1 
ATOM   190  C CD  . ARG A 1 29 ? -8.920  -15.125 1.757   1.00 12.45 ? 26  ARG A CD  1 
ATOM   191  N NE  . ARG A 1 29 ? -10.359 -15.263 1.560   1.00 12.76 ? 26  ARG A NE  1 
ATOM   192  C CZ  . ARG A 1 29 ? -10.948 -15.368 0.373   1.00 13.24 ? 26  ARG A CZ  1 
ATOM   193  N NH1 . ARG A 1 29 ? -10.222 -15.358 -0.737  1.00 14.59 ? 26  ARG A NH1 1 
ATOM   194  N NH2 . ARG A 1 29 ? -12.269 -15.455 0.297   1.00 15.53 ? 26  ARG A NH2 1 
ATOM   195  N N   . LEU A 1 30 ? -6.966  -10.590 2.925   1.00 6.68  ? 27  LEU A N   1 
ATOM   196  C CA  . LEU A 1 30 ? -5.568  -10.251 3.145   1.00 5.88  ? 27  LEU A CA  1 
ATOM   197  C C   . LEU A 1 30 ? -5.381  -9.448  4.429   1.00 6.44  ? 27  LEU A C   1 
ATOM   198  O O   . LEU A 1 30 ? -4.477  -9.726  5.221   1.00 6.54  ? 27  LEU A O   1 
ATOM   199  C CB  . LEU A 1 30 ? -5.029  -9.452  1.954   1.00 7.13  ? 27  LEU A CB  1 
ATOM   200  C CG  . LEU A 1 30 ? -4.633  -10.279 0.729   1.00 7.44  ? 27  LEU A CG  1 
ATOM   201  C CD1 . LEU A 1 30 ? -4.470  -9.369  -0.477  1.00 8.81  ? 27  LEU A CD1 1 
ATOM   202  C CD2 . LEU A 1 30 ? -3.342  -11.033 1.019   1.00 9.41  ? 27  LEU A CD2 1 
ATOM   203  N N   . LEU A 1 31 ? -6.225  -8.442  4.629   1.00 5.71  ? 28  LEU A N   1 
ATOM   204  C CA  . LEU A 1 31 ? -6.131  -7.606  5.818   1.00 5.61  ? 28  LEU A CA  1 
ATOM   205  C C   . LEU A 1 31 ? -6.429  -8.385  7.093   1.00 6.66  ? 28  LEU A C   1 
ATOM   206  O O   . LEU A 1 31 ? -5.773  -8.174  8.112   1.00 7.83  ? 28  LEU A O   1 
ATOM   207  C CB  . LEU A 1 31 ? -7.058  -6.397  5.680   1.00 7.65  ? 28  LEU A CB  1 
ATOM   208  C CG  . LEU A 1 31 ? -6.484  -5.314  4.759   1.00 6.85  ? 28  LEU A CG  1 
ATOM   209  C CD1 . LEU A 1 31 ? -7.588  -4.392  4.275   1.00 7.08  ? 28  LEU A CD1 1 
ATOM   210  C CD2 . LEU A 1 31 ? -5.401  -4.537  5.508   1.00 6.54  ? 28  LEU A CD2 1 
ATOM   211  N N   . LYS A 1 32 ? -7.405  -9.282  7.039   1.00 7.39  ? 29  LYS A N   1 
ATOM   212  C CA  . LYS A 1 32 ? -7.729  -10.087 8.213   1.00 7.83  ? 29  LYS A CA  1 
ATOM   213  C C   . LYS A 1 32 ? -6.604  -11.074 8.507   1.00 8.37  ? 29  LYS A C   1 
ATOM   214  O O   . LYS A 1 32 ? -6.294  -11.350 9.665   1.00 9.05  ? 29  LYS A O   1 
ATOM   215  C CB  . LYS A 1 32 ? -9.038  -10.847 7.998   1.00 9.27  ? 29  LYS A CB  1 
ATOM   216  C CG  . LYS A 1 32 ? -10.267 -9.962  8.029   1.00 10.91 ? 29  LYS A CG  1 
ATOM   217  C CD  . LYS A 1 32 ? -11.527 -10.764 7.738   1.00 15.22 ? 29  LYS A CD  1 
ATOM   218  C CE  . LYS A 1 32 ? -12.769 -9.893  7.804   1.00 18.39 ? 29  LYS A CE  1 
ATOM   219  N NZ  . LYS A 1 32 ? -14.015 -10.676 7.567   1.00 23.15 ? 29  LYS A NZ  1 
ATOM   220  N N   . HIS A 1 33 ? -5.984  -11.590 7.451   1.00 8.32  ? 30  HIS A N   1 
ATOM   221  C CA  . HIS A 1 33 ? -4.903  -12.560 7.579   1.00 8.33  ? 30  HIS A CA  1 
ATOM   222  C C   . HIS A 1 33 ? -3.640  -11.939 8.171   1.00 8.62  ? 30  HIS A C   1 
ATOM   223  O O   . HIS A 1 33 ? -3.117  -12.400 9.192   1.00 11.17 ? 30  HIS A O   1 
ATOM   224  C CB  . HIS A 1 33 ? -4.586  -13.145 6.197   1.00 8.77  ? 30  HIS A CB  1 
ATOM   225  C CG  . HIS A 1 33 ? -3.580  -14.254 6.216   1.00 9.24  ? 30  HIS A CG  1 
ATOM   226  N ND1 . HIS A 1 33 ? -3.937  -15.586 6.184   1.00 11.06 ? 30  HIS A ND1 1 
ATOM   227  C CD2 . HIS A 1 33 ? -2.226  -14.228 6.233   1.00 10.92 ? 30  HIS A CD2 1 
ATOM   228  C CE1 . HIS A 1 33 ? -2.846  -16.331 6.179   1.00 11.00 ? 30  HIS A CE1 1 
ATOM   229  N NE2 . HIS A 1 33 ? -1.794  -15.532 6.208   1.00 11.81 ? 30  HIS A NE2 1 
ATOM   230  N N   . PHE A 1 34 ? -3.156  -10.878 7.532   1.00 7.66  ? 31  PHE A N   1 
ATOM   231  C CA  . PHE A 1 34 ? -1.936  -10.218 7.968   1.00 6.75  ? 31  PHE A CA  1 
ATOM   232  C C   . PHE A 1 34 ? -2.092  -9.180  9.068   1.00 6.89  ? 31  PHE A C   1 
ATOM   233  O O   . PHE A 1 34 ? -1.130  -8.900  9.786   1.00 9.71  ? 31  PHE A O   1 
ATOM   234  C CB  . PHE A 1 34 ? -1.219  -9.645  6.748   1.00 7.64  ? 31  PHE A CB  1 
ATOM   235  C CG  . PHE A 1 34 ? -0.688  -10.707 5.829   1.00 8.41  ? 31  PHE A CG  1 
ATOM   236  C CD1 . PHE A 1 34 ? 0.405   -11.473 6.212   1.00 8.53  ? 31  PHE A CD1 1 
ATOM   237  C CD2 . PHE A 1 34 ? -1.319  -10.997 4.620   1.00 9.27  ? 31  PHE A CD2 1 
ATOM   238  C CE1 . PHE A 1 34 ? 0.868   -12.516 5.412   1.00 9.40  ? 31  PHE A CE1 1 
ATOM   239  C CE2 . PHE A 1 34 ? -0.863  -12.042 3.809   1.00 9.36  ? 31  PHE A CE2 1 
ATOM   240  C CZ  . PHE A 1 34 ? 0.232   -12.802 4.209   1.00 10.01 ? 31  PHE A CZ  1 
ATOM   241  N N   . GLY A 1 35 ? -3.282  -8.597  9.191   1.00 6.85  ? 32  GLY A N   1 
ATOM   242  C CA  . GLY A 1 35 ? -3.526  -7.655  10.275  1.00 6.96  ? 32  GLY A CA  1 
ATOM   243  C C   . GLY A 1 35 ? -3.382  -6.157  10.098  1.00 6.87  ? 32  GLY A C   1 
ATOM   244  O O   . GLY A 1 35 ? -3.880  -5.398  10.926  1.00 8.48  ? 32  GLY A O   1 
ATOM   245  N N   . SER A 1 36 ? -2.701  -5.722  9.047   1.00 7.23  ? 33  SER A N   1 
ATOM   246  C CA  . SER A 1 36 ? -2.520  -4.294  8.803   1.00 7.34  ? 33  SER A CA  1 
ATOM   247  C C   . SER A 1 36 ? -2.074  -4.124  7.370   1.00 7.13  ? 33  SER A C   1 
ATOM   248  O O   . SER A 1 36 ? -1.627  -5.077  6.737   1.00 6.97  ? 33  SER A O   1 
ATOM   249  C CB  . SER A 1 36 ? -1.449  -3.711  9.731   1.00 8.39  ? 33  SER A CB  1 
ATOM   250  O OG  . SER A 1 36 ? -0.173  -4.249  9.430   1.00 9.19  ? 33  SER A OG  1 
ATOM   251  N N   . VAL A 1 37 ? -2.199  -2.908  6.857   1.00 6.09  ? 34  VAL A N   1 
ATOM   252  C CA  . VAL A 1 37 ? -1.772  -2.635  5.495   1.00 6.32  ? 34  VAL A CA  1 
ATOM   253  C C   . VAL A 1 37 ? -0.278  -2.930  5.363   1.00 6.07  ? 34  VAL A C   1 
ATOM   254  O O   . VAL A 1 37 ? 0.154   -3.574  4.409   1.00 7.37  ? 34  VAL A O   1 
ATOM   255  C CB  . VAL A 1 37 ? -2.042  -1.159  5.121   1.00 6.46  ? 34  VAL A CB  1 
ATOM   256  C CG1 . VAL A 1 37 ? -1.365  -0.813  3.808   1.00 7.97  ? 34  VAL A CG1 1 
ATOM   257  C CG2 . VAL A 1 37 ? -3.539  -0.923  5.011   1.00 7.51  ? 34  VAL A CG2 1 
ATOM   258  N N   . GLU A 1 38 ? 0.512   -2.481  6.331   1.00 6.51  ? 35  GLU A N   1 
ATOM   259  C CA  . GLU A 1 38 ? 1.949   -2.704  6.268   1.00 7.62  ? 35  GLU A CA  1 
ATOM   260  C C   . GLU A 1 38 ? 2.305   -4.182  6.151   1.00 6.81  ? 35  GLU A C   1 
ATOM   261  O O   . GLU A 1 38 ? 3.155   -4.559  5.342   1.00 7.94  ? 35  GLU A O   1 
ATOM   262  C CB  . GLU A 1 38 ? 2.641   -2.101  7.496   1.00 9.90  ? 35  GLU A CB  1 
ATOM   263  C CG  . GLU A 1 38 ? 4.163   -2.174  7.415   1.00 11.75 ? 35  GLU A CG  1 
ATOM   264  C CD  . GLU A 1 38 ? 4.855   -1.570  8.620   1.00 13.44 ? 35  GLU A CD  1 
ATOM   265  O OE1 . GLU A 1 38 ? 4.455   -1.888  9.762   1.00 16.94 ? 35  GLU A OE1 1 
ATOM   266  O OE2 . GLU A 1 38 ? 5.806   -0.783  8.421   1.00 15.08 ? 35  GLU A OE2 1 
ATOM   267  N N   . ARG A 1 39 ? 1.659   -5.024  6.952   1.00 7.78  ? 36  ARG A N   1 
ATOM   268  C CA  . ARG A 1 39 ? 1.962   -6.446  6.907   1.00 7.54  ? 36  ARG A CA  1 
ATOM   269  C C   . ARG A 1 39 ? 1.519   -7.124  5.616   1.00 7.46  ? 36  ARG A C   1 
ATOM   270  O O   . ARG A 1 39 ? 2.145   -8.085  5.175   1.00 8.73  ? 36  ARG A O   1 
ATOM   271  C CB  . ARG A 1 39 ? 1.386   -7.151  8.137   1.00 8.25  ? 36  ARG A CB  1 
ATOM   272  C CG  . ARG A 1 39 ? 2.170   -6.813  9.403   1.00 13.45 ? 36  ARG A CG  1 
ATOM   273  C CD  . ARG A 1 39 ? 1.711   -7.621  10.606  1.00 18.99 ? 36  ARG A CD  1 
ATOM   274  N NE  . ARG A 1 39 ? 0.390   -7.215  11.073  1.00 25.47 ? 36  ARG A NE  1 
ATOM   275  C CZ  . ARG A 1 39 ? 0.118   -6.033  11.616  1.00 27.39 ? 36  ARG A CZ  1 
ATOM   276  N NH1 . ARG A 1 39 ? 1.077   -5.129  11.767  1.00 30.08 ? 36  ARG A NH1 1 
ATOM   277  N NH2 . ARG A 1 39 ? -1.116  -5.755  12.006  1.00 29.47 ? 36  ARG A NH2 1 
ATOM   278  N N   . VAL A 1 40 ? 0.452   -6.629  4.999   1.00 6.69  ? 37  VAL A N   1 
ATOM   279  C CA  . VAL A 1 40 ? 0.020   -7.190  3.727   1.00 7.66  ? 37  VAL A CA  1 
ATOM   280  C C   . VAL A 1 40 ? 1.100   -6.854  2.695   1.00 8.04  ? 37  VAL A C   1 
ATOM   281  O O   . VAL A 1 40 ? 1.514   -7.705  1.906   1.00 8.63  ? 37  VAL A O   1 
ATOM   282  C CB  . VAL A 1 40 ? -1.310  -6.562  3.236   1.00 6.62  ? 37  VAL A CB  1 
ATOM   283  C CG1 . VAL A 1 40 ? -1.593  -6.999  1.804   1.00 8.02  ? 37  VAL A CG1 1 
ATOM   284  C CG2 . VAL A 1 40 ? -2.454  -6.979  4.143   1.00 7.95  ? 37  VAL A CG2 1 
ATOM   285  N N   . PHE A 1 41 ? 1.579   -5.613  2.733   1.00 7.26  ? 38  PHE A N   1 
ATOM   286  C CA  . PHE A 1 41 ? 2.574   -5.147  1.774   1.00 7.58  ? 38  PHE A CA  1 
ATOM   287  C C   . PHE A 1 41 ? 4.015   -5.594  1.997   1.00 9.55  ? 38  PHE A C   1 
ATOM   288  O O   . PHE A 1 41 ? 4.880   -5.324  1.162   1.00 9.92  ? 38  PHE A O   1 
ATOM   289  C CB  . PHE A 1 41 ? 2.504   -3.618  1.660   1.00 8.71  ? 38  PHE A CB  1 
ATOM   290  C CG  . PHE A 1 41 ? 1.372   -3.128  0.789   1.00 7.03  ? 38  PHE A CG  1 
ATOM   291  C CD1 . PHE A 1 41 ? 1.615   -2.716  -0.520  1.00 10.10 ? 38  PHE A CD1 1 
ATOM   292  C CD2 . PHE A 1 41 ? 0.062   -3.108  1.264   1.00 10.52 ? 38  PHE A CD2 1 
ATOM   293  C CE1 . PHE A 1 41 ? 0.570   -2.291  -1.341  1.00 11.45 ? 38  PHE A CE1 1 
ATOM   294  C CE2 . PHE A 1 41 ? -0.988  -2.687  0.451   1.00 10.57 ? 38  PHE A CE2 1 
ATOM   295  C CZ  . PHE A 1 41 ? -0.734  -2.277  -0.851  1.00 10.47 ? 38  PHE A CZ  1 
ATOM   296  N N   . THR A 1 42 ? 4.287   -6.271  3.108   1.00 8.88  ? 39  THR A N   1 
ATOM   297  C CA  . THR A 1 42 ? 5.645   -6.758  3.349   1.00 9.41  ? 39  THR A CA  1 
ATOM   298  C C   . THR A 1 42 ? 5.681   -8.280  3.343   1.00 10.41 ? 39  THR A C   1 
ATOM   299  O O   . THR A 1 42 ? 6.738   -8.883  3.529   1.00 11.84 ? 39  THR A O   1 
ATOM   300  C CB  . THR A 1 42 ? 6.237   -6.248  4.686   1.00 8.64  ? 39  THR A CB  1 
ATOM   301  O OG1 . THR A 1 42 ? 5.359   -6.582  5.768   1.00 9.99  ? 39  THR A OG1 1 
ATOM   302  C CG2 . THR A 1 42 ? 6.452   -4.743  4.634   1.00 11.06 ? 39  THR A CG2 1 
ATOM   303  N N   . ALA A 1 43 ? 4.523   -8.898  3.122   1.00 9.48  ? 40  ALA A N   1 
ATOM   304  C CA  . ALA A 1 43 ? 4.425   -10.352 3.078   1.00 10.16 ? 40  ALA A CA  1 
ATOM   305  C C   . ALA A 1 43 ? 5.181   -10.890 1.866   1.00 10.57 ? 40  ALA A C   1 
ATOM   306  O O   . ALA A 1 43 ? 5.102   -10.327 0.776   1.00 11.21 ? 40  ALA A O   1 
ATOM   307  C CB  . ALA A 1 43 ? 2.961   -10.771 3.005   1.00 11.20 ? 40  ALA A CB  1 
ATOM   308  N N   . SER A 1 44 ? 5.906   -11.988 2.060   1.00 11.59 ? 41  SER A N   1 
ATOM   309  C CA  . SER A 1 44 ? 6.673   -12.596 0.979   1.00 12.05 ? 41  SER A CA  1 
ATOM   310  C C   . SER A 1 44 ? 5.750   -13.380 0.054   1.00 12.29 ? 41  SER A C   1 
ATOM   311  O O   . SER A 1 44 ? 4.572   -13.577 0.351   1.00 12.85 ? 41  SER A O   1 
ATOM   312  C CB  . SER A 1 44 ? 7.722   -13.552 1.547   1.00 13.58 ? 41  SER A CB  1 
ATOM   313  O OG  . SER A 1 44 ? 7.094   -14.693 2.099   1.00 14.65 ? 41  SER A OG  1 
ATOM   314  N N   . VAL A 1 45 ? 6.298   -13.831 -1.067  1.00 12.82 ? 42  VAL A N   1 
ATOM   315  C CA  . VAL A 1 45 ? 5.533   -14.615 -2.023  1.00 13.85 ? 42  VAL A CA  1 
ATOM   316  C C   . VAL A 1 45 ? 4.968   -15.854 -1.333  1.00 14.55 ? 42  VAL A C   1 
ATOM   317  O O   . VAL A 1 45 ? 3.787   -16.168 -1.467  1.00 14.85 ? 42  VAL A O   1 
ATOM   318  C CB  . VAL A 1 45 ? 6.422   -15.052 -3.211  1.00 15.24 ? 42  VAL A CB  1 
ATOM   319  C CG1 . VAL A 1 45 ? 5.688   -16.066 -4.076  1.00 16.78 ? 42  VAL A CG1 1 
ATOM   320  C CG2 . VAL A 1 45 ? 6.803   -13.841 -4.035  1.00 17.03 ? 42  VAL A CG2 1 
ATOM   321  N N   . ALA A 1 46 ? 5.822   -16.547 -0.586  1.00 14.86 ? 43  ALA A N   1 
ATOM   322  C CA  . ALA A 1 46 ? 5.416   -17.754 0.125   1.00 15.52 ? 43  ALA A CA  1 
ATOM   323  C C   . ALA A 1 46 ? 4.309   -17.486 1.137   1.00 14.39 ? 43  ALA A C   1 
ATOM   324  O O   . ALA A 1 46 ? 3.398   -18.296 1.298   1.00 15.91 ? 43  ALA A O   1 
ATOM   325  C CB  . ALA A 1 46 ? 6.623   -18.377 0.822   1.00 16.46 ? 43  ALA A CB  1 
ATOM   326  N N   . GLU A 1 47 ? 4.385   -16.350 1.823   1.00 13.42 ? 44  GLU A N   1 
ATOM   327  C CA  . GLU A 1 47 ? 3.371   -16.005 2.811   1.00 12.41 ? 44  GLU A CA  1 
ATOM   328  C C   . GLU A 1 47 ? 2.043   -15.640 2.144   1.00 11.88 ? 44  GLU A C   1 
ATOM   329  O O   . GLU A 1 47 ? 0.979   -16.009 2.635   1.00 10.81 ? 44  GLU A O   1 
ATOM   330  C CB  . GLU A 1 47 ? 3.863   -14.850 3.688   1.00 12.55 ? 44  GLU A CB  1 
ATOM   331  C CG  . GLU A 1 47 ? 5.095   -15.207 4.515   1.00 17.02 ? 44  GLU A CG  1 
ATOM   332  C CD  . GLU A 1 47 ? 5.583   -14.057 5.378   1.00 19.81 ? 44  GLU A CD  1 
ATOM   333  O OE1 . GLU A 1 47 ? 5.870   -12.974 4.829   1.00 20.82 ? 44  GLU A OE1 1 
ATOM   334  O OE2 . GLU A 1 47 ? 5.681   -14.239 6.610   1.00 24.82 ? 44  GLU A OE2 1 
ATOM   335  N N   . LEU A 1 48 ? 2.110   -14.919 1.028   1.00 12.56 ? 45  LEU A N   1 
ATOM   336  C CA  . LEU A 1 48 ? 0.896   -14.541 0.309   1.00 11.63 ? 45  LEU A CA  1 
ATOM   337  C C   . LEU A 1 48 ? 0.184   -15.783 -0.219  1.00 12.53 ? 45  LEU A C   1 
ATOM   338  O O   . LEU A 1 48 ? -1.043  -15.848 -0.216  1.00 12.03 ? 45  LEU A O   1 
ATOM   339  C CB  . LEU A 1 48 ? 1.226   -13.614 -0.862  1.00 10.95 ? 45  LEU A CB  1 
ATOM   340  C CG  . LEU A 1 48 ? 1.645   -12.177 -0.545  1.00 8.74  ? 45  LEU A CG  1 
ATOM   341  C CD1 . LEU A 1 48 ? 2.114   -11.515 -1.832  1.00 10.92 ? 45  LEU A CD1 1 
ATOM   342  C CD2 . LEU A 1 48 ? 0.479   -11.399 0.067   1.00 9.23  ? 45  LEU A CD2 1 
ATOM   343  N N   . MET A 1 49 ? 0.964   -16.767 -0.662  1.00 12.57 ? 46  MET A N   1 
ATOM   344  C CA  . MET A 1 49 ? 0.410   -18.007 -1.201  1.00 13.61 ? 46  MET A CA  1 
ATOM   345  C C   . MET A 1 49 ? -0.378  -18.825 -0.179  1.00 13.91 ? 46  MET A C   1 
ATOM   346  O O   . MET A 1 49 ? -1.121  -19.732 -0.550  1.00 14.40 ? 46  MET A O   1 
ATOM   347  C CB  . MET A 1 49 ? 1.532   -18.867 -1.794  1.00 15.91 ? 46  MET A CB  1 
ATOM   348  C CG  . MET A 1 49 ? 2.104   -18.317 -3.096  1.00 17.76 ? 46  MET A CG  1 
ATOM   349  S SD  . MET A 1 49 ? 3.523   -19.251 -3.702  1.00 22.10 ? 46  MET A SD  1 
ATOM   350  C CE  . MET A 1 49 ? 2.716   -20.711 -4.381  1.00 23.20 ? 46  MET A CE  1 
ATOM   351  N N   . LYS A 1 50 ? -0.218  -18.510 1.103   1.00 14.27 ? 47  LYS A N   1 
ATOM   352  C CA  . LYS A 1 50 ? -0.945  -19.221 2.154   1.00 14.79 ? 47  LYS A CA  1 
ATOM   353  C C   . LYS A 1 50 ? -2.393  -18.742 2.205   1.00 14.00 ? 47  LYS A C   1 
ATOM   354  O O   . LYS A 1 50 ? -3.254  -19.390 2.795   1.00 15.00 ? 47  LYS A O   1 
ATOM   355  C CB  . LYS A 1 50 ? -0.293  -18.976 3.520   1.00 16.86 ? 47  LYS A CB  1 
ATOM   356  C CG  . LYS A 1 50 ? 1.122   -19.513 3.659   1.00 20.85 ? 47  LYS A CG  1 
ATOM   357  C CD  . LYS A 1 50 ? 1.138   -21.030 3.703   1.00 24.04 ? 47  LYS A CD  1 
ATOM   358  C CE  . LYS A 1 50 ? 2.537   -21.554 3.985   1.00 25.95 ? 47  LYS A CE  1 
ATOM   359  N NZ  . LYS A 1 50 ? 2.565   -23.040 4.085   1.00 29.27 ? 47  LYS A NZ  1 
ATOM   360  N N   . VAL A 1 51 ? -2.650  -17.596 1.584   1.00 12.64 ? 48  VAL A N   1 
ATOM   361  C CA  . VAL A 1 51 ? -3.986  -17.016 1.562   1.00 11.24 ? 48  VAL A CA  1 
ATOM   362  C C   . VAL A 1 51 ? -4.836  -17.637 0.455   1.00 10.02 ? 48  VAL A C   1 
ATOM   363  O O   . VAL A 1 51 ? -4.383  -17.785 -0.681  1.00 10.66 ? 48  VAL A O   1 
ATOM   364  C CB  . VAL A 1 51 ? -3.908  -15.483 1.351   1.00 9.93  ? 48  VAL A CB  1 
ATOM   365  C CG1 . VAL A 1 51 ? -5.304  -14.882 1.301   1.00 10.35 ? 48  VAL A CG1 1 
ATOM   366  C CG2 . VAL A 1 51 ? -3.098  -14.849 2.475   1.00 11.62 ? 48  VAL A CG2 1 
ATOM   367  N N   . GLU A 1 52 ? -6.068  -18.005 0.793   1.00 10.50 ? 49  GLU A N   1 
ATOM   368  C CA  . GLU A 1 52 ? -6.962  -18.605 -0.190  1.00 10.96 ? 49  GLU A CA  1 
ATOM   369  C C   . GLU A 1 52 ? -7.229  -17.631 -1.327  1.00 11.56 ? 49  GLU A C   1 
ATOM   370  O O   . GLU A 1 52 ? -7.563  -16.466 -1.100  1.00 12.80 ? 49  GLU A O   1 
ATOM   371  C CB  . GLU A 1 52 ? -8.282  -19.013 0.462   1.00 11.50 ? 49  GLU A CB  1 
ATOM   372  C CG  . GLU A 1 52 ? -9.286  -19.579 -0.531  1.00 14.19 ? 49  GLU A CG  1 
ATOM   373  C CD  . GLU A 1 52 ? -10.526 -20.128 0.137   1.00 18.22 ? 49  GLU A CD  1 
ATOM   374  O OE1 . GLU A 1 52 ? -10.865 -19.658 1.242   1.00 20.52 ? 49  GLU A OE1 1 
ATOM   375  O OE2 . GLU A 1 52 ? -11.169 -21.021 -0.453  1.00 20.79 ? 49  GLU A OE2 1 
ATOM   376  N N   . GLY A 1 53 ? -7.086  -18.124 -2.552  1.00 11.46 ? 50  GLY A N   1 
ATOM   377  C CA  . GLY A 1 53 ? -7.302  -17.294 -3.721  1.00 13.05 ? 50  GLY A CA  1 
ATOM   378  C C   . GLY A 1 53 ? -6.005  -16.790 -4.321  1.00 13.49 ? 50  GLY A C   1 
ATOM   379  O O   . GLY A 1 53 ? -6.004  -16.194 -5.398  1.00 14.61 ? 50  GLY A O   1 
ATOM   380  N N   . ILE A 1 54 ? -4.893  -17.024 -3.633  1.00 12.98 ? 51  ILE A N   1 
ATOM   381  C CA  . ILE A 1 54 ? -3.596  -16.577 -4.118  1.00 13.44 ? 51  ILE A CA  1 
ATOM   382  C C   . ILE A 1 54 ? -2.633  -17.732 -4.370  1.00 14.32 ? 51  ILE A C   1 
ATOM   383  O O   . ILE A 1 54 ? -2.239  -18.436 -3.442  1.00 14.92 ? 51  ILE A O   1 
ATOM   384  C CB  . ILE A 1 54 ? -2.934  -15.595 -3.118  1.00 12.80 ? 51  ILE A CB  1 
ATOM   385  C CG1 . ILE A 1 54 ? -3.781  -14.325 -2.999  1.00 14.00 ? 51  ILE A CG1 1 
ATOM   386  C CG2 . ILE A 1 54 ? -1.518  -15.263 -3.571  1.00 14.29 ? 51  ILE A CG2 1 
ATOM   387  C CD1 . ILE A 1 54 ? -3.228  -13.298 -2.019  1.00 12.70 ? 51  ILE A CD1 1 
ATOM   388  N N   . GLY A 1 55 ? -2.269  -17.919 -5.635  1.00 14.00 ? 52  GLY A N   1 
ATOM   389  C CA  . GLY A 1 55 ? -1.327  -18.957 -6.005  1.00 15.61 ? 52  GLY A CA  1 
ATOM   390  C C   . GLY A 1 55 ? 0.004   -18.291 -6.297  1.00 16.82 ? 52  GLY A C   1 
ATOM   391  O O   . GLY A 1 55 ? 0.162   -17.093 -6.061  1.00 16.26 ? 52  GLY A O   1 
ATOM   392  N N   . GLU A 1 56 ? 0.961   -19.051 -6.814  1.00 17.71 ? 53  GLU A N   1 
ATOM   393  C CA  . GLU A 1 56 ? 2.277   -18.502 -7.118  1.00 19.85 ? 53  GLU A CA  1 
ATOM   394  C C   . GLU A 1 56 ? 2.219   -17.342 -8.110  1.00 19.67 ? 53  GLU A C   1 
ATOM   395  O O   . GLU A 1 56 ? 2.883   -16.324 -7.921  1.00 19.68 ? 53  GLU A O   1 
ATOM   396  C CB  . GLU A 1 56 ? 3.188   -19.598 -7.673  1.00 21.99 ? 53  GLU A CB  1 
ATOM   397  C CG  . GLU A 1 56 ? 4.616   -19.142 -7.916  1.00 27.09 ? 53  GLU A CG  1 
ATOM   398  C CD  . GLU A 1 56 ? 5.473   -20.227 -8.534  1.00 29.44 ? 53  GLU A CD  1 
ATOM   399  O OE1 . GLU A 1 56 ? 5.172   -20.646 -9.671  1.00 32.61 ? 53  GLU A OE1 1 
ATOM   400  O OE2 . GLU A 1 56 ? 6.444   -20.662 -7.881  1.00 31.84 ? 53  GLU A OE2 1 
ATOM   401  N N   . LYS A 1 57 ? 1.421   -17.496 -9.161  1.00 20.02 ? 54  LYS A N   1 
ATOM   402  C CA  . LYS A 1 57 ? 1.295   -16.468 -10.189 1.00 20.16 ? 54  LYS A CA  1 
ATOM   403  C C   . LYS A 1 57 ? 0.808   -15.127 -9.645  1.00 19.10 ? 54  LYS A C   1 
ATOM   404  O O   . LYS A 1 57 ? 1.439   -14.093 -9.867  1.00 18.78 ? 54  LYS A O   1 
ATOM   405  C CB  . LYS A 1 57 ? 0.357   -16.952 -11.297 1.00 23.17 ? 54  LYS A CB  1 
ATOM   406  C CG  . LYS A 1 57 ? 0.785   -18.271 -11.924 1.00 28.14 ? 54  LYS A CG  1 
ATOM   407  C CD  . LYS A 1 57 ? -0.113  -18.664 -13.087 1.00 30.50 ? 54  LYS A CD  1 
ATOM   408  C CE  . LYS A 1 57 ? -0.004  -17.671 -14.235 1.00 32.32 ? 54  LYS A CE  1 
ATOM   409  N NZ  . LYS A 1 57 ? -0.811  -18.103 -15.409 1.00 33.75 ? 54  LYS A NZ  1 
ATOM   410  N N   . ILE A 1 58 ? -0.316  -15.143 -8.937  1.00 16.76 ? 55  ILE A N   1 
ATOM   411  C CA  . ILE A 1 58 ? -0.872  -13.919 -8.373  1.00 16.01 ? 55  ILE A CA  1 
ATOM   412  C C   . ILE A 1 58 ? 0.049   -13.330 -7.307  1.00 14.26 ? 55  ILE A C   1 
ATOM   413  O O   . ILE A 1 58 ? 0.237   -12.116 -7.240  1.00 14.07 ? 55  ILE A O   1 
ATOM   414  C CB  . ILE A 1 58 ? -2.267  -14.173 -7.757  1.00 16.42 ? 55  ILE A CB  1 
ATOM   415  C CG1 . ILE A 1 58 ? -3.256  -14.541 -8.866  1.00 18.57 ? 55  ILE A CG1 1 
ATOM   416  C CG2 . ILE A 1 58 ? -2.739  -12.942 -6.996  1.00 15.96 ? 55  ILE A CG2 1 
ATOM   417  C CD1 . ILE A 1 58 ? -4.640  -14.902 -8.364  1.00 18.52 ? 55  ILE A CD1 1 
ATOM   418  N N   . ALA A 1 59 ? 0.630   -14.191 -6.479  1.00 12.43 ? 56  ALA A N   1 
ATOM   419  C CA  . ALA A 1 59 ? 1.525   -13.730 -5.426  1.00 11.91 ? 56  ALA A CA  1 
ATOM   420  C C   . ALA A 1 59 ? 2.688   -12.937 -6.016  1.00 11.99 ? 56  ALA A C   1 
ATOM   421  O O   . ALA A 1 59 ? 3.041   -11.872 -5.514  1.00 12.03 ? 56  ALA A O   1 
ATOM   422  C CB  . ALA A 1 59 ? 2.052   -14.919 -4.626  1.00 12.33 ? 56  ALA A CB  1 
ATOM   423  N N   . LYS A 1 60 ? 3.281   -13.450 -7.087  1.00 13.04 ? 57  LYS A N   1 
ATOM   424  C CA  . LYS A 1 60 ? 4.404   -12.762 -7.710  1.00 12.60 ? 57  LYS A CA  1 
ATOM   425  C C   . LYS A 1 60 ? 4.000   -11.464 -8.400  1.00 12.61 ? 57  LYS A C   1 
ATOM   426  O O   . LYS A 1 60 ? 4.771   -10.506 -8.417  1.00 12.89 ? 57  LYS A O   1 
ATOM   427  C CB  . LYS A 1 60 ? 5.108   -13.684 -8.708  1.00 13.78 ? 57  LYS A CB  1 
ATOM   428  C CG  . LYS A 1 60 ? 5.854   -14.835 -8.057  1.00 16.96 ? 57  LYS A CG  1 
ATOM   429  C CD  . LYS A 1 60 ? 6.575   -15.670 -9.099  1.00 19.60 ? 57  LYS A CD  1 
ATOM   430  C CE  . LYS A 1 60 ? 7.374   -16.790 -8.456  1.00 21.94 ? 57  LYS A CE  1 
ATOM   431  N NZ  . LYS A 1 60 ? 8.090   -17.599 -9.478  1.00 24.69 ? 57  LYS A NZ  1 
ATOM   432  N N   . GLU A 1 61 ? 2.802   -11.426 -8.977  1.00 12.87 ? 58  GLU A N   1 
ATOM   433  C CA  . GLU A 1 61 ? 2.339   -10.213 -9.638  1.00 12.87 ? 58  GLU A CA  1 
ATOM   434  C C   . GLU A 1 61 ? 2.101   -9.139  -8.579  1.00 11.80 ? 58  GLU A C   1 
ATOM   435  O O   . GLU A 1 61 ? 2.360   -7.955  -8.804  1.00 10.79 ? 58  GLU A O   1 
ATOM   436  C CB  . GLU A 1 61 ? 1.052   -10.477 -10.422 1.00 15.85 ? 58  GLU A CB  1 
ATOM   437  C CG  . GLU A 1 61 ? 1.243   -11.366 -11.642 1.00 21.87 ? 58  GLU A CG  1 
ATOM   438  C CD  . GLU A 1 61 ? -0.003  -11.441 -12.505 1.00 24.85 ? 58  GLU A CD  1 
ATOM   439  O OE1 . GLU A 1 61 ? -0.461  -10.382 -12.980 1.00 25.43 ? 58  GLU A OE1 1 
ATOM   440  O OE2 . GLU A 1 61 ? -0.526  -12.557 -12.707 1.00 28.13 ? 58  GLU A OE2 1 
ATOM   441  N N   . ILE A 1 62 ? 1.603   -9.558  -7.420  1.00 10.31 ? 59  ILE A N   1 
ATOM   442  C CA  . ILE A 1 62 ? 1.362   -8.641  -6.313  1.00 9.29  ? 59  ILE A CA  1 
ATOM   443  C C   . ILE A 1 62 ? 2.703   -8.112  -5.808  1.00 9.40  ? 59  ILE A C   1 
ATOM   444  O O   . ILE A 1 62 ? 2.880   -6.906  -5.643  1.00 9.02  ? 59  ILE A O   1 
ATOM   445  C CB  . ILE A 1 62 ? 0.615   -9.359  -5.155  1.00 9.03  ? 59  ILE A CB  1 
ATOM   446  C CG1 . ILE A 1 62 ? -0.846  -9.582  -5.551  1.00 12.06 ? 59  ILE A CG1 1 
ATOM   447  C CG2 . ILE A 1 62 ? 0.715   -8.547  -3.863  1.00 10.13 ? 59  ILE A CG2 1 
ATOM   448  C CD1 . ILE A 1 62 ? -1.662  -10.316 -4.503  1.00 12.49 ? 59  ILE A CD1 1 
ATOM   449  N N   . ARG A 1 63 ? 3.656   -9.011  -5.579  1.00 8.91  ? 60  ARG A N   1 
ATOM   450  C CA  . ARG A 1 63 ? 4.965   -8.593  -5.094  1.00 7.64  ? 60  ARG A CA  1 
ATOM   451  C C   . ARG A 1 63 ? 5.697   -7.711  -6.099  1.00 8.85  ? 60  ARG A C   1 
ATOM   452  O O   . ARG A 1 63 ? 6.462   -6.826  -5.715  1.00 8.58  ? 60  ARG A O   1 
ATOM   453  C CB  . ARG A 1 63 ? 5.822   -9.811  -4.734  1.00 10.18 ? 60  ARG A CB  1 
ATOM   454  C CG  . ARG A 1 63 ? 5.367   -10.513 -3.462  1.00 12.05 ? 60  ARG A CG  1 
ATOM   455  C CD  . ARG A 1 63 ? 5.383   -9.556  -2.272  1.00 13.26 ? 60  ARG A CD  1 
ATOM   456  N NE  . ARG A 1 63 ? 6.735   -9.207  -1.841  1.00 13.29 ? 60  ARG A NE  1 
ATOM   457  C CZ  . ARG A 1 63 ? 7.025   -8.202  -1.019  1.00 13.82 ? 60  ARG A CZ  1 
ATOM   458  N NH1 . ARG A 1 63 ? 6.058   -7.431  -0.536  1.00 12.86 ? 60  ARG A NH1 1 
ATOM   459  N NH2 . ARG A 1 63 ? 8.281   -7.971  -0.666  1.00 14.67 ? 60  ARG A NH2 1 
ATOM   460  N N   . ARG A 1 64 ? 5.463   -7.948  -7.385  1.00 8.71  ? 61  ARG A N   1 
ATOM   461  C CA  . ARG A 1 64 ? 6.103   -7.141  -8.414  1.00 9.01  ? 61  ARG A CA  1 
ATOM   462  C C   . ARG A 1 64 ? 5.637   -5.695  -8.290  1.00 7.79  ? 61  ARG A C   1 
ATOM   463  O O   . ARG A 1 64 ? 6.454   -4.774  -8.284  1.00 8.26  ? 61  ARG A O   1 
ATOM   464  C CB  . ARG A 1 64 ? 5.773   -7.694  -9.804  1.00 9.80  ? 61  ARG A CB  1 
ATOM   465  C CG  . ARG A 1 64 ? 6.116   -6.755  -10.962 1.00 9.58  ? 61  ARG A CG  1 
ATOM   466  C CD  . ARG A 1 64 ? 7.590   -6.358  -10.994 1.00 8.76  ? 61  ARG A CD  1 
ATOM   467  N NE  . ARG A 1 64 ? 7.856   -5.435  -12.098 1.00 9.39  ? 61  ARG A NE  1 
ATOM   468  C CZ  . ARG A 1 64 ? 8.963   -4.711  -12.233 1.00 7.60  ? 61  ARG A CZ  1 
ATOM   469  N NH1 . ARG A 1 64 ? 9.935   -4.789  -11.332 1.00 9.25  ? 61  ARG A NH1 1 
ATOM   470  N NH2 . ARG A 1 64 ? 9.094   -3.897  -13.274 1.00 8.81  ? 61  ARG A NH2 1 
ATOM   471  N N   . VAL A 1 65 ? 4.328   -5.490  -8.176  1.00 7.50  ? 62  VAL A N   1 
ATOM   472  C CA  . VAL A 1 65 ? 3.808   -4.134  -8.053  1.00 6.66  ? 62  VAL A CA  1 
ATOM   473  C C   . VAL A 1 65 ? 4.320   -3.459  -6.780  1.00 7.01  ? 62  VAL A C   1 
ATOM   474  O O   . VAL A 1 65 ? 4.653   -2.275  -6.787  1.00 7.52  ? 62  VAL A O   1 
ATOM   475  C CB  . VAL A 1 65 ? 2.263   -4.135  -8.061  1.00 7.12  ? 62  VAL A CB  1 
ATOM   476  C CG1 . VAL A 1 65 ? 1.730   -2.761  -7.684  1.00 8.85  ? 62  VAL A CG1 1 
ATOM   477  C CG2 . VAL A 1 65 ? 1.760   -4.532  -9.442  1.00 8.72  ? 62  VAL A CG2 1 
ATOM   478  N N   . ILE A 1 66 ? 4.401   -4.222  -5.698  1.00 6.89  ? 63  ILE A N   1 
ATOM   479  C CA  . ILE A 1 66 ? 4.860   -3.676  -4.427  1.00 6.85  ? 63  ILE A CA  1 
ATOM   480  C C   . ILE A 1 66 ? 6.351   -3.352  -4.390  1.00 7.63  ? 63  ILE A C   1 
ATOM   481  O O   . ILE A 1 66 ? 6.755   -2.345  -3.811  1.00 7.44  ? 63  ILE A O   1 
ATOM   482  C CB  . ILE A 1 66 ? 4.532   -4.648  -3.269  1.00 7.46  ? 63  ILE A CB  1 
ATOM   483  C CG1 . ILE A 1 66 ? 3.015   -4.765  -3.108  1.00 8.46  ? 63  ILE A CG1 1 
ATOM   484  C CG2 . ILE A 1 66 ? 5.178   -4.164  -1.971  1.00 8.96  ? 63  ILE A CG2 1 
ATOM   485  C CD1 . ILE A 1 66 ? 2.595   -5.797  -2.088  1.00 10.20 ? 63  ILE A CD1 1 
ATOM   486  N N   . THR A 1 67 ? 7.169   -4.190  -5.017  1.00 8.21  ? 64  THR A N   1 
ATOM   487  C CA  . THR A 1 67 ? 8.615   -3.989  -4.984  1.00 7.89  ? 64  THR A CA  1 
ATOM   488  C C   . THR A 1 67 ? 9.251   -3.280  -6.175  1.00 7.34  ? 64  THR A C   1 
ATOM   489  O O   . THR A 1 67 ? 10.413  -2.887  -6.103  1.00 8.39  ? 64  THR A O   1 
ATOM   490  C CB  . THR A 1 67 ? 9.345   -5.333  -4.805  1.00 9.07  ? 64  THR A CB  1 
ATOM   491  O OG1 . THR A 1 67 ? 9.085   -6.174  -5.940  1.00 10.78 ? 64  THR A OG1 1 
ATOM   492  C CG2 . THR A 1 67 ? 8.873   -6.033  -3.541  1.00 10.66 ? 64  THR A CG2 1 
ATOM   493  N N   . ALA A 1 68 ? 8.505   -3.109  -7.259  1.00 7.44  ? 65  ALA A N   1 
ATOM   494  C CA  . ALA A 1 68 ? 9.048   -2.473  -8.455  1.00 7.54  ? 65  ALA A CA  1 
ATOM   495  C C   . ALA A 1 68 ? 9.432   -1.018  -8.256  1.00 8.43  ? 65  ALA A C   1 
ATOM   496  O O   . ALA A 1 68 ? 8.853   -0.319  -7.422  1.00 8.03  ? 65  ALA A O   1 
ATOM   497  C CB  . ALA A 1 68 ? 8.045   -2.568  -9.597  1.00 9.02  ? 65  ALA A CB  1 
ATOM   498  N N   . PRO A 1 69 ? 10.441  -0.546  -8.997  1.00 8.43  ? 66  PRO A N   1 
ATOM   499  C CA  . PRO A 1 69 ? 10.831  0.856   -8.858  1.00 9.48  ? 66  PRO A CA  1 
ATOM   500  C C   . PRO A 1 69 ? 9.737   1.670   -9.555  1.00 9.66  ? 66  PRO A C   1 
ATOM   501  O O   . PRO A 1 69 ? 9.061   1.164   -10.456 1.00 8.53  ? 66  PRO A O   1 
ATOM   502  C CB  . PRO A 1 69 ? 12.167  0.917   -9.597  1.00 9.69  ? 66  PRO A CB  1 
ATOM   503  C CG  . PRO A 1 69 ? 12.013  -0.140  -10.656 1.00 10.73 ? 66  PRO A CG  1 
ATOM   504  C CD  . PRO A 1 69 ? 11.358  -1.270  -9.897  1.00 10.10 ? 66  PRO A CD  1 
ATOM   505  N N   . TYR A 1 70 ? 9.538   2.909   -9.119  1.00 9.85  ? 67  TYR A N   1 
ATOM   506  C CA  . TYR A 1 70 ? 8.537   3.768   -9.742  1.00 10.84 ? 67  TYR A CA  1 
ATOM   507  C C   . TYR A 1 70 ? 9.205   4.527   -10.885 1.00 11.76 ? 67  TYR A C   1 
ATOM   508  O O   . TYR A 1 70 ? 10.147  5.294   -10.664 1.00 13.51 ? 67  TYR A O   1 
ATOM   509  C CB  . TYR A 1 70 ? 7.965   4.753   -8.724  1.00 10.60 ? 67  TYR A CB  1 
ATOM   510  C CG  . TYR A 1 70 ? 7.017   5.752   -9.340  1.00 10.34 ? 67  TYR A CG  1 
ATOM   511  C CD1 . TYR A 1 70 ? 5.785   5.353   -9.853  1.00 10.63 ? 67  TYR A CD1 1 
ATOM   512  C CD2 . TYR A 1 70 ? 7.369   7.097   -9.439  1.00 10.40 ? 67  TYR A CD2 1 
ATOM   513  C CE1 . TYR A 1 70 ? 4.923   6.268   -10.452 1.00 10.83 ? 67  TYR A CE1 1 
ATOM   514  C CE2 . TYR A 1 70 ? 6.515   8.018   -10.036 1.00 9.86  ? 67  TYR A CE2 1 
ATOM   515  C CZ  . TYR A 1 70 ? 5.295   7.598   -10.539 1.00 10.53 ? 67  TYR A CZ  1 
ATOM   516  O OH  . TYR A 1 70 ? 4.450   8.510   -11.132 1.00 13.48 ? 67  TYR A OH  1 
ATOM   517  N N   . ILE A 1 71 ? 8.713   4.305   -12.100 1.00 13.14 ? 68  ILE A N   1 
ATOM   518  C CA  . ILE A 1 71 ? 9.270   4.931   -13.295 1.00 17.06 ? 68  ILE A CA  1 
ATOM   519  C C   . ILE A 1 71 ? 8.241   5.770   -14.049 1.00 19.56 ? 68  ILE A C   1 
ATOM   520  O O   . ILE A 1 71 ? 7.184   5.272   -14.435 1.00 20.02 ? 68  ILE A O   1 
ATOM   521  C CB  . ILE A 1 71 ? 9.815   3.855   -14.258 1.00 17.59 ? 68  ILE A CB  1 
ATOM   522  C CG1 . ILE A 1 71 ? 10.822  2.969   -13.526 1.00 18.16 ? 68  ILE A CG1 1 
ATOM   523  C CG2 . ILE A 1 71 ? 10.467  4.512   -15.466 1.00 17.63 ? 68  ILE A CG2 1 
ATOM   524  C CD1 . ILE A 1 71 ? 11.182  1.705   -14.278 1.00 21.15 ? 68  ILE A CD1 1 
ATOM   525  N N   . GLU A 1 72 ? 8.562   7.041   -14.263 1.00 24.48 ? 69  GLU A N   1 
ATOM   526  C CA  . GLU A 1 72 ? 7.676   7.949   -14.984 1.00 28.25 ? 69  GLU A CA  1 
ATOM   527  C C   . GLU A 1 72 ? 8.206   8.216   -16.386 1.00 30.29 ? 69  GLU A C   1 
ATOM   528  O O   . GLU A 1 72 ? 7.481   7.909   -17.356 1.00 32.23 ? 69  GLU A O   1 
ATOM   529  C CB  . GLU A 1 72 ? 7.541   9.272   -14.229 1.00 29.17 ? 69  GLU A CB  1 
ATOM   530  C CG  . GLU A 1 72 ? 6.261   9.398   -13.424 1.00 29.40 ? 69  GLU A CG  1 
ATOM   531  C CD  . GLU A 1 72 ? 6.148   10.731  -12.714 1.00 30.27 ? 69  GLU A CD  1 
ATOM   532  O OE1 . GLU A 1 72 ? 6.366   11.774  -13.366 1.00 31.13 ? 69  GLU A OE1 1 
ATOM   533  O OE2 . GLU A 1 72 ? 5.835   10.736  -11.506 1.00 29.36 ? 69  GLU A OE2 1 
ATOM   534  N N   . ALA B 1 5  ? -6.731  -1.938  -18.750 1.00 26.65 ? 2   ALA B N   1 
ATOM   535  C CA  . ALA B 1 5  ? -5.724  -2.456  -17.781 1.00 25.97 ? 2   ALA B CA  1 
ATOM   536  C C   . ALA B 1 5  ? -4.769  -1.348  -17.354 1.00 24.99 ? 2   ALA B C   1 
ATOM   537  O O   . ALA B 1 5  ? -4.227  -0.625  -18.190 1.00 25.63 ? 2   ALA B O   1 
ATOM   538  C CB  . ALA B 1 5  ? -4.942  -3.605  -18.405 1.00 27.11 ? 2   ALA B CB  1 
ATOM   539  N N   . LEU B 1 6  ? -4.565  -1.220  -16.048 1.00 22.35 ? 3   LEU B N   1 
ATOM   540  C CA  . LEU B 1 6  ? -3.674  -0.200  -15.515 1.00 20.45 ? 3   LEU B CA  1 
ATOM   541  C C   . LEU B 1 6  ? -2.218  -0.594  -15.716 1.00 18.57 ? 3   LEU B C   1 
ATOM   542  O O   . LEU B 1 6  ? -1.869  -1.772  -15.647 1.00 19.01 ? 3   LEU B O   1 
ATOM   543  C CB  . LEU B 1 6  ? -3.933  0.000   -14.020 1.00 21.63 ? 3   LEU B CB  1 
ATOM   544  C CG  . LEU B 1 6  ? -5.342  0.412   -13.594 1.00 21.74 ? 3   LEU B CG  1 
ATOM   545  C CD1 . LEU B 1 6  ? -5.407  0.497   -12.077 1.00 23.36 ? 3   LEU B CD1 1 
ATOM   546  C CD2 . LEU B 1 6  ? -5.701  1.748   -14.223 1.00 23.81 ? 3   LEU B CD2 1 
ATOM   547  N N   . THR B 1 7  ? -1.372  0.396   -15.977 1.00 16.82 ? 4   THR B N   1 
ATOM   548  C CA  . THR B 1 7  ? 0.048   0.133   -16.144 1.00 15.53 ? 4   THR B CA  1 
ATOM   549  C C   . THR B 1 7  ? 0.620   0.006   -14.740 1.00 15.04 ? 4   THR B C   1 
ATOM   550  O O   . THR B 1 7  ? -0.048  0.340   -13.759 1.00 14.33 ? 4   THR B O   1 
ATOM   551  C CB  . THR B 1 7  ? 0.773   1.290   -16.863 1.00 16.18 ? 4   THR B CB  1 
ATOM   552  O OG1 . THR B 1 7  ? 0.719   2.470   -16.054 1.00 16.00 ? 4   THR B OG1 1 
ATOM   553  C CG2 . THR B 1 7  ? 0.127   1.570   -18.211 1.00 17.96 ? 4   THR B CG2 1 
ATOM   554  N N   . LEU B 1 8  ? 1.848   -0.484  -14.643 1.00 12.78 ? 5   LEU B N   1 
ATOM   555  C CA  . LEU B 1 8  ? 2.504   -0.635  -13.354 1.00 12.06 ? 5   LEU B CA  1 
ATOM   556  C C   . LEU B 1 8  ? 2.562   0.704   -12.626 1.00 11.01 ? 5   LEU B C   1 
ATOM   557  O O   . LEU B 1 8  ? 2.211   0.795   -11.449 1.00 9.91  ? 5   LEU B O   1 
ATOM   558  C CB  . LEU B 1 8  ? 3.925   -1.172  -13.550 1.00 11.66 ? 5   LEU B CB  1 
ATOM   559  C CG  . LEU B 1 8  ? 4.842   -1.164  -12.326 1.00 11.12 ? 5   LEU B CG  1 
ATOM   560  C CD1 . LEU B 1 8  ? 4.235   -2.003  -11.206 1.00 10.93 ? 5   LEU B CD1 1 
ATOM   561  C CD2 . LEU B 1 8  ? 6.213   -1.703  -12.729 1.00 10.95 ? 5   LEU B CD2 1 
ATOM   562  N N   . ALA B 1 9  ? 2.996   1.742   -13.333 1.00 10.04 ? 6   ALA B N   1 
ATOM   563  C CA  . ALA B 1 9  ? 3.116   3.069   -12.745 1.00 10.32 ? 6   ALA B CA  1 
ATOM   564  C C   . ALA B 1 9  ? 1.770   3.611   -12.282 1.00 11.22 ? 6   ALA B C   1 
ATOM   565  O O   . ALA B 1 9  ? 1.673   4.225   -11.218 1.00 10.45 ? 6   ALA B O   1 
ATOM   566  C CB  . ALA B 1 9  ? 3.758   4.028   -13.744 1.00 12.23 ? 6   ALA B CB  1 
ATOM   567  N N   . GLU B 1 10 ? 0.727   3.388   -13.074 1.00 11.70 ? 7   GLU B N   1 
ATOM   568  C CA  . GLU B 1 10 ? -0.598  3.868   -12.701 1.00 12.38 ? 7   GLU B CA  1 
ATOM   569  C C   . GLU B 1 10 ? -1.049  3.174   -11.420 1.00 12.24 ? 7   GLU B C   1 
ATOM   570  O O   . GLU B 1 10 ? -1.616  3.805   -10.528 1.00 12.64 ? 7   GLU B O   1 
ATOM   571  C CB  . GLU B 1 10 ? -1.609  3.597   -13.821 1.00 15.25 ? 7   GLU B CB  1 
ATOM   572  C CG  . GLU B 1 10 ? -1.282  4.288   -15.137 1.00 18.21 ? 7   GLU B CG  1 
ATOM   573  C CD  . GLU B 1 10 ? -2.318  4.024   -16.214 1.00 16.98 ? 7   GLU B CD  1 
ATOM   574  O OE1 . GLU B 1 10 ? -2.751  2.862   -16.357 1.00 19.27 ? 7   GLU B OE1 1 
ATOM   575  O OE2 . GLU B 1 10 ? -2.691  4.980   -16.925 1.00 22.80 ? 7   GLU B OE2 1 
ATOM   576  N N   . ARG B 1 11 ? -0.786  1.876   -11.321 1.00 10.59 ? 8   ARG B N   1 
ATOM   577  C CA  . ARG B 1 11 ? -1.188  1.124   -10.141 1.00 10.20 ? 8   ARG B CA  1 
ATOM   578  C C   . ARG B 1 11 ? -0.402  1.565   -8.906  1.00 9.88  ? 8   ARG B C   1 
ATOM   579  O O   . ARG B 1 11 ? -0.961  1.688   -7.815  1.00 9.40  ? 8   ARG B O   1 
ATOM   580  C CB  . ARG B 1 11 ? -1.007  -0.377  -10.382 1.00 13.75 ? 8   ARG B CB  1 
ATOM   581  C CG  . ARG B 1 11 ? -1.670  -1.241  -9.328  1.00 16.55 ? 8   ARG B CG  1 
ATOM   582  C CD  . ARG B 1 11 ? -1.571  -2.718  -9.679  1.00 17.75 ? 8   ARG B CD  1 
ATOM   583  N NE  . ARG B 1 11 ? -2.354  -3.067  -10.862 1.00 19.17 ? 8   ARG B NE  1 
ATOM   584  C CZ  . ARG B 1 11 ? -3.683  -3.135  -10.895 1.00 18.66 ? 8   ARG B CZ  1 
ATOM   585  N NH1 . ARG B 1 11 ? -4.397  -2.880  -9.805  1.00 20.39 ? 8   ARG B NH1 1 
ATOM   586  N NH2 . ARG B 1 11 ? -4.301  -3.463  -12.022 1.00 24.56 ? 8   ARG B NH2 1 
ATOM   587  N N   . GLN B 1 12 ? 0.894   1.807   -9.074  1.00 9.11  ? 9   GLN B N   1 
ATOM   588  C CA  . GLN B 1 12 ? 1.716   2.251   -7.960  1.00 7.78  ? 9   GLN B CA  1 
ATOM   589  C C   . GLN B 1 12 ? 1.172   3.567   -7.410  1.00 7.06  ? 9   GLN B C   1 
ATOM   590  O O   . GLN B 1 12 ? 1.044   3.736   -6.195  1.00 7.31  ? 9   GLN B O   1 
ATOM   591  C CB  . GLN B 1 12 ? 3.167   2.423   -8.409  1.00 7.58  ? 9   GLN B CB  1 
ATOM   592  C CG  . GLN B 1 12 ? 3.877   1.110   -8.707  1.00 7.80  ? 9   GLN B CG  1 
ATOM   593  C CD  . GLN B 1 12 ? 5.229   1.320   -9.347  1.00 6.66  ? 9   GLN B CD  1 
ATOM   594  O OE1 . GLN B 1 12 ? 6.254   0.870   -8.835  1.00 10.03 ? 9   GLN B OE1 1 
ATOM   595  N NE2 . GLN B 1 12 ? 5.237   2.005   -10.478 1.00 6.42  ? 9   GLN B NE2 1 
ATOM   596  N N   . ARG B 1 13 ? 0.836   4.495   -8.302  1.00 7.99  ? 10  ARG B N   1 
ATOM   597  C CA  . ARG B 1 13 ? 0.286   5.776   -7.878  1.00 9.89  ? 10  ARG B CA  1 
ATOM   598  C C   . ARG B 1 13 ? -1.064  5.594   -7.190  1.00 9.54  ? 10  ARG B C   1 
ATOM   599  O O   . ARG B 1 13 ? -1.318  6.200   -6.145  1.00 9.32  ? 10  ARG B O   1 
ATOM   600  C CB  . ARG B 1 13 ? 0.116   6.716   -9.074  1.00 12.44 ? 10  ARG B CB  1 
ATOM   601  C CG  . ARG B 1 13 ? 1.419   7.261   -9.628  1.00 13.48 ? 10  ARG B CG  1 
ATOM   602  C CD  . ARG B 1 13 ? 1.171   8.485   -10.498 1.00 17.67 ? 10  ARG B CD  1 
ATOM   603  N NE  . ARG B 1 13 ? 0.483   8.158   -11.742 1.00 20.36 ? 10  ARG B NE  1 
ATOM   604  C CZ  . ARG B 1 13 ? 1.087   7.693   -12.832 1.00 21.41 ? 10  ARG B CZ  1 
ATOM   605  N NH1 . ARG B 1 13 ? 2.398   7.500   -12.837 1.00 22.00 ? 10  ARG B NH1 1 
ATOM   606  N NH2 . ARG B 1 13 ? 0.378   7.420   -13.919 1.00 22.33 ? 10  ARG B NH2 1 
ATOM   607  N N   . LEU B 1 14 ? -1.920  4.767   -7.785  1.00 10.24 ? 11  LEU B N   1 
ATOM   608  C CA  . LEU B 1 14 ? -3.250  4.486   -7.248  1.00 11.13 ? 11  LEU B CA  1 
ATOM   609  C C   . LEU B 1 14 ? -3.179  3.999   -5.805  1.00 9.91  ? 11  LEU B C   1 
ATOM   610  O O   . LEU B 1 14 ? -3.923  4.468   -4.941  1.00 9.84  ? 11  LEU B O   1 
ATOM   611  C CB  . LEU B 1 14 ? -3.951  3.425   -8.107  1.00 13.63 ? 11  LEU B CB  1 
ATOM   612  C CG  . LEU B 1 14 ? -5.278  2.857   -7.589  1.00 16.99 ? 11  LEU B CG  1 
ATOM   613  C CD1 . LEU B 1 14 ? -6.334  3.950   -7.569  1.00 19.47 ? 11  LEU B CD1 1 
ATOM   614  C CD2 . LEU B 1 14 ? -5.725  1.702   -8.476  1.00 17.21 ? 11  LEU B CD2 1 
ATOM   615  N N   . ILE B 1 15 ? -2.282  3.054   -5.551  1.00 8.11  ? 12  ILE B N   1 
ATOM   616  C CA  . ILE B 1 15 ? -2.109  2.496   -4.218  1.00 7.59  ? 12  ILE B CA  1 
ATOM   617  C C   . ILE B 1 15 ? -1.674  3.569   -3.220  1.00 8.06  ? 12  ILE B C   1 
ATOM   618  O O   . ILE B 1 15 ? -2.257  3.706   -2.142  1.00 6.80  ? 12  ILE B O   1 
ATOM   619  C CB  . ILE B 1 15 ? -1.063  1.349   -4.248  1.00 7.46  ? 12  ILE B CB  1 
ATOM   620  C CG1 . ILE B 1 15 ? -1.640  0.140   -4.990  1.00 7.65  ? 12  ILE B CG1 1 
ATOM   621  C CG2 . ILE B 1 15 ? -0.650  0.969   -2.832  1.00 6.68  ? 12  ILE B CG2 1 
ATOM   622  C CD1 . ILE B 1 15 ? -0.610  -0.922  -5.336  1.00 8.70  ? 12  ILE B CD1 1 
ATOM   623  N N   . VAL B 1 16 ? -0.659  4.344   -3.581  1.00 6.29  ? 13  VAL B N   1 
ATOM   624  C CA  . VAL B 1 16 ? -0.167  5.384   -2.684  1.00 6.82  ? 13  VAL B CA  1 
ATOM   625  C C   . VAL B 1 16 ? -1.196  6.504   -2.483  1.00 7.16  ? 13  VAL B C   1 
ATOM   626  O O   . VAL B 1 16 ? -1.274  7.097   -1.402  1.00 7.65  ? 13  VAL B O   1 
ATOM   627  C CB  . VAL B 1 16 ? 1.189   5.940   -3.197  1.00 6.01  ? 13  VAL B CB  1 
ATOM   628  C CG1 . VAL B 1 16 ? 1.673   7.073   -2.306  1.00 7.35  ? 13  VAL B CG1 1 
ATOM   629  C CG2 . VAL B 1 16 ? 2.228   4.822   -3.194  1.00 8.03  ? 13  VAL B CG2 1 
ATOM   630  N N   . GLU B 1 17 ? -1.989  6.784   -3.515  1.00 7.23  ? 14  GLU B N   1 
ATOM   631  C CA  . GLU B 1 17 ? -3.028  7.809   -3.422  1.00 8.03  ? 14  GLU B CA  1 
ATOM   632  C C   . GLU B 1 17 ? -4.115  7.408   -2.434  1.00 8.02  ? 14  GLU B C   1 
ATOM   633  O O   . GLU B 1 17 ? -4.937  8.234   -2.044  1.00 8.41  ? 14  GLU B O   1 
ATOM   634  C CB  . GLU B 1 17 ? -3.665  8.063   -4.790  1.00 8.79  ? 14  GLU B CB  1 
ATOM   635  C CG  . GLU B 1 17 ? -2.848  8.981   -5.676  1.00 12.75 ? 14  GLU B CG  1 
ATOM   636  C CD  . GLU B 1 17 ? -3.511  9.261   -7.007  1.00 17.14 ? 14  GLU B CD  1 
ATOM   637  O OE1 . GLU B 1 17 ? -4.697  9.663   -7.010  1.00 21.29 ? 14  GLU B OE1 1 
ATOM   638  O OE2 . GLU B 1 17 ? -2.841  9.088   -8.046  1.00 18.71 ? 14  GLU B OE2 1 
ATOM   639  N N   . GLY B 1 18 ? -4.127  6.139   -2.039  1.00 6.72  ? 15  GLY B N   1 
ATOM   640  C CA  . GLY B 1 18 ? -5.114  5.676   -1.082  1.00 8.01  ? 15  GLY B CA  1 
ATOM   641  C C   . GLY B 1 18 ? -4.817  6.164   0.326   1.00 6.98  ? 15  GLY B C   1 
ATOM   642  O O   . GLY B 1 18 ? -5.652  6.048   1.227   1.00 9.08  ? 15  GLY B O   1 
ATOM   643  N N   . LEU B 1 19 ? -3.622  6.711   0.522   1.00 7.38  ? 16  LEU B N   1 
ATOM   644  C CA  . LEU B 1 19 ? -3.226  7.223   1.829   1.00 7.46  ? 16  LEU B CA  1 
ATOM   645  C C   . LEU B 1 19 ? -3.957  8.528   2.135   1.00 8.16  ? 16  LEU B C   1 
ATOM   646  O O   . LEU B 1 19 ? -4.308  9.282   1.228   1.00 8.62  ? 16  LEU B O   1 
ATOM   647  C CB  . LEU B 1 19 ? -1.710  7.439   1.868   1.00 7.20  ? 16  LEU B CB  1 
ATOM   648  C CG  . LEU B 1 19 ? -0.854  6.171   1.788   1.00 8.33  ? 16  LEU B CG  1 
ATOM   649  C CD1 . LEU B 1 19 ? 0.611   6.543   1.684   1.00 9.42  ? 16  LEU B CD1 1 
ATOM   650  C CD2 . LEU B 1 19 ? -1.101  5.305   3.022   1.00 9.01  ? 16  LEU B CD2 1 
ATOM   651  N N   . PRO B 1 20 ? -4.199  8.810   3.424   1.00 9.25  ? 17  PRO B N   1 
ATOM   652  C CA  . PRO B 1 20 ? -4.897  10.036  3.817   1.00 10.03 ? 17  PRO B CA  1 
ATOM   653  C C   . PRO B 1 20 ? -4.113  11.304  3.498   1.00 10.25 ? 17  PRO B C   1 
ATOM   654  O O   . PRO B 1 20 ? -2.905  11.376  3.733   1.00 11.57 ? 17  PRO B O   1 
ATOM   655  C CB  . PRO B 1 20 ? -5.100  9.843   5.318   1.00 11.32 ? 17  PRO B CB  1 
ATOM   656  C CG  . PRO B 1 20 ? -3.870  9.091   5.717   1.00 10.76 ? 17  PRO B CG  1 
ATOM   657  C CD  . PRO B 1 20 ? -3.760  8.054   4.613   1.00 9.48  ? 17  PRO B CD  1 
ATOM   658  N N   . HIS B 1 21 ? -4.815  12.289  2.942   1.00 13.11 ? 18  HIS B N   1 
ATOM   659  C CA  . HIS B 1 21 ? -4.234  13.579  2.594   1.00 13.51 ? 18  HIS B CA  1 
ATOM   660  C C   . HIS B 1 21 ? -3.125  13.480  1.564   1.00 14.30 ? 18  HIS B C   1 
ATOM   661  O O   . HIS B 1 21 ? -2.287  14.376  1.458   1.00 17.07 ? 18  HIS B O   1 
ATOM   662  C CB  . HIS B 1 21 ? -3.695  14.266  3.845   1.00 16.00 ? 18  HIS B CB  1 
ATOM   663  C CG  . HIS B 1 21 ? -4.637  14.223  5.003   1.00 17.01 ? 18  HIS B CG  1 
ATOM   664  N ND1 . HIS B 1 21 ? -5.910  14.746  4.947   1.00 18.90 ? 18  HIS B ND1 1 
ATOM   665  C CD2 . HIS B 1 21 ? -4.501  13.694  6.242   1.00 18.52 ? 18  HIS B CD2 1 
ATOM   666  C CE1 . HIS B 1 21 ? -6.519  14.540  6.101   1.00 18.04 ? 18  HIS B CE1 1 
ATOM   667  N NE2 . HIS B 1 21 ? -5.685  13.904  6.904   1.00 19.76 ? 18  HIS B NE2 1 
ATOM   668  N N   . VAL B 1 22 ? -3.112  12.387  0.809   1.00 10.19 ? 19  VAL B N   1 
ATOM   669  C CA  . VAL B 1 22 ? -2.101  12.206  -0.222  1.00 9.03  ? 19  VAL B CA  1 
ATOM   670  C C   . VAL B 1 22 ? -2.763  12.267  -1.590  1.00 8.74  ? 19  VAL B C   1 
ATOM   671  O O   . VAL B 1 22 ? -3.526  11.380  -1.972  1.00 9.34  ? 19  VAL B O   1 
ATOM   672  C CB  . VAL B 1 22 ? -1.357  10.857  -0.061  1.00 7.62  ? 19  VAL B CB  1 
ATOM   673  C CG1 . VAL B 1 22 ? -0.405  10.641  -1.234  1.00 7.91  ? 19  VAL B CG1 1 
ATOM   674  C CG2 . VAL B 1 22 ? -0.577  10.850  1.243   1.00 9.22  ? 19  VAL B CG2 1 
ATOM   675  N N   . SER B 1 23 ? -2.471  13.344  -2.311  1.00 9.00  ? 20  SER B N   1 
ATOM   676  C CA  . SER B 1 23 ? -3.000  13.578  -3.646  1.00 9.17  ? 20  SER B CA  1 
ATOM   677  C C   . SER B 1 23 ? -2.116  12.862  -4.657  1.00 9.32  ? 20  SER B C   1 
ATOM   678  O O   . SER B 1 23 ? -1.113  12.247  -4.294  1.00 9.34  ? 20  SER B O   1 
ATOM   679  C CB  . SER B 1 23 ? -2.958  15.068  -3.953  1.00 10.34 ? 20  SER B CB  1 
ATOM   680  O OG  . SER B 1 23 ? -1.608  15.477  -4.094  1.00 9.89  ? 20  SER B OG  1 
ATOM   681  N N   . ALA B 1 24 ? -2.478  12.963  -5.930  1.00 9.52  ? 21  ALA B N   1 
ATOM   682  C CA  . ALA B 1 24 ? -1.683  12.342  -6.978  1.00 10.39 ? 21  ALA B CA  1 
ATOM   683  C C   . ALA B 1 24 ? -0.299  12.988  -6.991  1.00 10.30 ? 21  ALA B C   1 
ATOM   684  O O   . ALA B 1 24 ? 0.704   12.325  -7.250  1.00 12.49 ? 21  ALA B O   1 
ATOM   685  C CB  . ALA B 1 24 ? -2.357  12.527  -8.330  1.00 11.64 ? 21  ALA B CB  1 
ATOM   686  N N   . THR B 1 25 ? -0.252  14.287  -6.702  1.00 10.66 ? 22  THR B N   1 
ATOM   687  C CA  . THR B 1 25 ? 1.006   15.023  -6.680  1.00 11.02 ? 22  THR B CA  1 
ATOM   688  C C   . THR B 1 25 ? 1.930   14.507  -5.580  1.00 10.27 ? 22  THR B C   1 
ATOM   689  O O   . THR B 1 25 ? 3.115   14.260  -5.808  1.00 11.61 ? 22  THR B O   1 
ATOM   690  C CB  . THR B 1 25 ? 0.768   16.533  -6.441  1.00 12.28 ? 22  THR B CB  1 
ATOM   691  O OG1 . THR B 1 25 ? -0.187  17.025  -7.391  1.00 14.57 ? 22  THR B OG1 1 
ATOM   692  C CG2 . THR B 1 25 ? 2.067   17.307  -6.597  1.00 14.64 ? 22  THR B CG2 1 
ATOM   693  N N   . LEU B 1 26 ? 1.381   14.340  -4.383  1.00 9.03  ? 23  LEU B N   1 
ATOM   694  C CA  . LEU B 1 26 ? 2.168   13.871  -3.254  1.00 10.69 ? 23  LEU B CA  1 
ATOM   695  C C   . LEU B 1 26 ? 2.522   12.397  -3.410  1.00 8.36  ? 23  LEU B C   1 
ATOM   696  O O   . LEU B 1 26 ? 3.582   11.955  -2.963  1.00 8.80  ? 23  LEU B O   1 
ATOM   697  C CB  . LEU B 1 26 ? 1.400   14.103  -1.953  1.00 11.31 ? 23  LEU B CB  1 
ATOM   698  C CG  . LEU B 1 26 ? 2.188   13.964  -0.649  1.00 16.09 ? 23  LEU B CG  1 
ATOM   699  C CD1 . LEU B 1 26 ? 3.497   14.746  -0.735  1.00 18.50 ? 23  LEU B CD1 1 
ATOM   700  C CD2 . LEU B 1 26 ? 1.327   14.478  0.495   1.00 16.23 ? 23  LEU B CD2 1 
ATOM   701  N N   . ALA B 1 27 ? 1.639   11.635  -4.052  1.00 8.66  ? 24  ALA B N   1 
ATOM   702  C CA  . ALA B 1 27 ? 1.894   10.217  -4.273  1.00 7.99  ? 24  ALA B CA  1 
ATOM   703  C C   . ALA B 1 27 ? 3.137   10.074  -5.142  1.00 9.18  ? 24  ALA B C   1 
ATOM   704  O O   . ALA B 1 27 ? 4.001   9.240   -4.865  1.00 8.43  ? 24  ALA B O   1 
ATOM   705  C CB  . ALA B 1 27 ? 0.694   9.561   -4.949  1.00 8.94  ? 24  ALA B CB  1 
ATOM   706  N N   . ARG B 1 28 ? 3.226   10.891  -6.190  1.00 10.42 ? 25  ARG B N   1 
ATOM   707  C CA  . ARG B 1 28 ? 4.387   10.853  -7.072  1.00 10.89 ? 25  ARG B CA  1 
ATOM   708  C C   . ARG B 1 28 ? 5.650   11.235  -6.306  1.00 12.40 ? 25  ARG B C   1 
ATOM   709  O O   . ARG B 1 28 ? 6.696   10.616  -6.478  1.00 12.44 ? 25  ARG B O   1 
ATOM   710  C CB  . ARG B 1 28 ? 4.204   11.806  -8.258  1.00 12.99 ? 25  ARG B CB  1 
ATOM   711  C CG  . ARG B 1 28 ? 3.226   11.321  -9.308  1.00 16.47 ? 25  ARG B CG  1 
ATOM   712  C CD  . ARG B 1 28 ? 3.316   12.202  -10.548 1.00 21.37 ? 25  ARG B CD  1 
ATOM   713  N NE  . ARG B 1 28 ? 2.493   11.711  -11.649 1.00 25.19 ? 25  ARG B NE  1 
ATOM   714  C CZ  . ARG B 1 28 ? 1.166   11.704  -11.647 1.00 24.73 ? 25  ARG B CZ  1 
ATOM   715  N NH1 . ARG B 1 28 ? 0.499   12.165  -10.597 1.00 28.00 ? 25  ARG B NH1 1 
ATOM   716  N NH2 . ARG B 1 28 ? 0.502   11.239  -12.698 1.00 25.84 ? 25  ARG B NH2 1 
ATOM   717  N N   . ARG B 1 29 ? 5.551   12.259  -5.459  1.00 11.42 ? 26  ARG B N   1 
ATOM   718  C CA  . ARG B 1 29 ? 6.696   12.703  -4.667  1.00 13.42 ? 26  ARG B CA  1 
ATOM   719  C C   . ARG B 1 29 ? 7.201   11.578  -3.766  1.00 11.95 ? 26  ARG B C   1 
ATOM   720  O O   . ARG B 1 29 ? 8.402   11.331  -3.671  1.00 11.54 ? 26  ARG B O   1 
ATOM   721  C CB  . ARG B 1 29 ? 6.305   13.909  -3.807  1.00 16.22 ? 26  ARG B CB  1 
ATOM   722  C CG  . ARG B 1 29 ? 5.938   15.157  -4.598  1.00 21.75 ? 26  ARG B CG  1 
ATOM   723  C CD  . ARG B 1 29 ? 7.156   15.740  -5.286  1.00 26.17 ? 26  ARG B CD  1 
ATOM   724  N NE  . ARG B 1 29 ? 8.194   16.096  -4.323  1.00 28.86 ? 26  ARG B NE  1 
ATOM   725  C CZ  . ARG B 1 29 ? 9.398   16.551  -4.655  1.00 29.61 ? 26  ARG B CZ  1 
ATOM   726  N NH1 . ARG B 1 29 ? 9.721   16.707  -5.931  1.00 30.09 ? 26  ARG B NH1 1 
ATOM   727  N NH2 . ARG B 1 29 ? 10.281  16.844  -3.709  1.00 31.03 ? 26  ARG B NH2 1 
ATOM   728  N N   . LEU B 1 30 ? 6.270   10.898  -3.103  1.00 10.31 ? 27  LEU B N   1 
ATOM   729  C CA  . LEU B 1 30 ? 6.615   9.795   -2.216  1.00 9.88  ? 27  LEU B CA  1 
ATOM   730  C C   . LEU B 1 30 ? 7.291   8.655   -2.968  1.00 8.79  ? 27  LEU B C   1 
ATOM   731  O O   . LEU B 1 30 ? 8.312   8.133   -2.526  1.00 10.10 ? 27  LEU B O   1 
ATOM   732  C CB  . LEU B 1 30 ? 5.356   9.271   -1.517  1.00 8.73  ? 27  LEU B CB  1 
ATOM   733  C CG  . LEU B 1 30 ? 4.821   10.104  -0.347  1.00 7.74  ? 27  LEU B CG  1 
ATOM   734  C CD1 . LEU B 1 30 ? 3.395   9.687   -0.033  1.00 8.42  ? 27  LEU B CD1 1 
ATOM   735  C CD2 . LEU B 1 30 ? 5.730   9.926   0.867   1.00 9.96  ? 27  LEU B CD2 1 
ATOM   736  N N   . LEU B 1 31 ? 6.722   8.275   -4.107  1.00 8.99  ? 28  LEU B N   1 
ATOM   737  C CA  . LEU B 1 31 ? 7.281   7.190   -4.903  1.00 9.54  ? 28  LEU B CA  1 
ATOM   738  C C   . LEU B 1 31 ? 8.644   7.536   -5.492  1.00 10.40 ? 28  LEU B C   1 
ATOM   739  O O   . LEU B 1 31 ? 9.526   6.683   -5.558  1.00 10.61 ? 28  LEU B O   1 
ATOM   740  C CB  . LEU B 1 31 ? 6.301   6.795   -6.011  1.00 10.19 ? 28  LEU B CB  1 
ATOM   741  C CG  . LEU B 1 31 ? 5.083   6.010   -5.511  1.00 10.47 ? 28  LEU B CG  1 
ATOM   742  C CD1 . LEU B 1 31 ? 3.988   6.037   -6.562  1.00 10.75 ? 28  LEU B CD1 1 
ATOM   743  C CD2 . LEU B 1 31 ? 5.493   4.577   -5.163  1.00 9.42  ? 28  LEU B CD2 1 
ATOM   744  N N   . LYS B 1 32 ? 8.819   8.783   -5.917  1.00 11.60 ? 29  LYS B N   1 
ATOM   745  C CA  . LYS B 1 32 ? 10.097  9.207   -6.479  1.00 12.89 ? 29  LYS B CA  1 
ATOM   746  C C   . LYS B 1 32 ? 11.170  9.227   -5.396  1.00 13.36 ? 29  LYS B C   1 
ATOM   747  O O   . LYS B 1 32 ? 12.325  8.888   -5.648  1.00 16.13 ? 29  LYS B O   1 
ATOM   748  C CB  . LYS B 1 32 ? 9.967   10.597  -7.114  1.00 14.78 ? 29  LYS B CB  1 
ATOM   749  C CG  . LYS B 1 32 ? 9.179   10.605  -8.412  1.00 17.71 ? 29  LYS B CG  1 
ATOM   750  C CD  . LYS B 1 32 ? 9.036   12.012  -8.971  1.00 21.50 ? 29  LYS B CD  1 
ATOM   751  C CE  . LYS B 1 32 ? 8.254   12.006  -10.273 1.00 23.51 ? 29  LYS B CE  1 
ATOM   752  N NZ  . LYS B 1 32 ? 8.054   13.381  -10.811 1.00 25.62 ? 29  LYS B NZ  1 
ATOM   753  N N   . HIS B 1 33 ? 10.781  9.614   -4.185  1.00 11.71 ? 30  HIS B N   1 
ATOM   754  C CA  . HIS B 1 33 ? 11.715  9.677   -3.067  1.00 12.60 ? 30  HIS B CA  1 
ATOM   755  C C   . HIS B 1 33 ? 12.112  8.301   -2.537  1.00 13.07 ? 30  HIS B C   1 
ATOM   756  O O   . HIS B 1 33 ? 13.295  7.999   -2.389  1.00 14.88 ? 30  HIS B O   1 
ATOM   757  C CB  . HIS B 1 33 ? 11.106  10.488  -1.919  1.00 13.56 ? 30  HIS B CB  1 
ATOM   758  C CG  . HIS B 1 33 ? 11.989  10.586  -0.715  1.00 14.63 ? 30  HIS B CG  1 
ATOM   759  N ND1 . HIS B 1 33 ? 12.950  11.566  -0.573  1.00 17.00 ? 30  HIS B ND1 1 
ATOM   760  C CD2 . HIS B 1 33 ? 12.078  9.811   0.392   1.00 14.45 ? 30  HIS B CD2 1 
ATOM   761  C CE1 . HIS B 1 33 ? 13.588  11.391  0.571   1.00 16.17 ? 30  HIS B CE1 1 
ATOM   762  N NE2 . HIS B 1 33 ? 13.078  10.332  1.175   1.00 16.26 ? 30  HIS B NE2 1 
ATOM   763  N N   . PHE B 1 34 ? 11.116  7.466   -2.254  1.00 11.18 ? 31  PHE B N   1 
ATOM   764  C CA  . PHE B 1 34 ? 11.372  6.143   -1.703  1.00 11.17 ? 31  PHE B CA  1 
ATOM   765  C C   . PHE B 1 34 ? 11.672  5.054   -2.724  1.00 11.53 ? 31  PHE B C   1 
ATOM   766  O O   . PHE B 1 34 ? 12.274  4.038   -2.379  1.00 14.36 ? 31  PHE B O   1 
ATOM   767  C CB  . PHE B 1 34 ? 10.204  5.741   -0.800  1.00 10.34 ? 31  PHE B CB  1 
ATOM   768  C CG  . PHE B 1 34 ? 10.143  6.531   0.472   1.00 9.48  ? 31  PHE B CG  1 
ATOM   769  C CD1 . PHE B 1 34 ? 11.064  6.302   1.489   1.00 10.86 ? 31  PHE B CD1 1 
ATOM   770  C CD2 . PHE B 1 34 ? 9.200   7.538   0.637   1.00 9.49  ? 31  PHE B CD2 1 
ATOM   771  C CE1 . PHE B 1 34 ? 11.052  7.066   2.653   1.00 11.04 ? 31  PHE B CE1 1 
ATOM   772  C CE2 . PHE B 1 34 ? 9.178   8.311   1.798   1.00 10.47 ? 31  PHE B CE2 1 
ATOM   773  C CZ  . PHE B 1 34 ? 10.107  8.073   2.808   1.00 10.55 ? 31  PHE B CZ  1 
ATOM   774  N N   . GLY B 1 35 ? 11.248  5.263   -3.967  1.00 11.04 ? 32  GLY B N   1 
ATOM   775  C CA  . GLY B 1 35 ? 11.529  4.304   -5.024  1.00 11.70 ? 32  GLY B CA  1 
ATOM   776  C C   . GLY B 1 35 ? 10.510  3.217   -5.303  1.00 12.26 ? 32  GLY B C   1 
ATOM   777  O O   . GLY B 1 35 ? 10.327  2.833   -6.457  1.00 16.72 ? 32  GLY B O   1 
ATOM   778  N N   . SER B 1 36 ? 9.856   2.709   -4.261  1.00 10.97 ? 33  SER B N   1 
ATOM   779  C CA  . SER B 1 36 ? 8.869   1.649   -4.428  1.00 10.75 ? 33  SER B CA  1 
ATOM   780  C C   . SER B 1 36 ? 7.732   1.797   -3.432  1.00 8.87  ? 33  SER B C   1 
ATOM   781  O O   . SER B 1 36 ? 7.857   2.503   -2.431  1.00 9.43  ? 33  SER B O   1 
ATOM   782  C CB  . SER B 1 36 ? 9.520   0.277   -4.228  1.00 10.19 ? 33  SER B CB  1 
ATOM   783  O OG  . SER B 1 36 ? 9.901   0.076   -2.872  1.00 12.15 ? 33  SER B OG  1 
ATOM   784  N N   . VAL B 1 37 ? 6.618   1.129   -3.715  1.00 7.97  ? 34  VAL B N   1 
ATOM   785  C CA  . VAL B 1 37 ? 5.472   1.162   -2.823  1.00 7.94  ? 34  VAL B CA  1 
ATOM   786  C C   . VAL B 1 37 ? 5.882   0.604   -1.459  1.00 8.27  ? 34  VAL B C   1 
ATOM   787  O O   . VAL B 1 37 ? 5.558   1.181   -0.423  1.00 7.45  ? 34  VAL B O   1 
ATOM   788  C CB  . VAL B 1 37 ? 4.299   0.323   -3.396  1.00 6.89  ? 34  VAL B CB  1 
ATOM   789  C CG1 . VAL B 1 37 ? 3.222   0.123   -2.336  1.00 8.32  ? 34  VAL B CG1 1 
ATOM   790  C CG2 . VAL B 1 37 ? 3.707   1.030   -4.609  1.00 7.48  ? 34  VAL B CG2 1 
ATOM   791  N N   . GLU B 1 38 ? 6.612   -0.508  -1.453  1.00 8.43  ? 35  GLU B N   1 
ATOM   792  C CA  . GLU B 1 38 ? 7.021   -1.108  -0.187  1.00 9.00  ? 35  GLU B CA  1 
ATOM   793  C C   . GLU B 1 38 ? 7.817   -0.149  0.694   1.00 8.87  ? 35  GLU B C   1 
ATOM   794  O O   . GLU B 1 38 ? 7.598   -0.097  1.906   1.00 9.51  ? 35  GLU B O   1 
ATOM   795  C CB  . GLU B 1 38 ? 7.838   -2.379  -0.430  1.00 10.72 ? 35  GLU B CB  1 
ATOM   796  C CG  . GLU B 1 38 ? 8.065   -3.194  0.835   1.00 13.84 ? 35  GLU B CG  1 
ATOM   797  C CD  . GLU B 1 38 ? 8.805   -4.489  0.579   1.00 16.03 ? 35  GLU B CD  1 
ATOM   798  O OE1 . GLU B 1 38 ? 9.873   -4.445  -0.065  1.00 19.40 ? 35  GLU B OE1 1 
ATOM   799  O OE2 . GLU B 1 38 ? 8.321   -5.549  1.029   1.00 17.16 ? 35  GLU B OE2 1 
ATOM   800  N N   . ARG B 1 39 ? 8.736   0.606   0.096   1.00 8.22  ? 36  ARG B N   1 
ATOM   801  C CA  . ARG B 1 39 ? 9.539   1.551   0.868   1.00 9.09  ? 36  ARG B CA  1 
ATOM   802  C C   . ARG B 1 39 ? 8.704   2.705   1.415   1.00 9.29  ? 36  ARG B C   1 
ATOM   803  O O   . ARG B 1 39 ? 8.972   3.212   2.502   1.00 10.43 ? 36  ARG B O   1 
ATOM   804  C CB  . ARG B 1 39 ? 10.701  2.096   0.033   1.00 11.94 ? 36  ARG B CB  1 
ATOM   805  C CG  . ARG B 1 39 ? 11.828  1.096   -0.168  1.00 18.11 ? 36  ARG B CG  1 
ATOM   806  C CD  . ARG B 1 39 ? 13.091  1.807   -0.613  1.00 23.73 ? 36  ARG B CD  1 
ATOM   807  N NE  . ARG B 1 39 ? 13.422  2.900   0.299   1.00 29.15 ? 36  ARG B NE  1 
ATOM   808  C CZ  . ARG B 1 39 ? 14.483  3.690   0.176   1.00 31.23 ? 36  ARG B CZ  1 
ATOM   809  N NH1 . ARG B 1 39 ? 15.334  3.514   -0.826  1.00 33.57 ? 36  ARG B NH1 1 
ATOM   810  N NH2 . ARG B 1 39 ? 14.691  4.661   1.054   1.00 32.71 ? 36  ARG B NH2 1 
ATOM   811  N N   . VAL B 1 40 ? 7.697   3.128   0.661   1.00 8.78  ? 37  VAL B N   1 
ATOM   812  C CA  . VAL B 1 40 ? 6.825   4.196   1.136   1.00 8.32  ? 37  VAL B CA  1 
ATOM   813  C C   . VAL B 1 40 ? 6.054   3.655   2.346   1.00 8.37  ? 37  VAL B C   1 
ATOM   814  O O   . VAL B 1 40 ? 5.914   4.329   3.366   1.00 8.05  ? 37  VAL B O   1 
ATOM   815  C CB  . VAL B 1 40 ? 5.787   4.614   0.053   1.00 7.65  ? 37  VAL B CB  1 
ATOM   816  C CG1 . VAL B 1 40 ? 4.756   5.565   0.654   1.00 9.24  ? 37  VAL B CG1 1 
ATOM   817  C CG2 . VAL B 1 40 ? 6.485   5.274   -1.127  1.00 8.66  ? 37  VAL B CG2 1 
ATOM   818  N N   . PHE B 1 41 ? 5.571   2.423   2.223   1.00 6.95  ? 38  PHE B N   1 
ATOM   819  C CA  . PHE B 1 41 ? 4.773   1.800   3.273   1.00 8.71  ? 38  PHE B CA  1 
ATOM   820  C C   . PHE B 1 41 ? 5.523   1.303   4.506   1.00 8.90  ? 38  PHE B C   1 
ATOM   821  O O   . PHE B 1 41 ? 4.899   0.884   5.481   1.00 11.06 ? 38  PHE B O   1 
ATOM   822  C CB  . PHE B 1 41 ? 3.934   0.668   2.667   1.00 9.17  ? 38  PHE B CB  1 
ATOM   823  C CG  . PHE B 1 41 ? 2.725   1.146   1.897   1.00 9.17  ? 38  PHE B CG  1 
ATOM   824  C CD1 . PHE B 1 41 ? 2.718   2.392   1.277   1.00 12.43 ? 38  PHE B CD1 1 
ATOM   825  C CD2 . PHE B 1 41 ? 1.601   0.337   1.778   1.00 13.59 ? 38  PHE B CD2 1 
ATOM   826  C CE1 . PHE B 1 41 ? 1.608   2.828   0.551   1.00 12.09 ? 38  PHE B CE1 1 
ATOM   827  C CE2 . PHE B 1 41 ? 0.488   0.763   1.054   1.00 11.61 ? 38  PHE B CE2 1 
ATOM   828  C CZ  . PHE B 1 41 ? 0.493   2.013   0.440   1.00 10.84 ? 38  PHE B CZ  1 
ATOM   829  N N   . THR B 1 42 ? 6.850   1.341   4.476   1.00 9.97  ? 39  THR B N   1 
ATOM   830  C CA  . THR B 1 42 ? 7.615   0.911   5.643   1.00 10.41 ? 39  THR B CA  1 
ATOM   831  C C   . THR B 1 42 ? 8.424   2.059   6.239   1.00 10.32 ? 39  THR B C   1 
ATOM   832  O O   . THR B 1 42 ? 9.154   1.871   7.215   1.00 12.55 ? 39  THR B O   1 
ATOM   833  C CB  . THR B 1 42 ? 8.576   -0.272  5.326   1.00 10.72 ? 39  THR B CB  1 
ATOM   834  O OG1 . THR B 1 42 ? 9.439   0.073   4.238   1.00 12.10 ? 39  THR B OG1 1 
ATOM   835  C CG2 . THR B 1 42 ? 7.785   -1.526  4.980   1.00 11.10 ? 39  THR B CG2 1 
ATOM   836  N N   . ALA B 1 43 ? 8.286   3.250   5.658   1.00 10.11 ? 40  ALA B N   1 
ATOM   837  C CA  . ALA B 1 43 ? 9.010   4.425   6.137   1.00 9.96  ? 40  ALA B CA  1 
ATOM   838  C C   . ALA B 1 43 ? 8.422   4.927   7.447   1.00 10.96 ? 40  ALA B C   1 
ATOM   839  O O   . ALA B 1 43 ? 7.204   4.974   7.617   1.00 11.39 ? 40  ALA B O   1 
ATOM   840  C CB  . ALA B 1 43 ? 8.958   5.537   5.097   1.00 9.05  ? 40  ALA B CB  1 
ATOM   841  N N   . SER B 1 44 ? 9.298   5.311   8.368   1.00 10.48 ? 41  SER B N   1 
ATOM   842  C CA  . SER B 1 44 ? 8.867   5.833   9.657   1.00 10.46 ? 41  SER B CA  1 
ATOM   843  C C   . SER B 1 44 ? 8.331   7.246   9.459   1.00 9.26  ? 41  SER B C   1 
ATOM   844  O O   . SER B 1 44 ? 8.484   7.833   8.385   1.00 9.91  ? 41  SER B O   1 
ATOM   845  C CB  . SER B 1 44 ? 10.050  5.897   10.619  1.00 10.73 ? 41  SER B CB  1 
ATOM   846  O OG  . SER B 1 44 ? 10.981  6.874   10.178  1.00 13.21 ? 41  SER B OG  1 
ATOM   847  N N   . VAL B 1 45 ? 7.706   7.794   10.494  1.00 10.53 ? 42  VAL B N   1 
ATOM   848  C CA  . VAL B 1 45 ? 7.188   9.152   10.416  1.00 10.83 ? 42  VAL B CA  1 
ATOM   849  C C   . VAL B 1 45 ? 8.322   10.121  10.070  1.00 10.64 ? 42  VAL B C   1 
ATOM   850  O O   . VAL B 1 45 ? 8.177   10.969  9.190   1.00 11.08 ? 42  VAL B O   1 
ATOM   851  C CB  . VAL B 1 45 ? 6.536   9.580   11.754  1.00 12.37 ? 42  VAL B CB  1 
ATOM   852  C CG1 . VAL B 1 45 ? 6.269   11.083  11.751  1.00 13.57 ? 42  VAL B CG1 1 
ATOM   853  C CG2 . VAL B 1 45 ? 5.232   8.822   11.959  1.00 12.80 ? 42  VAL B CG2 1 
ATOM   854  N N   . ALA B 1 46 ? 9.455   9.979   10.753  1.00 10.53 ? 43  ALA B N   1 
ATOM   855  C CA  . ALA B 1 46 ? 10.596  10.854  10.505  1.00 10.08 ? 43  ALA B CA  1 
ATOM   856  C C   . ALA B 1 46 ? 11.080  10.751  9.058   1.00 11.01 ? 43  ALA B C   1 
ATOM   857  O O   . ALA B 1 46 ? 11.442  11.754  8.443   1.00 12.67 ? 43  ALA B O   1 
ATOM   858  C CB  . ALA B 1 46 ? 11.732  10.515  11.470  1.00 11.23 ? 43  ALA B CB  1 
ATOM   859  N N   . GLU B 1 47 ? 11.082  9.541   8.510   1.00 10.09 ? 44  GLU B N   1 
ATOM   860  C CA  . GLU B 1 47 ? 11.530  9.340   7.137   1.00 9.50  ? 44  GLU B CA  1 
ATOM   861  C C   . GLU B 1 47 ? 10.542  9.932   6.129   1.00 9.85  ? 44  GLU B C   1 
ATOM   862  O O   . GLU B 1 47 ? 10.947  10.540  5.137   1.00 9.76  ? 44  GLU B O   1 
ATOM   863  C CB  . GLU B 1 47 ? 11.749  7.849   6.874   1.00 12.51 ? 44  GLU B CB  1 
ATOM   864  C CG  . GLU B 1 47 ? 12.824  7.244   7.769   1.00 15.16 ? 44  GLU B CG  1 
ATOM   865  C CD  . GLU B 1 47 ? 13.053  5.769   7.503   1.00 20.06 ? 44  GLU B CD  1 
ATOM   866  O OE1 . GLU B 1 47 ? 12.082  4.988   7.584   1.00 20.06 ? 44  GLU B OE1 1 
ATOM   867  O OE2 . GLU B 1 47 ? 14.208  5.392   7.214   1.00 24.73 ? 44  GLU B OE2 1 
ATOM   868  N N   . LEU B 1 48 ? 9.250   9.760   6.389   1.00 9.15  ? 45  LEU B N   1 
ATOM   869  C CA  . LEU B 1 48 ? 8.225   10.308  5.509   1.00 9.00  ? 45  LEU B CA  1 
ATOM   870  C C   . LEU B 1 48 ? 8.350   11.827  5.445   1.00 9.94  ? 45  LEU B C   1 
ATOM   871  O O   . LEU B 1 48 ? 8.155   12.432  4.392   1.00 9.87  ? 45  LEU B O   1 
ATOM   872  C CB  . LEU B 1 48 ? 6.833   9.933   6.023   1.00 8.17  ? 45  LEU B CB  1 
ATOM   873  C CG  . LEU B 1 48 ? 6.415   8.465   5.890   1.00 8.41  ? 45  LEU B CG  1 
ATOM   874  C CD1 . LEU B 1 48 ? 5.174   8.218   6.730   1.00 9.85  ? 45  LEU B CD1 1 
ATOM   875  C CD2 . LEU B 1 48 ? 6.157   8.122   4.429   1.00 9.80  ? 45  LEU B CD2 1 
ATOM   876  N N   . MET B 1 49 ? 8.692   12.440  6.577   1.00 10.00 ? 46  MET B N   1 
ATOM   877  C CA  . MET B 1 49 ? 8.831   13.890  6.643   1.00 11.41 ? 46  MET B CA  1 
ATOM   878  C C   . MET B 1 49 ? 9.986   14.467  5.835   1.00 10.95 ? 46  MET B C   1 
ATOM   879  O O   . MET B 1 49 ? 10.050  15.677  5.627   1.00 11.90 ? 46  MET B O   1 
ATOM   880  C CB  . MET B 1 49 ? 8.953   14.338  8.099   1.00 12.66 ? 46  MET B CB  1 
ATOM   881  C CG  . MET B 1 49 ? 7.674   14.175  8.890   1.00 12.79 ? 46  MET B CG  1 
ATOM   882  S SD  . MET B 1 49 ? 7.841   14.833  10.555  1.00 18.80 ? 46  MET B SD  1 
ATOM   883  C CE  . MET B 1 49 ? 7.825   16.600  10.215  1.00 21.20 ? 46  MET B CE  1 
ATOM   884  N N   . LYS B 1 50 ? 10.901  13.619  5.379   1.00 11.24 ? 47  LYS B N   1 
ATOM   885  C CA  . LYS B 1 50 ? 12.016  14.109  4.584   1.00 12.72 ? 47  LYS B CA  1 
ATOM   886  C C   . LYS B 1 50 ? 11.517  14.562  3.220   1.00 13.95 ? 47  LYS B C   1 
ATOM   887  O O   . LYS B 1 50 ? 12.153  15.381  2.555   1.00 16.43 ? 47  LYS B O   1 
ATOM   888  C CB  . LYS B 1 50 ? 13.080  13.023  4.421   1.00 13.69 ? 47  LYS B CB  1 
ATOM   889  C CG  . LYS B 1 50 ? 13.809  12.698  5.713   1.00 15.21 ? 47  LYS B CG  1 
ATOM   890  C CD  . LYS B 1 50 ? 14.895  11.656  5.498   1.00 18.57 ? 47  LYS B CD  1 
ATOM   891  C CE  . LYS B 1 50 ? 15.639  11.362  6.791   1.00 21.05 ? 47  LYS B CE  1 
ATOM   892  N NZ  . LYS B 1 50 ? 16.700  10.335  6.599   1.00 23.50 ? 47  LYS B NZ  1 
ATOM   893  N N   . VAL B 1 51 ? 10.370  14.030  2.810   1.00 12.00 ? 48  VAL B N   1 
ATOM   894  C CA  . VAL B 1 51 ? 9.783   14.388  1.525   1.00 13.54 ? 48  VAL B CA  1 
ATOM   895  C C   . VAL B 1 51 ? 9.236   15.803  1.585   1.00 13.97 ? 48  VAL B C   1 
ATOM   896  O O   . VAL B 1 51 ? 8.436   16.131  2.460   1.00 12.39 ? 48  VAL B O   1 
ATOM   897  C CB  . VAL B 1 51 ? 8.631   13.435  1.152   1.00 12.44 ? 48  VAL B CB  1 
ATOM   898  C CG1 . VAL B 1 51 ? 8.020   13.849  -0.179  1.00 14.82 ? 48  VAL B CG1 1 
ATOM   899  C CG2 . VAL B 1 51 ? 9.148   12.009  1.077   1.00 15.13 ? 48  VAL B CG2 1 
ATOM   900  N N   . GLU B 1 52 ? 9.682   16.650  0.663   1.00 16.52 ? 49  GLU B N   1 
ATOM   901  C CA  . GLU B 1 52 ? 9.205   18.021  0.633   1.00 18.81 ? 49  GLU B CA  1 
ATOM   902  C C   . GLU B 1 52 ? 7.735   17.962  0.254   1.00 18.33 ? 49  GLU B C   1 
ATOM   903  O O   . GLU B 1 52 ? 7.379   17.438  -0.804  1.00 17.55 ? 49  GLU B O   1 
ATOM   904  C CB  . GLU B 1 52 ? 9.987   18.842  -0.391  1.00 21.73 ? 49  GLU B CB  1 
ATOM   905  C CG  . GLU B 1 52 ? 9.785   20.340  -0.251  1.00 26.91 ? 49  GLU B CG  1 
ATOM   906  C CD  . GLU B 1 52 ? 10.092  20.831  1.152   1.00 28.85 ? 49  GLU B CD  1 
ATOM   907  O OE1 . GLU B 1 52 ? 11.207  20.566  1.647   1.00 31.99 ? 49  GLU B OE1 1 
ATOM   908  O OE2 . GLU B 1 52 ? 9.219   21.484  1.760   1.00 31.72 ? 49  GLU B OE2 1 
ATOM   909  N N   . GLY B 1 53 ? 6.887   18.487  1.128   1.00 16.95 ? 50  GLY B N   1 
ATOM   910  C CA  . GLY B 1 53 ? 5.459   18.466  0.884   1.00 17.24 ? 50  GLY B CA  1 
ATOM   911  C C   . GLY B 1 53 ? 4.767   17.644  1.953   1.00 17.45 ? 50  GLY B C   1 
ATOM   912  O O   . GLY B 1 53 ? 3.544   17.681  2.089   1.00 18.16 ? 50  GLY B O   1 
ATOM   913  N N   . ILE B 1 54 ? 5.562   16.893  2.712   1.00 16.56 ? 51  ILE B N   1 
ATOM   914  C CA  . ILE B 1 54 ? 5.046   16.054  3.788   1.00 16.95 ? 51  ILE B CA  1 
ATOM   915  C C   . ILE B 1 54 ? 5.445   16.624  5.144   1.00 18.21 ? 51  ILE B C   1 
ATOM   916  O O   . ILE B 1 54 ? 6.615   16.574  5.525   1.00 17.74 ? 51  ILE B O   1 
ATOM   917  C CB  . ILE B 1 54 ? 5.604   14.609  3.708   1.00 16.23 ? 51  ILE B CB  1 
ATOM   918  C CG1 . ILE B 1 54 ? 5.147   13.932  2.416   1.00 18.37 ? 51  ILE B CG1 1 
ATOM   919  C CG2 . ILE B 1 54 ? 5.130   13.802  4.918   1.00 14.34 ? 51  ILE B CG2 1 
ATOM   920  C CD1 . ILE B 1 54 ? 3.678   13.590  2.401   1.00 20.39 ? 51  ILE B CD1 1 
ATOM   921  N N   . GLY B 1 55 ? 4.467   17.159  5.868   1.00 18.00 ? 52  GLY B N   1 
ATOM   922  C CA  . GLY B 1 55 ? 4.731   17.711  7.183   1.00 19.12 ? 52  GLY B CA  1 
ATOM   923  C C   . GLY B 1 55 ? 4.495   16.667  8.259   1.00 20.11 ? 52  GLY B C   1 
ATOM   924  O O   . GLY B 1 55 ? 4.227   15.505  7.950   1.00 18.71 ? 52  GLY B O   1 
ATOM   925  N N   . GLU B 1 56 ? 4.586   17.071  9.521   1.00 20.33 ? 53  GLU B N   1 
ATOM   926  C CA  . GLU B 1 56 ? 4.388   16.147  10.633  1.00 20.89 ? 53  GLU B CA  1 
ATOM   927  C C   . GLU B 1 56 ? 2.971   15.583  10.680  1.00 20.72 ? 53  GLU B C   1 
ATOM   928  O O   . GLU B 1 56 ? 2.781   14.378  10.852  1.00 20.08 ? 53  GLU B O   1 
ATOM   929  C CB  . GLU B 1 56 ? 4.708   16.836  11.964  1.00 22.57 ? 53  GLU B CB  1 
ATOM   930  C CG  . GLU B 1 56 ? 4.428   15.965  13.178  1.00 25.06 ? 53  GLU B CG  1 
ATOM   931  C CD  . GLU B 1 56 ? 4.761   16.648  14.488  1.00 26.61 ? 53  GLU B CD  1 
ATOM   932  O OE1 . GLU B 1 56 ? 4.345   17.809  14.681  1.00 28.73 ? 53  GLU B OE1 1 
ATOM   933  O OE2 . GLU B 1 56 ? 5.431   16.015  15.331  1.00 26.93 ? 53  GLU B OE2 1 
ATOM   934  N N   . LYS B 1 57 ? 1.979   16.456  10.532  1.00 20.70 ? 54  LYS B N   1 
ATOM   935  C CA  . LYS B 1 57 ? 0.583   16.037  10.562  1.00 21.14 ? 54  LYS B CA  1 
ATOM   936  C C   . LYS B 1 57 ? 0.302   14.941  9.541   1.00 20.08 ? 54  LYS B C   1 
ATOM   937  O O   . LYS B 1 57 ? -0.223  13.880  9.882   1.00 19.43 ? 54  LYS B O   1 
ATOM   938  C CB  . LYS B 1 57 ? -0.332  17.235  10.289  1.00 21.90 ? 54  LYS B CB  1 
ATOM   939  C CG  . LYS B 1 57 ? -1.812  16.887  10.220  1.00 24.15 ? 54  LYS B CG  1 
ATOM   940  C CD  . LYS B 1 57 ? -2.315  16.320  11.538  1.00 24.70 ? 54  LYS B CD  1 
ATOM   941  C CE  . LYS B 1 57 ? -3.792  15.969  11.456  1.00 25.45 ? 54  LYS B CE  1 
ATOM   942  N NZ  . LYS B 1 57 ? -4.306  15.448  12.752  1.00 25.59 ? 54  LYS B NZ  1 
ATOM   943  N N   . ILE B 1 58 ? 0.653   15.202  8.288   1.00 19.06 ? 55  ILE B N   1 
ATOM   944  C CA  . ILE B 1 58 ? 0.428   14.242  7.219   1.00 18.16 ? 55  ILE B CA  1 
ATOM   945  C C   . ILE B 1 58 ? 1.200   12.945  7.449   1.00 15.99 ? 55  ILE B C   1 
ATOM   946  O O   . ILE B 1 58 ? 0.658   11.856  7.261   1.00 14.92 ? 55  ILE B O   1 
ATOM   947  C CB  . ILE B 1 58 ? 0.828   14.829  5.846   1.00 20.05 ? 55  ILE B CB  1 
ATOM   948  C CG1 . ILE B 1 58 ? 0.021   16.100  5.567   1.00 22.63 ? 55  ILE B CG1 1 
ATOM   949  C CG2 . ILE B 1 58 ? 0.596   13.800  4.749   1.00 20.94 ? 55  ILE B CG2 1 
ATOM   950  C CD1 . ILE B 1 58 ? -1.476  15.907  5.630   1.00 25.22 ? 55  ILE B CD1 1 
ATOM   951  N N   . ALA B 1 59 ? 2.460   13.059  7.859   1.00 13.78 ? 56  ALA B N   1 
ATOM   952  C CA  . ALA B 1 59 ? 3.285   11.879  8.101   1.00 12.02 ? 56  ALA B CA  1 
ATOM   953  C C   . ALA B 1 59 ? 2.671   10.970  9.160   1.00 12.31 ? 56  ALA B C   1 
ATOM   954  O O   . ALA B 1 59 ? 2.595   9.752   8.979   1.00 10.74 ? 56  ALA B O   1 
ATOM   955  C CB  . ALA B 1 59 ? 4.694   12.297  8.518   1.00 11.01 ? 56  ALA B CB  1 
ATOM   956  N N   . LYS B 1 60 ? 2.229   11.559  10.267  1.00 12.46 ? 57  LYS B N   1 
ATOM   957  C CA  . LYS B 1 60 ? 1.626   10.781  11.339  1.00 13.60 ? 57  LYS B CA  1 
ATOM   958  C C   . LYS B 1 60 ? 0.332   10.112  10.884  1.00 13.62 ? 57  LYS B C   1 
ATOM   959  O O   . LYS B 1 60 ? 0.056   8.971   11.257  1.00 13.49 ? 57  LYS B O   1 
ATOM   960  C CB  . LYS B 1 60 ? 1.355   11.666  12.559  1.00 15.78 ? 57  LYS B CB  1 
ATOM   961  C CG  . LYS B 1 60 ? 2.619   12.139  13.265  1.00 17.63 ? 57  LYS B CG  1 
ATOM   962  C CD  . LYS B 1 60 ? 2.301   12.953  14.516  1.00 21.10 ? 57  LYS B CD  1 
ATOM   963  C CE  . LYS B 1 60 ? 1.602   14.260  14.174  1.00 22.97 ? 57  LYS B CE  1 
ATOM   964  N NZ  . LYS B 1 60 ? 1.273   15.055  15.393  1.00 26.78 ? 57  LYS B NZ  1 
ATOM   965  N N   . GLU B 1 61 ? -0.462  10.822  10.086  1.00 13.61 ? 58  GLU B N   1 
ATOM   966  C CA  . GLU B 1 61 ? -1.719  10.272  9.586   1.00 15.52 ? 58  GLU B CA  1 
ATOM   967  C C   . GLU B 1 61 ? -1.450  9.090   8.665   1.00 13.74 ? 58  GLU B C   1 
ATOM   968  O O   . GLU B 1 61 ? -2.116  8.056   8.751   1.00 13.79 ? 58  GLU B O   1 
ATOM   969  C CB  . GLU B 1 61 ? -2.514  11.344  8.834   1.00 19.18 ? 58  GLU B CB  1 
ATOM   970  C CG  . GLU B 1 61 ? -3.307  12.280  9.736   1.00 24.37 ? 58  GLU B CG  1 
ATOM   971  C CD  . GLU B 1 61 ? -4.381  11.551  10.528  1.00 26.73 ? 58  GLU B CD  1 
ATOM   972  O OE1 . GLU B 1 61 ? -4.031  10.727  11.401  1.00 29.70 ? 58  GLU B OE1 1 
ATOM   973  O OE2 . GLU B 1 61 ? -5.578  11.799  10.273  1.00 31.15 ? 58  GLU B OE2 1 
ATOM   974  N N   . ILE B 1 62 ? -0.466  9.248   7.786   1.00 11.42 ? 59  ILE B N   1 
ATOM   975  C CA  . ILE B 1 62 ? -0.088  8.194   6.851   1.00 10.29 ? 59  ILE B CA  1 
ATOM   976  C C   . ILE B 1 62 ? 0.350   6.944   7.608   1.00 9.73  ? 59  ILE B C   1 
ATOM   977  O O   . ILE B 1 62 ? -0.144  5.843   7.355   1.00 8.32  ? 59  ILE B O   1 
ATOM   978  C CB  . ILE B 1 62 ? 1.083   8.652   5.941   1.00 9.68  ? 59  ILE B CB  1 
ATOM   979  C CG1 . ILE B 1 62 ? 0.584   9.707   4.952   1.00 10.66 ? 59  ILE B CG1 1 
ATOM   980  C CG2 . ILE B 1 62 ? 1.694   7.452   5.213   1.00 9.74  ? 59  ILE B CG2 1 
ATOM   981  C CD1 . ILE B 1 62 ? 1.684   10.334  4.122   1.00 12.84 ? 59  ILE B CD1 1 
ATOM   982  N N   . ARG B 1 63 ? 1.272   7.118   8.545   1.00 9.46  ? 60  ARG B N   1 
ATOM   983  C CA  . ARG B 1 63 ? 1.787   5.998   9.313   1.00 8.96  ? 60  ARG B CA  1 
ATOM   984  C C   . ARG B 1 63 ? 0.700   5.317   10.147  1.00 9.77  ? 60  ARG B C   1 
ATOM   985  O O   . ARG B 1 63 ? 0.702   4.095   10.290  1.00 10.86 ? 60  ARG B O   1 
ATOM   986  C CB  . ARG B 1 63 ? 2.931   6.476   10.208  1.00 10.69 ? 60  ARG B CB  1 
ATOM   987  C CG  . ARG B 1 63 ? 3.817   5.361   10.720  1.00 10.91 ? 60  ARG B CG  1 
ATOM   988  C CD  . ARG B 1 63 ? 4.475   4.581   9.584   1.00 11.32 ? 60  ARG B CD  1 
ATOM   989  N NE  . ARG B 1 63 ? 5.216   3.443   10.117  1.00 14.19 ? 60  ARG B NE  1 
ATOM   990  C CZ  . ARG B 1 63 ? 5.502   2.341   9.434   1.00 11.83 ? 60  ARG B CZ  1 
ATOM   991  N NH1 . ARG B 1 63 ? 5.113   2.218   8.169   1.00 11.28 ? 60  ARG B NH1 1 
ATOM   992  N NH2 . ARG B 1 63 ? 6.163   1.359   10.024  1.00 14.92 ? 60  ARG B NH2 1 
ATOM   993  N N   . ARG B 1 64 ? -0.227  6.102   10.689  1.00 10.37 ? 61  ARG B N   1 
ATOM   994  C CA  . ARG B 1 64 ? -1.310  5.543   11.491  1.00 12.04 ? 61  ARG B CA  1 
ATOM   995  C C   . ARG B 1 64 ? -2.162  4.596   10.652  1.00 10.26 ? 61  ARG B C   1 
ATOM   996  O O   . ARG B 1 64 ? -2.487  3.491   11.086  1.00 10.23 ? 61  ARG B O   1 
ATOM   997  C CB  . ARG B 1 64 ? -2.186  6.663   12.061  1.00 14.71 ? 61  ARG B CB  1 
ATOM   998  C CG  . ARG B 1 64 ? -3.466  6.167   12.732  1.00 18.87 ? 61  ARG B CG  1 
ATOM   999  C CD  . ARG B 1 64 ? -4.195  7.293   13.458  1.00 21.42 ? 61  ARG B CD  1 
ATOM   1000 N NE  . ARG B 1 64 ? -5.480  6.854   13.998  1.00 25.37 ? 61  ARG B NE  1 
ATOM   1001 C CZ  . ARG B 1 64 ? -6.561  6.619   13.261  1.00 25.88 ? 61  ARG B CZ  1 
ATOM   1002 N NH1 . ARG B 1 64 ? -6.521  6.783   11.946  1.00 26.12 ? 61  ARG B NH1 1 
ATOM   1003 N NH2 . ARG B 1 64 ? -7.686  6.218   13.840  1.00 27.05 ? 61  ARG B NH2 1 
ATOM   1004 N N   . VAL B 1 65 ? -2.521  5.027   9.448   1.00 8.33  ? 62  VAL B N   1 
ATOM   1005 C CA  . VAL B 1 65 ? -3.336  4.205   8.564   1.00 8.56  ? 62  VAL B CA  1 
ATOM   1006 C C   . VAL B 1 65 ? -2.605  2.941   8.119   1.00 8.61  ? 62  VAL B C   1 
ATOM   1007 O O   . VAL B 1 65 ? -3.192  1.860   8.069   1.00 8.68  ? 62  VAL B O   1 
ATOM   1008 C CB  . VAL B 1 65 ? -3.781  5.009   7.318   1.00 8.79  ? 62  VAL B CB  1 
ATOM   1009 C CG1 . VAL B 1 65 ? -4.380  4.080   6.273   1.00 10.47 ? 62  VAL B CG1 1 
ATOM   1010 C CG2 . VAL B 1 65 ? -4.806  6.061   7.725   1.00 11.15 ? 62  VAL B CG2 1 
ATOM   1011 N N   . ILE B 1 66 ? -1.319  3.075   7.819   1.00 6.79  ? 63  ILE B N   1 
ATOM   1012 C CA  . ILE B 1 66 ? -0.518  1.947   7.369   1.00 7.05  ? 63  ILE B CA  1 
ATOM   1013 C C   . ILE B 1 66 ? -0.277  0.892   8.446   1.00 7.42  ? 63  ILE B C   1 
ATOM   1014 O O   . ILE B 1 66 ? -0.311  -0.304  8.163   1.00 7.62  ? 63  ILE B O   1 
ATOM   1015 C CB  . ILE B 1 66 ? 0.851   2.445   6.822   1.00 6.78  ? 63  ILE B CB  1 
ATOM   1016 C CG1 . ILE B 1 66 ? 0.621   3.218   5.520   1.00 7.84  ? 63  ILE B CG1 1 
ATOM   1017 C CG2 . ILE B 1 66 ? 1.811   1.270   6.593   1.00 7.68  ? 63  ILE B CG2 1 
ATOM   1018 C CD1 . ILE B 1 66 ? 1.869   3.886   4.977   1.00 8.92  ? 63  ILE B CD1 1 
ATOM   1019 N N   . THR B 1 67 ? -0.056  1.328   9.682   1.00 7.27  ? 64  THR B N   1 
ATOM   1020 C CA  . THR B 1 67 ? 0.236   0.400   10.774  1.00 9.17  ? 64  THR B CA  1 
ATOM   1021 C C   . THR B 1 67 ? -0.937  -0.017  11.656  1.00 9.89  ? 64  THR B C   1 
ATOM   1022 O O   . THR B 1 67 ? -0.796  -0.928  12.473  1.00 11.72 ? 64  THR B O   1 
ATOM   1023 C CB  . THR B 1 67 ? 1.332   0.971   11.708  1.00 10.88 ? 64  THR B CB  1 
ATOM   1024 O OG1 . THR B 1 67 ? 0.861   2.175   12.325  1.00 12.42 ? 64  THR B OG1 1 
ATOM   1025 C CG2 . THR B 1 67 ? 2.605   1.272   10.923  1.00 10.21 ? 64  THR B CG2 1 
ATOM   1026 N N   . ALA B 1 68 ? -2.081  0.643   11.506  1.00 9.82  ? 65  ALA B N   1 
ATOM   1027 C CA  . ALA B 1 68 ? -3.247  0.327   12.324  1.00 11.35 ? 65  ALA B CA  1 
ATOM   1028 C C   . ALA B 1 68 ? -3.767  -1.081  12.095  1.00 10.77 ? 65  ALA B C   1 
ATOM   1029 O O   . ALA B 1 68 ? -3.784  -1.577  10.970  1.00 11.04 ? 65  ALA B O   1 
ATOM   1030 C CB  . ALA B 1 68 ? -4.359  1.327   12.051  1.00 11.71 ? 65  ALA B CB  1 
ATOM   1031 N N   . PRO B 1 69 ? -4.183  -1.763  13.172  1.00 10.84 ? 66  PRO B N   1 
ATOM   1032 C CA  . PRO B 1 69 ? -4.702  -3.116  12.980  1.00 10.29 ? 66  PRO B CA  1 
ATOM   1033 C C   . PRO B 1 69 ? -5.994  -3.035  12.172  1.00 9.73  ? 66  PRO B C   1 
ATOM   1034 O O   . PRO B 1 69 ? -6.694  -2.021  12.207  1.00 9.97  ? 66  PRO B O   1 
ATOM   1035 C CB  . PRO B 1 69 ? -4.935  -3.609  14.412  1.00 12.29 ? 66  PRO B CB  1 
ATOM   1036 C CG  . PRO B 1 69 ? -5.159  -2.348  15.180  1.00 17.18 ? 66  PRO B CG  1 
ATOM   1037 C CD  . PRO B 1 69 ? -4.137  -1.410  14.601  1.00 13.45 ? 66  PRO B CD  1 
ATOM   1038 N N   . TYR B 1 70 ? -6.297  -4.089  11.425  1.00 8.94  ? 67  TYR B N   1 
ATOM   1039 C CA  . TYR B 1 70 ? -7.518  -4.116  10.633  1.00 9.88  ? 67  TYR B CA  1 
ATOM   1040 C C   . TYR B 1 70 ? -8.634  -4.745  11.448  1.00 11.89 ? 67  TYR B C   1 
ATOM   1041 O O   . TYR B 1 70 ? -8.547  -5.905  11.852  1.00 12.03 ? 67  TYR B O   1 
ATOM   1042 C CB  . TYR B 1 70 ? -7.327  -4.924  9.351   1.00 9.95  ? 67  TYR B CB  1 
ATOM   1043 C CG  . TYR B 1 70 ? -8.582  -4.978  8.511   1.00 9.44  ? 67  TYR B CG  1 
ATOM   1044 C CD1 . TYR B 1 70 ? -9.027  -3.855  7.817   1.00 11.28 ? 67  TYR B CD1 1 
ATOM   1045 C CD2 . TYR B 1 70 ? -9.353  -6.140  8.446   1.00 10.12 ? 67  TYR B CD2 1 
ATOM   1046 C CE1 . TYR B 1 70 ? -10.206 -3.885  7.081   1.00 11.68 ? 67  TYR B CE1 1 
ATOM   1047 C CE2 . TYR B 1 70 ? -10.537 -6.179  7.714   1.00 10.62 ? 67  TYR B CE2 1 
ATOM   1048 C CZ  . TYR B 1 70 ? -10.957 -5.049  7.034   1.00 11.66 ? 67  TYR B CZ  1 
ATOM   1049 O OH  . TYR B 1 70 ? -12.123 -5.083  6.301   1.00 15.04 ? 67  TYR B OH  1 
ATOM   1050 N N   . ILE B 1 71 ? -9.682  -3.964  11.685  1.00 14.70 ? 68  ILE B N   1 
ATOM   1051 C CA  . ILE B 1 71 ? -10.834 -4.421  12.444  1.00 20.37 ? 68  ILE B CA  1 
ATOM   1052 C C   . ILE B 1 71 ? -12.088 -3.842  11.796  1.00 22.77 ? 68  ILE B C   1 
ATOM   1053 O O   . ILE B 1 71 ? -12.106 -2.684  11.379  1.00 23.78 ? 68  ILE B O   1 
ATOM   1054 C CB  . ILE B 1 71 ? -10.741 -3.964  13.917  1.00 21.30 ? 68  ILE B CB  1 
ATOM   1055 C CG1 . ILE B 1 71 ? -10.570 -2.447  13.983  1.00 22.91 ? 68  ILE B CG1 1 
ATOM   1056 C CG2 . ILE B 1 71 ? -9.563  -4.650  14.602  1.00 21.33 ? 68  ILE B CG2 1 
ATOM   1057 C CD1 . ILE B 1 71 ? -10.372 -1.910  15.388  1.00 25.28 ? 68  ILE B CD1 1 
ATOM   1058 N N   . GLU B 1 72 ? -13.129 -4.658  11.700  1.00 26.94 ? 69  GLU B N   1 
ATOM   1059 C CA  . GLU B 1 72 ? -14.379 -4.226  11.088  1.00 30.11 ? 69  GLU B CA  1 
ATOM   1060 C C   . GLU B 1 72 ? -15.444 -3.917  12.134  1.00 31.24 ? 69  GLU B C   1 
ATOM   1061 O O   . GLU B 1 72 ? -16.500 -4.584  12.121  1.00 33.50 ? 69  GLU B O   1 
ATOM   1062 C CB  . GLU B 1 72 ? -14.877 -5.306  10.129  1.00 31.38 ? 69  GLU B CB  1 
ATOM   1063 C CG  . GLU B 1 72 ? -13.919 -5.590  8.981   1.00 32.82 ? 69  GLU B CG  1 
ATOM   1064 C CD  . GLU B 1 72 ? -14.361 -6.758  8.123   1.00 34.12 ? 69  GLU B CD  1 
ATOM   1065 O OE1 . GLU B 1 72 ? -13.721 -7.007  7.081   1.00 33.12 ? 69  GLU B OE1 1 
ATOM   1066 O OE2 . GLU B 1 72 ? -15.348 -7.430  8.494   1.00 35.71 ? 69  GLU B OE2 1 
HETATM 1067 O O   . HOH C 2 .  ? -7.223  -4.709  -7.361  1.00 6.33  ? 73  HOH A O   1 
HETATM 1068 O O   . HOH C 2 .  ? 6.462   -0.306  -6.261  1.00 7.10  ? 74  HOH A O   1 
HETATM 1069 O O   . HOH C 2 .  ? -3.238  -19.776 -1.673  1.00 9.17  ? 75  HOH A O   1 
HETATM 1070 O O   . HOH C 2 .  ? -8.106  -13.979 6.421   1.00 12.54 ? 76  HOH A O   1 
HETATM 1071 O O   . HOH C 2 .  ? 3.330   -8.410  -0.136  1.00 11.90 ? 77  HOH A O   1 
HETATM 1072 O O   . HOH C 2 .  ? -7.065  -17.859 3.534   1.00 14.18 ? 78  HOH A O   1 
HETATM 1073 O O   . HOH C 2 .  ? -6.715  -16.312 5.812   1.00 14.96 ? 79  HOH A O   1 
HETATM 1074 O O   . HOH C 2 .  ? -8.077  -12.701 -8.194  1.00 15.30 ? 80  HOH A O   1 
HETATM 1075 O O   . HOH C 2 .  ? 6.143   -5.613  -14.339 1.00 18.07 ? 81  HOH A O   1 
HETATM 1076 O O   . HOH C 2 .  ? -5.295  -20.368 -2.953  1.00 17.61 ? 82  HOH A O   1 
HETATM 1077 O O   . HOH C 2 .  ? -2.059  -17.617 -8.643  1.00 18.47 ? 83  HOH A O   1 
HETATM 1078 O O   . HOH C 2 .  ? -7.552  -2.914  -8.953  1.00 18.02 ? 84  HOH A O   1 
HETATM 1079 O O   . HOH C 2 .  ? 0.857   -16.234 5.426   1.00 19.63 ? 85  HOH A O   1 
HETATM 1080 O O   . HOH C 2 .  ? 4.069   -9.431  6.619   1.00 17.66 ? 86  HOH A O   1 
HETATM 1081 O O   . HOH C 2 .  ? -2.347  -21.806 -2.768  1.00 25.22 ? 87  HOH A O   1 
HETATM 1082 O O   . HOH C 2 .  ? -2.721  -5.897  13.812  1.00 22.24 ? 88  HOH A O   1 
HETATM 1083 O O   . HOH C 2 .  ? -12.340 -4.872  0.671   1.00 17.88 ? 89  HOH A O   1 
HETATM 1084 O O   . HOH C 2 .  ? -11.729 -14.518 -2.996  1.00 21.05 ? 90  HOH A O   1 
HETATM 1085 O O   . HOH C 2 .  ? 2.493   -7.356  -11.577 1.00 18.04 ? 91  HOH A O   1 
HETATM 1086 O O   . HOH C 2 .  ? -13.627 -20.207 -1.633  1.00 19.44 ? 92  HOH A O   1 
HETATM 1087 O O   . HOH C 2 .  ? -15.608 -8.745  -4.023  1.00 22.04 ? 93  HOH A O   1 
HETATM 1088 O O   . HOH C 2 .  ? -12.842 1.754   10.640  1.00 21.26 ? 94  HOH A O   1 
HETATM 1089 O O   . HOH C 2 .  ? -7.179  -13.149 -10.893 1.00 22.72 ? 95  HOH A O   1 
HETATM 1090 O O   . HOH C 2 .  ? -10.645 -0.196  -5.041  1.00 21.04 ? 96  HOH A O   1 
HETATM 1091 O O   . HOH C 2 .  ? 8.857   -16.275 -0.794  1.00 25.61 ? 97  HOH A O   1 
HETATM 1092 O O   . HOH C 2 .  ? 1.847   -2.738  10.872  1.00 22.79 ? 98  HOH A O   1 
HETATM 1093 O O   . HOH C 2 .  ? 8.882   -11.106 -1.743  1.00 24.61 ? 99  HOH A O   1 
HETATM 1094 O O   . HOH C 2 .  ? -9.439  -1.051  11.046  1.00 24.65 ? 100 HOH A O   1 
HETATM 1095 O O   . HOH C 2 .  ? -9.878  -18.546 3.492   1.00 21.86 ? 101 HOH A O   1 
HETATM 1096 O O   . HOH C 2 .  ? -8.106  -14.759 -6.188  1.00 21.47 ? 102 HOH A O   1 
HETATM 1097 O O   . HOH C 2 .  ? -8.402  0.992   -4.834  1.00 21.78 ? 103 HOH A O   1 
HETATM 1098 O O   . HOH C 2 .  ? 8.633   -16.422 3.469   1.00 29.62 ? 104 HOH A O   1 
HETATM 1099 O O   . HOH C 2 .  ? -11.668 -12.228 -6.121  1.00 20.81 ? 105 HOH A O   1 
HETATM 1100 O O   . HOH C 2 .  ? 3.590   -20.940 0.535   1.00 31.11 ? 106 HOH A O   1 
HETATM 1101 O O   . HOH C 2 .  ? -12.688 -22.850 0.852   1.00 32.77 ? 107 HOH A O   1 
HETATM 1102 O O   . HOH C 2 .  ? 12.880  4.548   -10.054 1.00 28.98 ? 108 HOH A O   1 
HETATM 1103 O O   . HOH C 2 .  ? -3.989  -21.194 0.229   1.00 18.91 ? 109 HOH A O   1 
HETATM 1104 O O   . HOH C 2 .  ? -10.795 -14.254 6.692   1.00 22.22 ? 110 HOH A O   1 
HETATM 1105 O O   . HOH C 2 .  ? -7.876  -6.109  -9.279  1.00 26.04 ? 111 HOH A O   1 
HETATM 1106 O O   . HOH C 2 .  ? 3.413   -5.203  -12.996 1.00 23.05 ? 112 HOH A O   1 
HETATM 1107 O O   . HOH C 2 .  ? 3.964   -8.946  -13.260 1.00 26.45 ? 113 HOH A O   1 
HETATM 1108 O O   . HOH C 2 .  ? -0.827  -19.833 -9.522  1.00 24.40 ? 114 HOH A O   1 
HETATM 1109 O O   . HOH C 2 .  ? 9.331   -13.584 -1.838  1.00 32.24 ? 115 HOH A O   1 
HETATM 1110 O O   . HOH C 2 .  ? 0.444   -21.938 -6.801  1.00 28.70 ? 116 HOH A O   1 
HETATM 1111 O O   . HOH C 2 .  ? 0.922   -10.808 10.297  1.00 26.73 ? 117 HOH A O   1 
HETATM 1112 O O   . HOH C 2 .  ? -5.805  -20.390 3.736   1.00 32.89 ? 118 HOH A O   1 
HETATM 1113 O O   . HOH C 2 .  ? 8.122   -1.677  9.334   1.00 32.61 ? 119 HOH A O   1 
HETATM 1114 O O   . HOH C 2 .  ? -9.093  7.395   6.993   1.00 39.68 ? 120 HOH A O   1 
HETATM 1115 O O   . HOH C 2 .  ? -13.246 -11.919 2.655   1.00 31.91 ? 121 HOH A O   1 
HETATM 1116 O O   . HOH C 2 .  ? -7.624  9.071   -0.380  1.00 23.68 ? 122 HOH A O   1 
HETATM 1117 O O   . HOH C 2 .  ? -17.666 6.138   5.014   1.00 26.28 ? 123 HOH A O   1 
HETATM 1118 O O   . HOH C 2 .  ? 4.273   -12.040 6.907   1.00 35.70 ? 124 HOH A O   1 
HETATM 1119 O O   . HOH C 2 .  ? -17.675 -8.298  -1.272  1.00 28.00 ? 125 HOH A O   1 
HETATM 1120 O O   . HOH C 2 .  ? 11.698  7.811   -13.524 1.00 38.02 ? 126 HOH A O   1 
HETATM 1121 O O   . HOH C 2 .  ? -11.562 -16.424 4.153   1.00 39.39 ? 127 HOH A O   1 
HETATM 1122 O O   . HOH D 2 .  ? -5.356  10.070  -0.766  1.00 7.79  ? 73  HOH B O   1 
HETATM 1123 O O   . HOH D 2 .  ? 8.795   17.382  4.646   1.00 7.36  ? 74  HOH B O   1 
HETATM 1124 O O   . HOH D 2 .  ? -3.479  -0.815  8.490   1.00 7.98  ? 75  HOH B O   1 
HETATM 1125 O O   . HOH D 2 .  ? 7.132   1.993   -12.359 1.00 10.58 ? 76  HOH B O   1 
HETATM 1126 O O   . HOH D 2 .  ? -5.219  13.875  -6.272  1.00 13.06 ? 77  HOH B O   1 
HETATM 1127 O O   . HOH D 2 .  ? 5.027   4.409   6.133   1.00 11.41 ? 78  HOH B O   1 
HETATM 1128 O O   . HOH D 2 .  ? -9.114  -8.401  12.768  1.00 12.34 ? 79  HOH B O   1 
HETATM 1129 O O   . HOH D 2 .  ? 10.959  18.161  3.798   1.00 17.06 ? 80  HOH B O   1 
HETATM 1130 O O   . HOH D 2 .  ? 12.544  14.087  9.412   1.00 13.84 ? 81  HOH B O   1 
HETATM 1131 O O   . HOH D 2 .  ? 4.305   1.478   -16.054 1.00 15.47 ? 82  HOH B O   1 
HETATM 1132 O O   . HOH D 2 .  ? 11.313  2.793   3.730   1.00 20.64 ? 83  HOH B O   1 
HETATM 1133 O O   . HOH D 2 .  ? 10.319  13.305  -4.141  1.00 20.24 ? 84  HOH B O   1 
HETATM 1134 O O   . HOH D 2 .  ? 7.718   19.374  3.697   1.00 18.23 ? 85  HOH B O   1 
HETATM 1135 O O   . HOH D 2 .  ? -6.541  5.481   -4.623  1.00 24.99 ? 86  HOH B O   1 
HETATM 1136 O O   . HOH D 2 .  ? 4.646   15.325  -8.002  1.00 21.13 ? 87  HOH B O   1 
HETATM 1137 O O   . HOH D 2 .  ? -7.683  4.205   0.653   1.00 17.85 ? 88  HOH B O   1 
HETATM 1138 O O   . HOH D 2 .  ? -0.726  -3.421  13.432  1.00 22.50 ? 89  HOH B O   1 
HETATM 1139 O O   . HOH D 2 .  ? 7.340   6.192   12.996  1.00 26.88 ? 90  HOH B O   1 
HETATM 1140 O O   . HOH D 2 .  ? 9.415   2.173   10.031  1.00 22.55 ? 91  HOH B O   1 
HETATM 1141 O O   . HOH D 2 .  ? 13.003  4.633   4.926   1.00 32.81 ? 92  HOH B O   1 
HETATM 1142 O O   . HOH D 2 .  ? 11.532  -6.433  -0.350  1.00 28.62 ? 93  HOH B O   1 
HETATM 1143 O O   . HOH D 2 .  ? -5.723  10.581  -9.432  1.00 23.44 ? 94  HOH B O   1 
HETATM 1144 O O   . HOH D 2 .  ? 1.599   17.943  7.243   1.00 27.28 ? 95  HOH B O   1 
HETATM 1145 O O   . HOH D 2 .  ? 12.406  17.434  6.364   1.00 23.77 ? 96  HOH B O   1 
HETATM 1146 O O   . HOH D 2 .  ? 1.363   7.927   13.480  1.00 24.28 ? 97  HOH B O   1 
HETATM 1147 O O   . HOH D 2 .  ? 12.325  13.829  -2.331  1.00 30.04 ? 98  HOH B O   1 
HETATM 1148 O O   . HOH D 2 .  ? -2.526  9.275   -10.604 1.00 30.70 ? 99  HOH B O   1 
HETATM 1149 O O   . HOH D 2 .  ? -8.759  -3.220  -11.378 1.00 26.28 ? 100 HOH B O   1 
HETATM 1150 O O   . HOH D 2 .  ? 13.314  9.510   3.738   1.00 22.90 ? 101 HOH B O   1 
HETATM 1151 O O   . HOH D 2 .  ? -7.734  12.232  2.494   1.00 31.47 ? 102 HOH B O   1 
HETATM 1152 O O   . HOH D 2 .  ? 10.605  -2.811  -2.290  1.00 27.77 ? 103 HOH B O   1 
HETATM 1153 O O   . HOH D 2 .  ? -7.576  7.572   -3.183  1.00 27.40 ? 104 HOH B O   1 
HETATM 1154 O O   . HOH D 2 .  ? -5.887  10.868  -3.129  1.00 32.65 ? 105 HOH B O   1 
HETATM 1155 O O   . HOH D 2 .  ? 2.274   18.490  4.704   1.00 36.23 ? 106 HOH B O   1 
HETATM 1156 O O   . HOH D 2 .  ? 12.800  6.926   12.012  1.00 23.06 ? 107 HOH B O   1 
HETATM 1157 O O   . HOH D 2 .  ? -1.857  2.983   13.863  1.00 23.99 ? 108 HOH B O   1 
HETATM 1158 O O   . HOH D 2 .  ? -12.950 -6.932  13.054  1.00 33.40 ? 109 HOH B O   1 
HETATM 1159 O O   . HOH D 2 .  ? 9.321   18.836  6.627   1.00 20.63 ? 110 HOH B O   1 
HETATM 1160 O O   . HOH D 2 .  ? 6.864   1.359   -15.042 1.00 19.16 ? 111 HOH B O   1 
HETATM 1161 O O   . HOH D 2 .  ? -6.140  12.216  0.147   1.00 19.97 ? 112 HOH B O   1 
HETATM 1162 O O   . HOH D 2 .  ? -11.406 0.164   12.206  1.00 22.53 ? 113 HOH B O   1 
HETATM 1163 O O   . HOH D 2 .  ? 3.020   -1.484  -17.207 1.00 25.48 ? 114 HOH B O   1 
HETATM 1164 O O   . HOH D 2 .  ? -3.457  -0.169  17.614  1.00 22.28 ? 115 HOH B O   1 
HETATM 1165 O O   . HOH D 2 .  ? 17.643  8.965   9.192   1.00 32.33 ? 116 HOH B O   1 
HETATM 1166 O O   . HOH D 2 .  ? -3.345  2.102   15.910  1.00 25.90 ? 117 HOH B O   1 
HETATM 1167 O O   . HOH D 2 .  ? -3.449  18.693  1.393   1.00 28.28 ? 118 HOH B O   1 
HETATM 1168 O O   . HOH D 2 .  ? -6.026  -3.289  -14.756 1.00 35.43 ? 119 HOH B O   1 
HETATM 1169 O O   . HOH D 2 .  ? 11.370  15.959  -1.259  1.00 35.44 ? 120 HOH B O   1 
HETATM 1170 O O   . HOH D 2 .  ? -4.051  1.963   -18.477 1.00 30.40 ? 121 HOH B O   1 
HETATM 1171 O O   . HOH D 2 .  ? 12.189  0.487   4.502   1.00 33.11 ? 122 HOH B O   1 
HETATM 1172 O O   . HOH D 2 .  ? 18.490  11.403  4.803   1.00 34.28 ? 123 HOH B O   1 
HETATM 1173 O O   . HOH D 2 .  ? 1.530   4.841   -17.251 1.00 34.91 ? 124 HOH B O   1 
HETATM 1174 O O   . HOH D 2 .  ? -0.804  -1.054  17.310  1.00 32.60 ? 125 HOH B O   1 
HETATM 1175 O O   . HOH D 2 .  ? -2.887  -4.223  -14.333 1.00 37.39 ? 126 HOH B O   1 
HETATM 1176 O O   . HOH D 2 .  ? -9.922  7.085   11.191  1.00 32.66 ? 127 HOH B O   1 
HETATM 1177 O O   . HOH D 2 .  ? 1.652   4.945   13.628  1.00 31.88 ? 128 HOH B O   1 
HETATM 1178 O O   . HOH D 2 .  ? -1.543  15.595  -0.729  1.00 22.98 ? 129 HOH B O   1 
HETATM 1179 O O   . HOH D 2 .  ? -3.548  5.571   -11.334 1.00 23.32 ? 130 HOH B O   1 
HETATM 1180 O O   . HOH D 2 .  ? -3.932  16.765  -0.465  1.00 25.19 ? 131 HOH B O   1 
HETATM 1181 O O   . HOH D 2 .  ? 6.816   3.390   12.633  1.00 33.06 ? 132 HOH B O   1 
HETATM 1182 O O   . HOH D 2 .  ? 3.825   3.739   -17.657 1.00 32.05 ? 133 HOH B O   1 
HETATM 1183 O O   . HOH D 2 .  ? -15.494 -5.401  15.189  1.00 34.68 ? 134 HOH B O   1 
HETATM 1184 O O   . HOH D 2 .  ? 2.037   19.717  0.901   1.00 30.32 ? 135 HOH B O   1 
HETATM 1185 O O   . HOH D 2 .  ? -8.257  8.851   -5.271  1.00 32.56 ? 136 HOH B O   1 
HETATM 1186 O O   . HOH D 2 .  ? 9.144   14.446  17.523  1.00 35.73 ? 137 HOH B O   1 
HETATM 1187 O O   . HOH D 2 .  ? 3.003   9.071   15.096  1.00 35.46 ? 138 HOH B O   1 
HETATM 1188 O O   . HOH D 2 .  ? 9.002   13.013  13.238  1.00 32.24 ? 139 HOH B O   1 
HETATM 1189 O O   . HOH D 2 .  ? -6.710  -4.771  -11.517 1.00 31.74 ? 140 HOH B O   1 
HETATM 1190 O O   . HOH D 2 .  ? 2.629   6.986   -15.828 1.00 39.35 ? 141 HOH B O   1 
HETATM 1191 O O   . HOH D 2 .  ? -5.238  8.588   10.243  1.00 44.09 ? 142 HOH B O   1 
# 
